data_3FP9
#
_entry.id   3FP9
#
_cell.length_a   74.860
_cell.length_b   74.994
_cell.length_c   200.846
_cell.angle_alpha   90.00
_cell.angle_beta   90.32
_cell.angle_gamma   90.00
#
_symmetry.space_group_name_H-M   'P 1 21 1'
#
loop_
_entity.id
_entity.type
_entity.pdbx_description
1 polymer 'Proteasome-associated ATPase'
2 water water
#
_entity_poly.entity_id   1
_entity_poly.type   'polypeptide(L)'
_entity_poly.pdbx_seq_one_letter_code
;MPSGYGVLLATHDDDTVDVFTSGRKMRLTCSPNIDAASLKKGQTVRLNEALTVVEAGTFEAVGEISTLREILADGHRALV
VGHADEERVVWLADPLIAEDLPDGLPEALNDDTRPRKLRPGDSLLVDTKAGYAFERIPKAEVEDLVLEELVPR
;
_entity_poly.pdbx_strand_id   A,B,C,D,E,F,G,H,I,J,K,L
#
# COMPACT_ATOMS: atom_id res chain seq x y z
N PRO A 2 35.55 -1.66 -39.02
CA PRO A 2 34.59 -2.03 -37.97
C PRO A 2 33.27 -2.58 -38.56
N SER A 3 32.66 -3.48 -37.87
CA SER A 3 31.43 -4.17 -38.29
C SER A 3 30.36 -3.88 -37.26
N GLY A 4 29.15 -3.79 -37.50
CA GLY A 4 28.13 -3.75 -36.48
C GLY A 4 27.34 -5.02 -36.45
N TYR A 5 26.31 -5.04 -35.60
CA TYR A 5 25.49 -6.23 -35.39
C TYR A 5 24.06 -5.85 -35.39
N GLY A 6 23.22 -6.83 -35.71
CA GLY A 6 21.80 -6.64 -35.55
C GLY A 6 21.16 -7.99 -35.21
N VAL A 7 19.87 -7.93 -34.97
CA VAL A 7 19.10 -9.10 -34.72
C VAL A 7 18.27 -9.41 -35.98
N LEU A 8 18.32 -10.67 -36.44
CA LEU A 8 17.59 -11.11 -37.61
C LEU A 8 16.12 -11.25 -37.23
N LEU A 9 15.28 -10.47 -37.88
CA LEU A 9 13.83 -10.49 -37.65
C LEU A 9 13.07 -11.39 -38.58
N ALA A 10 13.42 -11.40 -39.86
CA ALA A 10 12.66 -12.08 -40.90
C ALA A 10 13.58 -12.29 -42.09
N THR A 11 13.36 -13.37 -42.82
CA THR A 11 14.15 -13.67 -44.04
C THR A 11 13.25 -13.49 -45.29
N HIS A 12 13.82 -13.16 -46.45
CA HIS A 12 13.05 -13.11 -47.69
C HIS A 12 13.86 -13.83 -48.76
N ASP A 13 13.26 -14.07 -49.93
CA ASP A 13 13.94 -14.89 -50.96
C ASP A 13 14.66 -14.06 -52.03
N ASP A 14 14.74 -12.75 -51.77
CA ASP A 14 15.43 -11.85 -52.67
C ASP A 14 16.86 -11.51 -52.18
N ASP A 15 17.42 -12.43 -51.40
CA ASP A 15 18.73 -12.18 -50.79
C ASP A 15 18.69 -11.02 -49.76
N THR A 16 17.52 -10.66 -49.23
CA THR A 16 17.45 -9.58 -48.21
C THR A 16 16.83 -10.16 -46.93
N VAL A 17 17.16 -9.52 -45.81
CA VAL A 17 16.57 -9.91 -44.49
C VAL A 17 16.07 -8.64 -43.77
N ASP A 18 15.02 -8.77 -42.95
CA ASP A 18 14.80 -7.71 -41.95
C ASP A 18 15.65 -7.89 -40.71
N VAL A 19 16.24 -6.78 -40.28
CA VAL A 19 17.23 -6.78 -39.20
C VAL A 19 16.93 -5.63 -38.24
N PHE A 20 17.01 -5.89 -36.94
CA PHE A 20 16.94 -4.77 -36.01
C PHE A 20 18.37 -4.34 -35.60
N THR A 21 18.73 -3.13 -35.97
CA THR A 21 20.06 -2.64 -35.79
C THR A 21 20.09 -1.11 -35.61
N SER A 22 21.07 -0.60 -34.88
CA SER A 22 21.11 0.84 -34.51
C SER A 22 19.78 1.40 -34.07
N GLY A 23 19.03 0.62 -33.31
CA GLY A 23 17.77 1.07 -32.81
C GLY A 23 16.61 1.04 -33.74
N ARG A 24 16.73 0.42 -34.94
CA ARG A 24 15.57 0.38 -35.82
C ARG A 24 15.56 -0.80 -36.80
N LYS A 25 14.37 -1.03 -37.36
CA LYS A 25 14.12 -2.09 -38.28
C LYS A 25 14.63 -1.66 -39.68
N MET A 26 15.50 -2.48 -40.27
CA MET A 26 16.05 -2.20 -41.62
C MET A 26 15.92 -3.40 -42.53
N ARG A 27 15.73 -3.18 -43.84
CA ARG A 27 15.70 -4.29 -44.76
C ARG A 27 17.06 -4.30 -45.43
N LEU A 28 17.83 -5.36 -45.22
CA LEU A 28 19.25 -5.30 -45.57
C LEU A 28 19.58 -6.41 -46.59
N THR A 29 20.50 -6.14 -47.50
CA THR A 29 20.97 -7.21 -48.36
C THR A 29 22.04 -8.11 -47.72
N CYS A 30 22.11 -9.33 -48.21
CA CYS A 30 23.08 -10.30 -47.72
C CYS A 30 24.21 -10.55 -48.70
N SER A 31 25.38 -10.74 -48.17
CA SER A 31 26.52 -11.20 -48.93
C SER A 31 26.23 -12.60 -49.48
N PRO A 32 26.76 -12.91 -50.67
CA PRO A 32 26.57 -14.29 -51.14
C PRO A 32 27.18 -15.34 -50.19
N ASN A 33 28.06 -14.96 -49.26
CA ASN A 33 28.51 -15.92 -48.19
C ASN A 33 27.41 -16.39 -47.25
N ILE A 34 26.31 -15.69 -47.19
CA ILE A 34 25.20 -16.06 -46.34
C ILE A 34 24.30 -17.12 -46.97
N ASP A 35 24.20 -18.22 -46.27
CA ASP A 35 23.34 -19.39 -46.56
C ASP A 35 21.90 -19.17 -46.02
N ALA A 36 20.95 -18.79 -46.90
CA ALA A 36 19.61 -18.39 -46.49
C ALA A 36 18.78 -19.54 -45.92
N ALA A 37 19.28 -20.76 -46.05
CA ALA A 37 18.58 -21.94 -45.55
C ALA A 37 19.08 -22.33 -44.16
N SER A 38 20.01 -21.55 -43.63
CA SER A 38 20.57 -21.81 -42.31
C SER A 38 20.26 -20.67 -41.34
N LEU A 39 19.55 -19.65 -41.83
CA LEU A 39 19.19 -18.50 -41.01
C LEU A 39 18.03 -18.84 -40.08
N LYS A 40 18.16 -18.42 -38.82
CA LYS A 40 17.11 -18.67 -37.82
C LYS A 40 16.59 -17.33 -37.30
N LYS A 41 15.29 -17.15 -37.28
CA LYS A 41 14.71 -15.89 -36.77
C LYS A 41 15.22 -15.66 -35.30
N GLY A 42 15.66 -14.43 -35.00
CA GLY A 42 16.18 -14.06 -33.66
C GLY A 42 17.68 -14.11 -33.60
N GLN A 43 18.32 -14.75 -34.60
CA GLN A 43 19.79 -14.79 -34.49
C GLN A 43 20.51 -13.44 -34.75
N THR A 44 21.72 -13.31 -34.21
CA THR A 44 22.54 -12.14 -34.37
C THR A 44 23.21 -12.27 -35.73
N VAL A 45 23.30 -11.15 -36.44
CA VAL A 45 24.02 -11.13 -37.71
C VAL A 45 24.99 -9.96 -37.59
N ARG A 46 26.04 -10.00 -38.37
CA ARG A 46 27.10 -8.99 -38.35
C ARG A 46 26.99 -8.26 -39.67
N LEU A 47 27.10 -6.93 -39.65
CA LEU A 47 26.92 -6.04 -40.78
C LEU A 47 28.18 -5.31 -41.13
N ASN A 48 28.45 -5.07 -42.42
CA ASN A 48 29.67 -4.31 -42.72
C ASN A 48 29.28 -2.85 -42.67
N GLU A 49 30.23 -1.98 -43.01
CA GLU A 49 29.98 -0.53 -42.94
C GLU A 49 28.84 -0.08 -43.91
N ALA A 50 28.68 -0.80 -45.02
CA ALA A 50 27.55 -0.57 -45.93
C ALA A 50 26.20 -1.16 -45.46
N LEU A 51 26.17 -1.77 -44.28
CA LEU A 51 24.98 -2.48 -43.76
C LEU A 51 24.58 -3.74 -44.52
N THR A 52 25.52 -4.32 -45.26
CA THR A 52 25.34 -5.67 -45.76
C THR A 52 25.55 -6.71 -44.66
N VAL A 53 24.68 -7.67 -44.61
CA VAL A 53 24.84 -8.79 -43.72
C VAL A 53 25.97 -9.70 -44.23
N VAL A 54 27.03 -9.79 -43.44
CA VAL A 54 28.25 -10.50 -43.85
C VAL A 54 28.42 -11.77 -43.11
N GLU A 55 27.69 -11.96 -42.00
CA GLU A 55 27.89 -13.20 -41.26
C GLU A 55 26.74 -13.40 -40.29
N ALA A 56 26.43 -14.63 -40.02
CA ALA A 56 25.33 -14.97 -39.19
C ALA A 56 25.84 -15.75 -38.02
N GLY A 57 25.29 -15.48 -36.86
CA GLY A 57 25.87 -15.85 -35.59
C GLY A 57 24.98 -16.64 -34.71
N THR A 58 25.11 -16.43 -33.43
CA THR A 58 24.33 -17.13 -32.45
C THR A 58 23.15 -16.26 -32.03
N PHE A 59 22.86 -16.24 -30.74
CA PHE A 59 21.75 -15.50 -30.18
C PHE A 59 22.18 -14.62 -29.01
N GLU A 60 21.51 -13.49 -28.80
CA GLU A 60 21.73 -12.65 -27.64
C GLU A 60 21.67 -13.53 -26.40
N ALA A 61 22.60 -13.36 -25.49
CA ALA A 61 22.69 -14.28 -24.35
C ALA A 61 22.59 -13.54 -23.03
N VAL A 62 22.51 -12.20 -23.10
CA VAL A 62 22.35 -11.42 -21.89
C VAL A 62 21.32 -10.35 -22.14
N GLY A 63 20.81 -9.73 -21.06
CA GLY A 63 19.70 -8.79 -21.23
C GLY A 63 18.60 -8.99 -20.21
N GLU A 64 17.46 -8.36 -20.49
CA GLU A 64 16.33 -8.33 -19.63
C GLU A 64 15.61 -9.69 -19.61
N ILE A 65 15.05 -10.03 -18.44
CA ILE A 65 14.22 -11.19 -18.24
C ILE A 65 12.78 -10.74 -18.08
N SER A 66 11.86 -11.43 -18.78
CA SER A 66 10.40 -11.27 -18.57
C SER A 66 9.76 -12.61 -18.38
N THR A 67 8.56 -12.64 -17.79
CA THR A 67 7.84 -13.88 -17.57
C THR A 67 6.85 -14.17 -18.68
N LEU A 68 6.90 -15.36 -19.26
CA LEU A 68 5.90 -15.79 -20.22
C LEU A 68 4.52 -15.86 -19.61
N ARG A 69 3.55 -15.18 -20.21
CA ARG A 69 2.16 -15.38 -19.84
C ARG A 69 1.57 -16.45 -20.72
N GLU A 70 1.62 -16.26 -22.05
CA GLU A 70 1.07 -17.24 -23.02
C GLU A 70 1.71 -17.02 -24.37
N ILE A 71 1.84 -18.10 -25.13
CA ILE A 71 2.18 -18.03 -26.52
C ILE A 71 0.89 -17.66 -27.27
N LEU A 72 0.96 -16.78 -28.25
CA LEU A 72 -0.28 -16.35 -28.92
C LEU A 72 -0.73 -17.44 -29.91
N ALA A 73 -1.95 -17.34 -30.39
CA ALA A 73 -2.54 -18.33 -31.33
C ALA A 73 -1.66 -18.69 -32.55
N ASP A 74 -0.89 -17.72 -33.10
CA ASP A 74 -0.02 -17.98 -34.27
C ASP A 74 1.20 -18.87 -33.95
N GLY A 75 1.50 -19.08 -32.67
CA GLY A 75 2.56 -19.96 -32.27
C GLY A 75 3.95 -19.34 -32.36
N HIS A 76 4.03 -18.11 -32.86
CA HIS A 76 5.33 -17.47 -33.08
C HIS A 76 5.62 -16.23 -32.21
N ARG A 77 4.60 -15.72 -31.53
CA ARG A 77 4.74 -14.59 -30.65
C ARG A 77 4.28 -14.95 -29.26
N ALA A 78 4.79 -14.23 -28.27
CA ALA A 78 4.46 -14.48 -26.87
C ALA A 78 4.08 -13.16 -26.21
N LEU A 79 3.11 -13.26 -25.30
CA LEU A 79 2.79 -12.21 -24.35
C LEU A 79 3.63 -12.43 -23.11
N VAL A 80 4.48 -11.47 -22.81
CA VAL A 80 5.39 -11.52 -21.64
C VAL A 80 5.17 -10.36 -20.70
N VAL A 81 5.52 -10.55 -19.44
CA VAL A 81 5.23 -9.59 -18.40
C VAL A 81 6.54 -9.29 -17.71
N GLY A 82 6.87 -8.01 -17.62
CA GLY A 82 8.17 -7.59 -17.11
C GLY A 82 8.06 -7.08 -15.69
N HIS A 83 9.14 -6.50 -15.21
CA HIS A 83 9.23 -6.18 -13.79
C HIS A 83 8.10 -5.39 -13.16
N ALA A 84 7.76 -4.27 -13.74
CA ALA A 84 6.74 -3.42 -13.17
C ALA A 84 5.38 -3.80 -13.74
N ASP A 85 5.21 -5.07 -14.03
CA ASP A 85 3.99 -5.57 -14.60
C ASP A 85 3.74 -5.03 -16.03
N GLU A 86 4.77 -4.56 -16.71
CA GLU A 86 4.62 -4.16 -18.11
C GLU A 86 4.42 -5.38 -19.04
N GLU A 87 3.39 -5.34 -19.87
CA GLU A 87 3.08 -6.46 -20.75
C GLU A 87 3.51 -6.09 -22.17
N ARG A 88 4.09 -7.06 -22.87
CA ARG A 88 4.52 -6.82 -24.27
C ARG A 88 4.34 -8.08 -25.03
N VAL A 89 4.33 -7.92 -26.34
CA VAL A 89 4.32 -9.05 -27.28
C VAL A 89 5.68 -9.04 -27.96
N VAL A 90 6.30 -10.21 -28.02
CA VAL A 90 7.60 -10.47 -28.66
C VAL A 90 7.52 -11.63 -29.59
N TRP A 91 8.44 -11.65 -30.57
CA TRP A 91 8.56 -12.83 -31.44
C TRP A 91 9.34 -13.89 -30.66
N LEU A 92 9.11 -15.18 -30.92
CA LEU A 92 9.94 -16.19 -30.25
C LEU A 92 11.05 -16.59 -31.22
N ALA A 93 12.31 -16.51 -30.81
CA ALA A 93 13.40 -17.05 -31.65
C ALA A 93 13.14 -18.54 -32.05
N ASP A 94 13.61 -18.91 -33.23
CA ASP A 94 13.27 -20.20 -33.80
C ASP A 94 13.51 -21.39 -32.82
N PRO A 95 14.66 -21.46 -32.16
CA PRO A 95 14.83 -22.62 -31.30
C PRO A 95 13.84 -22.77 -30.13
N LEU A 96 13.20 -21.68 -29.70
CA LEU A 96 12.26 -21.75 -28.60
C LEU A 96 11.01 -22.51 -29.03
N ILE A 97 10.75 -22.59 -30.33
CA ILE A 97 9.53 -23.19 -30.79
C ILE A 97 9.77 -24.38 -31.75
N ALA A 98 10.99 -24.94 -31.72
CA ALA A 98 11.36 -26.09 -32.54
C ALA A 98 10.33 -27.21 -32.40
N GLU A 99 9.90 -27.78 -33.53
CA GLU A 99 8.90 -28.87 -33.54
C GLU A 99 9.30 -30.05 -32.63
N ASP A 100 10.61 -30.26 -32.48
CA ASP A 100 11.07 -31.46 -31.81
C ASP A 100 11.34 -31.32 -30.32
N LEU A 101 11.08 -30.15 -29.76
CA LEU A 101 11.24 -29.93 -28.32
C LEU A 101 10.33 -30.88 -27.53
N PRO A 102 10.89 -31.53 -26.51
CA PRO A 102 10.12 -32.40 -25.62
C PRO A 102 9.34 -31.58 -24.61
N ASP A 103 8.50 -32.26 -23.83
CA ASP A 103 7.79 -31.71 -22.64
C ASP A 103 8.61 -31.34 -21.43
N GLY A 104 9.68 -32.08 -21.15
CA GLY A 104 10.44 -31.89 -19.92
C GLY A 104 10.32 -33.05 -18.94
N LEU A 105 11.37 -33.26 -18.14
CA LEU A 105 11.42 -34.32 -17.12
C LEU A 105 10.26 -34.19 -16.15
N PRO A 106 9.81 -35.32 -15.57
CA PRO A 106 8.86 -35.15 -14.46
C PRO A 106 9.50 -34.27 -13.37
N GLU A 107 8.68 -33.51 -12.65
CA GLU A 107 9.24 -32.58 -11.69
C GLU A 107 9.77 -33.33 -10.46
N ALA A 108 9.27 -34.57 -10.30
CA ALA A 108 9.78 -35.50 -9.28
C ALA A 108 11.30 -35.65 -9.34
N LEU A 109 11.88 -35.24 -10.47
CA LEU A 109 13.32 -35.25 -10.67
C LEU A 109 13.94 -33.92 -10.31
N ASN A 110 13.09 -32.96 -9.92
CA ASN A 110 13.56 -31.65 -9.49
C ASN A 110 14.73 -31.10 -10.32
N ASP A 111 14.57 -31.15 -11.64
CA ASP A 111 15.56 -30.60 -12.57
C ASP A 111 14.87 -30.09 -13.81
N ASP A 112 15.13 -28.82 -14.16
CA ASP A 112 14.41 -28.16 -15.27
C ASP A 112 15.35 -27.38 -16.18
N THR A 113 16.59 -27.83 -16.29
CA THR A 113 17.62 -27.12 -17.06
C THR A 113 17.70 -27.42 -18.56
N ARG A 114 17.12 -28.52 -19.02
CA ARG A 114 17.24 -28.92 -20.42
C ARG A 114 16.13 -28.29 -21.30
N PRO A 115 16.39 -28.14 -22.60
CA PRO A 115 15.38 -27.47 -23.42
C PRO A 115 14.06 -28.20 -23.50
N ARG A 116 12.98 -27.46 -23.36
CA ARG A 116 11.64 -28.06 -23.52
C ARG A 116 10.70 -27.04 -24.11
N LYS A 117 9.52 -27.52 -24.45
CA LYS A 117 8.44 -26.67 -24.84
C LYS A 117 8.21 -25.69 -23.73
N LEU A 118 7.98 -24.43 -24.10
CA LEU A 118 7.65 -23.39 -23.13
C LEU A 118 6.28 -23.47 -22.43
N ARG A 119 6.22 -22.95 -21.22
CA ARG A 119 5.00 -22.99 -20.38
C ARG A 119 4.77 -21.63 -19.71
N PRO A 120 3.51 -21.28 -19.43
CA PRO A 120 3.27 -20.04 -18.76
C PRO A 120 4.04 -20.05 -17.47
N GLY A 121 4.63 -18.91 -17.13
CA GLY A 121 5.43 -18.74 -15.92
C GLY A 121 6.93 -18.91 -16.19
N ASP A 122 7.32 -19.42 -17.35
CA ASP A 122 8.77 -19.54 -17.71
C ASP A 122 9.39 -18.18 -17.81
N SER A 123 10.66 -18.06 -17.38
CA SER A 123 11.41 -16.80 -17.52
C SER A 123 12.07 -16.79 -18.88
N LEU A 124 11.92 -15.70 -19.65
CA LEU A 124 12.54 -15.62 -21.00
C LEU A 124 13.48 -14.42 -21.06
N LEU A 125 14.66 -14.65 -21.64
CA LEU A 125 15.57 -13.58 -22.00
C LEU A 125 15.00 -12.86 -23.24
N VAL A 126 14.78 -11.54 -23.10
CA VAL A 126 14.12 -10.81 -24.17
C VAL A 126 14.96 -9.54 -24.54
N ASP A 127 14.68 -9.02 -25.73
CA ASP A 127 15.21 -7.70 -26.14
C ASP A 127 13.96 -6.94 -26.53
N THR A 128 13.52 -6.00 -25.71
CA THR A 128 12.22 -5.39 -25.99
C THR A 128 12.30 -4.35 -27.14
N LYS A 129 13.49 -3.92 -27.53
CA LYS A 129 13.64 -2.94 -28.61
C LYS A 129 13.47 -3.73 -29.92
N ALA A 130 14.24 -4.81 -30.04
CA ALA A 130 14.13 -5.70 -31.19
C ALA A 130 12.83 -6.51 -31.18
N GLY A 131 12.21 -6.67 -30.01
CA GLY A 131 10.92 -7.39 -29.90
C GLY A 131 11.03 -8.89 -30.01
N TYR A 132 12.11 -9.46 -29.44
CA TYR A 132 12.39 -10.93 -29.53
C TYR A 132 12.65 -11.50 -28.16
N ALA A 133 12.25 -12.78 -27.95
CA ALA A 133 12.70 -13.60 -26.83
C ALA A 133 13.67 -14.66 -27.41
N PHE A 134 14.74 -14.93 -26.66
CA PHE A 134 15.86 -15.77 -27.17
C PHE A 134 16.08 -17.08 -26.46
N GLU A 135 15.75 -17.15 -25.17
CA GLU A 135 16.22 -18.28 -24.36
C GLU A 135 15.35 -18.35 -23.14
N ARG A 136 15.06 -19.59 -22.70
CA ARG A 136 14.46 -19.85 -21.41
C ARG A 136 15.54 -19.94 -20.34
N ILE A 137 15.36 -19.17 -19.29
CA ILE A 137 16.29 -19.08 -18.17
C ILE A 137 15.64 -19.79 -17.02
N PRO A 138 16.19 -20.95 -16.62
CA PRO A 138 15.60 -21.66 -15.51
C PRO A 138 15.88 -20.88 -14.18
N LYS A 139 14.99 -20.96 -13.20
CA LYS A 139 15.21 -20.28 -11.91
C LYS A 139 15.29 -21.29 -10.75
N ALA A 140 16.30 -21.17 -9.88
CA ALA A 140 16.41 -22.09 -8.73
C ALA A 140 15.30 -21.77 -7.75
N GLU A 141 14.92 -22.74 -6.93
CA GLU A 141 13.97 -22.48 -5.84
C GLU A 141 14.61 -21.48 -4.88
N VAL A 142 13.84 -20.52 -4.40
CA VAL A 142 14.37 -19.55 -3.41
C VAL A 142 14.95 -20.19 -2.14
N GLU A 143 14.35 -21.26 -1.61
CA GLU A 143 14.93 -21.93 -0.40
C GLU A 143 16.34 -22.48 -0.63
N ASP A 144 16.63 -23.00 -1.80
CA ASP A 144 18.01 -23.42 -2.02
C ASP A 144 18.98 -22.23 -2.05
N LEU A 145 18.55 -21.15 -2.70
CA LEU A 145 19.40 -19.95 -2.82
C LEU A 145 19.64 -19.37 -1.41
N VAL A 146 18.57 -19.27 -0.63
CA VAL A 146 18.66 -18.78 0.75
C VAL A 146 19.59 -19.70 1.50
N LEU A 147 19.45 -21.02 1.35
CA LEU A 147 20.43 -21.93 1.99
C LEU A 147 21.88 -21.56 1.65
N GLU A 148 22.15 -21.41 0.35
CA GLU A 148 23.51 -21.12 -0.10
C GLU A 148 24.01 -19.76 0.38
N GLU A 149 23.08 -18.83 0.58
CA GLU A 149 23.44 -17.53 1.11
C GLU A 149 23.87 -17.60 2.61
N LEU A 150 23.16 -18.41 3.38
CA LEU A 150 23.25 -18.36 4.86
C LEU A 150 24.13 -19.42 5.55
N VAL A 151 24.30 -20.59 4.93
CA VAL A 151 25.19 -21.60 5.49
C VAL A 151 26.63 -21.15 5.31
N PRO B 2 20.28 -0.20 -48.34
CA PRO B 2 19.41 -0.57 -47.21
C PRO B 2 18.10 0.23 -47.28
N SER B 3 17.03 -0.31 -46.66
CA SER B 3 15.71 0.27 -46.68
C SER B 3 15.33 0.37 -45.21
N GLY B 4 14.53 1.39 -44.87
CA GLY B 4 13.96 1.50 -43.51
C GLY B 4 12.49 1.34 -43.58
N TYR B 5 11.84 1.64 -42.46
CA TYR B 5 10.43 1.40 -42.38
C TYR B 5 9.75 2.55 -41.59
N GLY B 6 8.45 2.62 -41.75
CA GLY B 6 7.68 3.65 -41.07
C GLY B 6 6.28 3.20 -40.90
N VAL B 7 5.52 3.96 -40.12
CA VAL B 7 4.10 3.77 -39.92
C VAL B 7 3.35 4.83 -40.74
N LEU B 8 2.41 4.40 -41.58
CA LEU B 8 1.62 5.30 -42.43
C LEU B 8 0.56 5.99 -41.57
N LEU B 9 0.56 7.33 -41.63
CA LEU B 9 -0.31 8.19 -40.81
C LEU B 9 -1.44 8.79 -41.60
N ALA B 10 -1.18 9.24 -42.85
CA ALA B 10 -2.20 9.87 -43.66
C ALA B 10 -1.72 9.98 -45.08
N THR B 11 -2.64 10.10 -46.02
CA THR B 11 -2.27 10.33 -47.42
C THR B 11 -2.77 11.71 -47.82
N HIS B 12 -2.07 12.37 -48.75
CA HIS B 12 -2.48 13.69 -49.22
C HIS B 12 -2.91 13.62 -50.68
N ASP B 13 -3.52 14.67 -51.18
CA ASP B 13 -4.13 14.59 -52.50
C ASP B 13 -3.10 14.71 -53.60
N ASP B 14 -1.85 15.06 -53.24
CA ASP B 14 -0.80 15.02 -54.22
C ASP B 14 -0.07 13.69 -54.22
N ASP B 15 -0.69 12.68 -53.64
CA ASP B 15 -0.03 11.37 -53.48
C ASP B 15 1.26 11.40 -52.65
N THR B 16 1.45 12.40 -51.79
CA THR B 16 2.48 12.25 -50.75
C THR B 16 1.75 11.75 -49.50
N VAL B 17 2.52 11.37 -48.46
CA VAL B 17 1.98 10.70 -47.27
C VAL B 17 2.71 11.18 -45.98
N ASP B 18 2.01 11.20 -44.85
CA ASP B 18 2.67 11.39 -43.56
C ASP B 18 2.99 10.00 -43.01
N VAL B 19 4.19 9.86 -42.50
CA VAL B 19 4.80 8.60 -42.07
C VAL B 19 5.55 8.88 -40.78
N PHE B 20 5.37 7.99 -39.78
CA PHE B 20 6.22 8.04 -38.61
C PHE B 20 7.45 7.10 -38.77
N THR B 21 8.60 7.70 -38.85
CA THR B 21 9.81 6.94 -39.12
C THR B 21 10.97 7.64 -38.44
N SER B 22 11.97 6.85 -38.04
CA SER B 22 13.13 7.41 -37.31
C SER B 22 12.71 8.31 -36.13
N GLY B 23 11.66 7.89 -35.45
CA GLY B 23 11.18 8.65 -34.30
C GLY B 23 10.55 10.00 -34.57
N ARG B 24 10.19 10.28 -35.83
CA ARG B 24 9.61 11.62 -36.19
C ARG B 24 8.49 11.47 -37.21
N LYS B 25 7.55 12.40 -37.20
CA LYS B 25 6.54 12.52 -38.22
C LYS B 25 7.19 13.22 -39.42
N MET B 26 6.99 12.63 -40.59
CA MET B 26 7.53 13.23 -41.83
C MET B 26 6.52 13.18 -42.97
N ARG B 27 6.68 14.07 -43.95
CA ARG B 27 5.87 14.01 -45.15
C ARG B 27 6.75 13.51 -46.24
N LEU B 28 6.33 12.41 -46.86
CA LEU B 28 7.19 11.69 -47.77
C LEU B 28 6.50 11.54 -49.11
N THR B 29 7.29 11.39 -50.15
CA THR B 29 6.70 11.07 -51.43
C THR B 29 6.67 9.55 -51.57
N CYS B 30 5.90 9.09 -52.57
CA CYS B 30 5.73 7.66 -52.88
C CYS B 30 6.23 7.33 -54.28
N SER B 31 6.70 6.10 -54.49
CA SER B 31 7.19 5.73 -55.80
C SER B 31 5.97 5.61 -56.74
N PRO B 32 6.19 5.66 -58.07
CA PRO B 32 5.04 5.53 -58.98
C PRO B 32 4.24 4.24 -58.78
N ASN B 33 4.90 3.18 -58.29
CA ASN B 33 4.25 1.89 -58.08
C ASN B 33 3.38 1.79 -56.82
N ILE B 34 3.35 2.84 -56.02
CA ILE B 34 2.55 2.82 -54.82
C ILE B 34 1.20 3.48 -55.10
N ASP B 35 0.11 2.78 -54.83
CA ASP B 35 -1.20 3.40 -54.87
C ASP B 35 -1.52 4.07 -53.54
N ALA B 36 -0.99 5.28 -53.35
CA ALA B 36 -1.07 5.99 -52.06
C ALA B 36 -2.50 6.06 -51.55
N ALA B 37 -3.47 6.20 -52.46
CA ALA B 37 -4.87 6.18 -52.07
C ALA B 37 -5.41 4.81 -51.56
N SER B 38 -4.67 3.73 -51.70
CA SER B 38 -5.14 2.45 -51.15
C SER B 38 -4.41 2.01 -49.85
N LEU B 39 -3.46 2.84 -49.39
CA LEU B 39 -2.81 2.65 -48.10
C LEU B 39 -3.83 2.74 -46.95
N LYS B 40 -3.53 2.06 -45.85
CA LYS B 40 -4.43 2.02 -44.70
C LYS B 40 -3.72 2.69 -43.52
N LYS B 41 -4.50 3.34 -42.66
CA LYS B 41 -3.94 4.04 -41.52
C LYS B 41 -3.28 2.97 -40.61
N GLY B 42 -2.07 3.24 -40.20
CA GLY B 42 -1.34 2.37 -39.28
C GLY B 42 -0.45 1.37 -40.00
N GLN B 43 -0.61 1.27 -41.34
CA GLN B 43 0.15 0.28 -42.13
C GLN B 43 1.64 0.51 -42.15
N THR B 44 2.39 -0.57 -42.10
CA THR B 44 3.82 -0.47 -42.24
C THR B 44 4.18 -0.08 -43.70
N VAL B 45 5.07 0.90 -43.87
CA VAL B 45 5.61 1.12 -45.20
C VAL B 45 7.11 1.01 -45.20
N ARG B 46 7.67 0.54 -46.31
CA ARG B 46 9.11 0.50 -46.47
C ARG B 46 9.60 1.72 -47.29
N LEU B 47 10.74 2.24 -46.89
CA LEU B 47 11.30 3.52 -47.34
C LEU B 47 12.70 3.29 -47.87
N ASN B 48 13.01 3.80 -49.07
CA ASN B 48 14.39 3.72 -49.58
C ASN B 48 15.26 4.77 -48.91
N GLU B 49 16.53 4.83 -49.32
CA GLU B 49 17.49 5.77 -48.73
C GLU B 49 17.16 7.25 -48.88
N ALA B 50 16.50 7.60 -49.97
CA ALA B 50 15.97 8.95 -50.24
C ALA B 50 14.69 9.24 -49.44
N LEU B 51 14.23 8.25 -48.66
CA LEU B 51 12.98 8.37 -47.89
C LEU B 51 11.69 8.44 -48.73
N THR B 52 11.73 7.88 -49.92
CA THR B 52 10.54 7.60 -50.68
C THR B 52 9.90 6.30 -50.22
N VAL B 53 8.58 6.33 -50.09
CA VAL B 53 7.82 5.11 -49.83
C VAL B 53 7.74 4.20 -51.08
N VAL B 54 8.22 2.96 -50.93
CA VAL B 54 8.38 2.08 -52.07
C VAL B 54 7.62 0.78 -51.94
N GLU B 55 7.01 0.50 -50.76
CA GLU B 55 6.29 -0.74 -50.60
C GLU B 55 5.44 -0.60 -49.35
N ALA B 56 4.25 -1.14 -49.40
CA ALA B 56 3.34 -1.20 -48.31
C ALA B 56 3.33 -2.61 -47.73
N GLY B 57 3.12 -2.72 -46.45
CA GLY B 57 3.24 -3.99 -45.77
C GLY B 57 2.04 -4.34 -44.96
N THR B 58 2.22 -4.99 -43.92
CA THR B 58 1.13 -5.25 -43.03
C THR B 58 1.12 -4.18 -41.91
N PHE B 59 1.10 -4.66 -40.62
CA PHE B 59 1.06 -3.84 -39.43
C PHE B 59 2.08 -4.33 -38.36
N GLU B 60 2.56 -3.45 -37.50
CA GLU B 60 3.53 -3.78 -36.43
C GLU B 60 2.88 -4.93 -35.66
N ALA B 61 3.68 -5.94 -35.30
CA ALA B 61 3.16 -7.19 -34.70
C ALA B 61 3.74 -7.48 -33.31
N VAL B 62 4.68 -6.66 -32.84
CA VAL B 62 5.27 -6.83 -31.52
C VAL B 62 5.40 -5.47 -30.86
N GLY B 63 5.50 -5.44 -29.51
CA GLY B 63 5.61 -4.24 -28.76
C GLY B 63 4.77 -4.24 -27.49
N GLU B 64 4.57 -3.03 -26.98
CA GLU B 64 3.86 -2.70 -25.74
C GLU B 64 2.38 -3.01 -25.88
N ILE B 65 1.81 -3.51 -24.81
CA ILE B 65 0.40 -3.79 -24.70
C ILE B 65 -0.18 -2.73 -23.76
N SER B 66 -1.33 -2.14 -24.13
CA SER B 66 -2.11 -1.27 -23.22
C SER B 66 -3.55 -1.68 -23.18
N THR B 67 -4.28 -1.17 -22.19
CA THR B 67 -5.71 -1.53 -22.05
C THR B 67 -6.62 -0.43 -22.63
N LEU B 68 -7.56 -0.82 -23.48
CA LEU B 68 -8.54 0.10 -24.03
C LEU B 68 -9.46 0.61 -22.89
N ARG B 69 -9.50 1.93 -22.71
CA ARG B 69 -10.51 2.51 -21.84
C ARG B 69 -11.80 2.75 -22.67
N GLU B 70 -11.71 3.61 -23.70
CA GLU B 70 -12.83 3.87 -24.61
C GLU B 70 -12.37 4.32 -25.99
N ILE B 71 -13.21 4.05 -26.97
CA ILE B 71 -13.05 4.68 -28.27
C ILE B 71 -13.63 6.12 -28.27
N LEU B 72 -12.85 7.10 -28.76
CA LEU B 72 -13.34 8.51 -28.77
C LEU B 72 -14.52 8.71 -29.71
N ALA B 73 -15.22 9.88 -29.63
CA ALA B 73 -16.43 10.16 -30.46
C ALA B 73 -16.17 10.03 -31.96
N ASP B 74 -14.98 10.44 -32.43
CA ASP B 74 -14.68 10.36 -33.87
C ASP B 74 -14.56 8.93 -34.43
N GLY B 75 -14.50 7.95 -33.53
CA GLY B 75 -14.44 6.50 -33.89
C GLY B 75 -13.09 6.05 -34.43
N HIS B 76 -12.10 6.96 -34.44
CA HIS B 76 -10.77 6.69 -35.05
C HIS B 76 -9.58 6.75 -34.08
N ARG B 77 -9.86 7.22 -32.88
CA ARG B 77 -8.87 7.33 -31.79
C ARG B 77 -9.40 6.60 -30.57
N ALA B 78 -8.50 6.22 -29.67
CA ALA B 78 -8.85 5.52 -28.46
C ALA B 78 -8.05 6.04 -27.33
N LEU B 79 -8.67 6.00 -26.14
CA LEU B 79 -7.98 6.36 -24.92
C LEU B 79 -7.54 5.02 -24.30
N VAL B 80 -6.24 4.85 -24.08
CA VAL B 80 -5.65 3.59 -23.57
C VAL B 80 -4.87 3.86 -22.26
N VAL B 81 -4.77 2.83 -21.43
CA VAL B 81 -4.15 2.92 -20.12
C VAL B 81 -3.02 1.93 -20.09
N GLY B 82 -1.82 2.45 -19.86
CA GLY B 82 -0.63 1.61 -19.88
C GLY B 82 -0.32 1.00 -18.53
N HIS B 83 0.84 0.36 -18.44
CA HIS B 83 1.22 -0.49 -17.32
C HIS B 83 1.38 0.19 -15.95
N ALA B 84 1.72 1.48 -15.97
CA ALA B 84 1.86 2.28 -14.76
C ALA B 84 0.68 3.26 -14.68
N ASP B 85 -0.46 2.83 -15.22
CA ASP B 85 -1.65 3.68 -15.27
C ASP B 85 -1.48 4.99 -16.06
N GLU B 86 -0.47 5.05 -16.92
CA GLU B 86 -0.33 6.21 -17.82
C GLU B 86 -1.44 6.14 -18.88
N GLU B 87 -2.13 7.25 -19.11
CA GLU B 87 -3.19 7.33 -20.11
C GLU B 87 -2.69 8.09 -21.35
N ARG B 88 -3.16 7.68 -22.51
CA ARG B 88 -2.76 8.27 -23.80
C ARG B 88 -3.90 8.06 -24.77
N VAL B 89 -3.93 8.87 -25.81
CA VAL B 89 -4.80 8.71 -26.92
C VAL B 89 -3.90 8.25 -28.07
N VAL B 90 -4.40 7.31 -28.83
CA VAL B 90 -3.74 6.75 -30.02
C VAL B 90 -4.74 6.66 -31.13
N TRP B 91 -4.26 6.67 -32.36
CA TRP B 91 -5.05 6.33 -33.52
C TRP B 91 -5.28 4.82 -33.55
N LEU B 92 -6.39 4.40 -34.12
CA LEU B 92 -6.69 2.98 -34.35
C LEU B 92 -6.31 2.64 -35.77
N ALA B 93 -5.45 1.64 -35.93
CA ALA B 93 -5.17 1.20 -37.28
C ALA B 93 -6.50 0.72 -37.94
N ASP B 94 -6.55 0.86 -39.24
CA ASP B 94 -7.79 0.64 -40.03
C ASP B 94 -8.45 -0.73 -39.77
N PRO B 95 -7.69 -1.81 -39.71
CA PRO B 95 -8.43 -3.06 -39.45
C PRO B 95 -9.09 -3.10 -38.07
N LEU B 96 -8.66 -2.26 -37.10
CA LEU B 96 -9.23 -2.37 -35.78
C LEU B 96 -10.64 -1.89 -35.83
N ILE B 97 -10.92 -1.03 -36.80
CA ILE B 97 -12.22 -0.38 -36.79
C ILE B 97 -13.09 -0.63 -38.03
N ALA B 98 -12.79 -1.66 -38.82
CA ALA B 98 -13.57 -2.01 -40.03
C ALA B 98 -15.04 -2.30 -39.67
N GLU B 99 -15.95 -1.73 -40.45
CA GLU B 99 -17.37 -1.76 -40.11
C GLU B 99 -17.97 -3.17 -40.10
N ASP B 100 -17.32 -4.11 -40.78
CA ASP B 100 -17.89 -5.45 -40.96
C ASP B 100 -17.51 -6.42 -39.82
N LEU B 101 -16.71 -5.93 -38.85
CA LEU B 101 -16.23 -6.78 -37.73
C LEU B 101 -17.39 -7.17 -36.85
N PRO B 102 -17.41 -8.44 -36.36
CA PRO B 102 -18.57 -8.81 -35.53
C PRO B 102 -18.48 -8.13 -34.16
N ASP B 103 -19.55 -8.20 -33.38
CA ASP B 103 -19.50 -7.79 -31.97
C ASP B 103 -19.96 -8.96 -31.07
N THR B 113 -10.62 -14.76 -28.75
CA THR B 113 -9.60 -15.19 -29.71
C THR B 113 -9.81 -14.68 -31.16
N ARG B 114 -11.06 -14.66 -31.61
CA ARG B 114 -11.45 -14.31 -33.00
C ARG B 114 -11.62 -12.77 -33.19
N PRO B 115 -11.27 -12.24 -34.38
CA PRO B 115 -11.50 -10.81 -34.65
C PRO B 115 -12.92 -10.34 -34.31
N ARG B 116 -13.03 -9.14 -33.73
CA ARG B 116 -14.31 -8.54 -33.32
C ARG B 116 -14.15 -7.04 -33.02
N LYS B 117 -15.28 -6.34 -32.91
CA LYS B 117 -15.33 -4.91 -32.57
C LYS B 117 -14.65 -4.73 -31.18
N LEU B 118 -13.93 -3.63 -31.00
CA LEU B 118 -13.23 -3.36 -29.71
C LEU B 118 -14.16 -3.03 -28.56
N ARG B 119 -13.80 -3.45 -27.34
CA ARG B 119 -14.60 -3.07 -26.16
C ARG B 119 -13.71 -2.58 -25.04
N PRO B 120 -14.24 -1.69 -24.15
CA PRO B 120 -13.43 -1.37 -22.99
C PRO B 120 -12.87 -2.63 -22.34
N GLY B 121 -11.62 -2.54 -21.89
CA GLY B 121 -10.98 -3.62 -21.21
C GLY B 121 -10.11 -4.47 -22.14
N ASP B 122 -10.31 -4.37 -23.48
CA ASP B 122 -9.47 -5.11 -24.45
C ASP B 122 -7.99 -4.74 -24.34
N SER B 123 -7.07 -5.70 -24.55
CA SER B 123 -5.65 -5.34 -24.58
C SER B 123 -5.25 -5.02 -26.04
N LEU B 124 -4.61 -3.88 -26.26
CA LEU B 124 -4.17 -3.48 -27.62
C LEU B 124 -2.68 -3.45 -27.70
N LEU B 125 -2.16 -3.96 -28.80
CA LEU B 125 -0.78 -3.72 -29.14
C LEU B 125 -0.68 -2.26 -29.66
N VAL B 126 0.21 -1.49 -29.03
CA VAL B 126 0.34 -0.06 -29.32
C VAL B 126 1.85 0.27 -29.56
N ASP B 127 2.09 1.32 -30.33
CA ASP B 127 3.38 1.97 -30.45
C ASP B 127 3.12 3.42 -30.00
N THR B 128 3.55 3.79 -28.79
CA THR B 128 3.24 5.11 -28.25
C THR B 128 4.01 6.24 -28.87
N LYS B 129 5.10 5.95 -29.55
CA LYS B 129 5.87 6.98 -30.23
C LYS B 129 5.15 7.34 -31.49
N ALA B 130 4.77 6.35 -32.29
CA ALA B 130 3.95 6.63 -33.46
C ALA B 130 2.49 7.03 -33.15
N GLY B 131 2.03 6.75 -31.93
CA GLY B 131 0.67 7.11 -31.49
C GLY B 131 -0.40 6.24 -32.14
N TYR B 132 -0.18 4.91 -32.28
CA TYR B 132 -1.12 3.97 -32.99
C TYR B 132 -1.34 2.68 -32.18
N ALA B 133 -2.55 2.12 -32.30
CA ALA B 133 -2.88 0.80 -31.79
C ALA B 133 -3.10 -0.02 -33.05
N PHE B 134 -2.67 -1.29 -33.05
CA PHE B 134 -2.61 -2.09 -34.29
C PHE B 134 -3.42 -3.35 -34.21
N GLU B 135 -3.51 -3.96 -33.03
CA GLU B 135 -4.03 -5.31 -32.95
C GLU B 135 -4.59 -5.56 -31.54
N ARG B 136 -5.76 -6.18 -31.47
CA ARG B 136 -6.27 -6.72 -30.20
C ARG B 136 -5.59 -8.03 -29.78
N ILE B 137 -5.04 -8.07 -28.58
CA ILE B 137 -4.32 -9.27 -28.13
C ILE B 137 -5.26 -9.96 -27.10
N PRO B 138 -5.71 -11.19 -27.45
CA PRO B 138 -6.56 -11.98 -26.57
C PRO B 138 -5.74 -12.43 -25.34
N LYS B 139 -6.40 -12.60 -24.19
CA LYS B 139 -5.69 -13.02 -23.02
C LYS B 139 -6.43 -14.27 -22.54
N ALA B 140 -5.70 -15.37 -22.37
CA ALA B 140 -6.25 -16.60 -21.78
C ALA B 140 -6.57 -16.36 -20.28
N GLU B 141 -7.46 -17.20 -19.75
CA GLU B 141 -7.86 -17.14 -18.36
C GLU B 141 -6.67 -17.59 -17.58
N VAL B 142 -6.31 -16.84 -16.54
CA VAL B 142 -5.20 -17.15 -15.66
C VAL B 142 -5.33 -18.57 -15.09
N GLU B 143 -6.54 -18.99 -14.73
CA GLU B 143 -6.70 -20.37 -14.22
C GLU B 143 -6.39 -21.46 -15.23
N ASP B 144 -6.53 -21.17 -16.54
CA ASP B 144 -6.16 -22.16 -17.56
C ASP B 144 -4.63 -22.13 -17.72
N LEU B 145 -4.06 -20.94 -17.61
CA LEU B 145 -2.58 -20.83 -17.69
C LEU B 145 -1.90 -21.49 -16.48
N VAL B 146 -2.48 -21.30 -15.30
CA VAL B 146 -1.90 -21.93 -14.08
C VAL B 146 -1.91 -23.44 -14.25
N LEU B 147 -3.02 -23.97 -14.77
CA LEU B 147 -3.09 -25.40 -14.97
C LEU B 147 -1.99 -25.82 -15.86
N GLU B 148 -1.85 -25.13 -16.98
CA GLU B 148 -0.84 -25.48 -17.94
C GLU B 148 0.55 -25.41 -17.27
N GLU B 149 0.77 -24.40 -16.44
CA GLU B 149 2.01 -24.29 -15.67
C GLU B 149 2.21 -25.48 -14.69
N LEU B 150 1.14 -25.90 -13.99
CA LEU B 150 1.23 -26.88 -12.85
C LEU B 150 1.09 -28.34 -13.23
N VAL B 151 0.34 -28.60 -14.27
CA VAL B 151 0.08 -29.96 -14.68
C VAL B 151 1.40 -30.74 -14.84
N PRO C 2 11.41 14.96 -48.80
CA PRO C 2 10.70 14.85 -47.54
C PRO C 2 10.70 16.12 -46.67
N SER C 3 9.63 16.33 -45.92
CA SER C 3 9.60 17.34 -44.89
C SER C 3 9.31 16.80 -43.48
N GLY C 4 9.60 17.61 -42.48
CA GLY C 4 9.34 17.33 -41.10
C GLY C 4 8.26 18.22 -40.56
N TYR C 5 7.97 18.08 -39.29
CA TYR C 5 6.96 18.83 -38.64
C TYR C 5 7.42 19.43 -37.30
N GLY C 6 6.70 20.42 -36.79
CA GLY C 6 6.97 20.91 -35.44
C GLY C 6 5.68 21.50 -34.86
N VAL C 7 5.76 22.02 -33.64
CA VAL C 7 4.65 22.66 -32.97
C VAL C 7 4.93 24.14 -32.94
N LEU C 8 3.97 24.94 -33.39
CA LEU C 8 4.13 26.43 -33.33
C LEU C 8 3.98 26.88 -31.86
N LEU C 9 5.03 27.49 -31.32
CA LEU C 9 5.03 27.86 -29.94
C LEU C 9 4.59 29.32 -29.76
N ALA C 10 5.07 30.20 -30.64
CA ALA C 10 4.92 31.65 -30.55
C ALA C 10 5.21 32.26 -31.92
N THR C 11 4.64 33.43 -32.21
CA THR C 11 4.97 34.12 -33.46
C THR C 11 5.67 35.44 -33.16
N HIS C 12 6.46 35.96 -34.09
CA HIS C 12 7.09 37.24 -33.84
C HIS C 12 6.58 38.21 -34.89
N ASP C 13 6.81 39.51 -34.70
CA ASP C 13 6.39 40.50 -35.72
C ASP C 13 7.25 40.50 -37.00
N ASP C 14 8.40 39.80 -36.99
CA ASP C 14 9.30 39.76 -38.17
C ASP C 14 9.05 38.63 -39.17
N ASP C 15 7.85 38.02 -39.16
CA ASP C 15 7.61 36.81 -39.99
C ASP C 15 8.57 35.60 -39.68
N THR C 16 8.97 35.49 -38.40
CA THR C 16 9.66 34.27 -37.87
C THR C 16 8.80 33.75 -36.75
N VAL C 17 9.06 32.51 -36.35
CA VAL C 17 8.20 31.85 -35.43
C VAL C 17 9.09 30.99 -34.52
N ASP C 18 8.63 30.77 -33.30
CA ASP C 18 9.25 29.74 -32.44
C ASP C 18 8.52 28.44 -32.67
N VAL C 19 9.28 27.37 -32.89
CA VAL C 19 8.74 26.09 -33.23
C VAL C 19 9.51 25.00 -32.43
N PHE C 20 8.75 24.05 -31.88
CA PHE C 20 9.40 22.89 -31.28
C PHE C 20 9.46 21.76 -32.27
N THR C 21 10.67 21.35 -32.62
CA THR C 21 10.88 20.30 -33.63
C THR C 21 12.19 19.54 -33.33
N SER C 22 12.29 18.29 -33.71
CA SER C 22 13.50 17.50 -33.43
C SER C 22 13.88 17.63 -31.95
N GLY C 23 12.89 17.63 -31.06
CA GLY C 23 13.13 17.68 -29.60
C GLY C 23 13.75 18.95 -29.09
N ARG C 24 13.65 20.05 -29.87
CA ARG C 24 14.04 21.35 -29.34
C ARG C 24 13.32 22.59 -29.89
N LYS C 25 13.41 23.66 -29.14
CA LYS C 25 12.85 24.94 -29.52
C LYS C 25 13.79 25.71 -30.47
N MET C 26 13.26 26.19 -31.59
CA MET C 26 14.06 26.87 -32.62
C MET C 26 13.29 28.08 -33.12
N ARG C 27 14.00 29.09 -33.60
CA ARG C 27 13.39 30.26 -34.20
C ARG C 27 13.57 30.20 -35.71
N LEU C 28 12.50 29.88 -36.42
CA LEU C 28 12.58 29.66 -37.87
C LEU C 28 11.93 30.77 -38.70
N THR C 29 12.23 30.73 -40.00
CA THR C 29 11.68 31.67 -40.97
C THR C 29 10.46 31.09 -41.68
N CYS C 30 9.43 31.91 -41.84
CA CYS C 30 8.21 31.47 -42.49
C CYS C 30 8.18 31.91 -43.96
N SER C 31 7.71 31.01 -44.83
CA SER C 31 7.64 31.31 -46.26
C SER C 31 6.33 32.02 -46.60
N PRO C 32 6.17 32.37 -47.87
CA PRO C 32 4.94 33.07 -48.34
C PRO C 32 3.68 32.22 -48.33
N ASN C 33 3.80 30.90 -48.41
CA ASN C 33 2.60 30.05 -48.23
C ASN C 33 1.95 30.21 -46.83
N ILE C 34 2.62 30.99 -45.96
CA ILE C 34 2.17 31.10 -44.59
C ILE C 34 1.45 32.43 -44.31
N ASP C 35 0.15 32.32 -44.04
CA ASP C 35 -0.63 33.46 -43.56
C ASP C 35 -0.44 33.60 -42.06
N ALA C 36 0.53 34.42 -41.70
CA ALA C 36 0.83 34.66 -40.31
C ALA C 36 -0.43 35.15 -39.62
N ALA C 37 -1.27 35.90 -40.33
CA ALA C 37 -2.48 36.39 -39.69
C ALA C 37 -3.27 35.23 -39.08
N SER C 38 -3.31 34.09 -39.77
CA SER C 38 -4.14 32.98 -39.30
C SER C 38 -3.47 31.86 -38.46
N LEU C 39 -2.22 32.06 -38.02
CA LEU C 39 -1.45 31.06 -37.23
C LEU C 39 -1.86 31.01 -35.77
N LYS C 40 -2.01 29.80 -35.25
CA LYS C 40 -2.55 29.58 -33.90
C LYS C 40 -1.46 29.00 -32.99
N LYS C 41 -1.36 29.49 -31.77
CA LYS C 41 -0.40 28.90 -30.86
C LYS C 41 -0.75 27.42 -30.65
N GLY C 42 0.22 26.52 -30.81
CA GLY C 42 -0.03 25.08 -30.61
C GLY C 42 -0.20 24.32 -31.94
N GLN C 43 -0.29 25.06 -33.05
CA GLN C 43 -0.59 24.47 -34.37
C GLN C 43 0.61 23.69 -34.90
N THR C 44 0.33 22.59 -35.61
CA THR C 44 1.37 21.84 -36.25
C THR C 44 1.77 22.60 -37.54
N VAL C 45 3.07 22.74 -37.76
CA VAL C 45 3.57 23.32 -38.95
C VAL C 45 4.45 22.29 -39.60
N ARG C 46 4.53 22.38 -40.92
CA ARG C 46 5.46 21.62 -41.71
C ARG C 46 6.70 22.39 -42.15
N LEU C 47 7.83 21.69 -42.14
CA LEU C 47 9.09 22.31 -42.28
C LEU C 47 9.79 21.64 -43.42
N ASN C 48 10.46 22.40 -44.28
CA ASN C 48 11.35 21.76 -45.24
C ASN C 48 12.74 21.45 -44.61
N GLU C 49 13.58 20.80 -45.40
CA GLU C 49 14.94 20.40 -45.02
C GLU C 49 15.83 21.53 -44.53
N ALA C 50 15.67 22.73 -45.05
CA ALA C 50 16.41 23.90 -44.52
C ALA C 50 15.76 24.49 -43.27
N LEU C 51 14.66 23.86 -42.81
CA LEU C 51 13.95 24.28 -41.60
C LEU C 51 13.14 25.57 -41.77
N THR C 52 12.79 25.90 -43.01
CA THR C 52 11.75 26.94 -43.24
C THR C 52 10.33 26.37 -42.96
N VAL C 53 9.46 27.15 -42.32
CA VAL C 53 8.08 26.72 -42.17
C VAL C 53 7.36 26.90 -43.52
N VAL C 54 6.81 25.82 -44.08
CA VAL C 54 6.27 25.86 -45.48
C VAL C 54 4.79 25.62 -45.53
N GLU C 55 4.17 25.22 -44.40
CA GLU C 55 2.76 24.98 -44.36
C GLU C 55 2.30 24.88 -42.90
N ALA C 56 1.07 25.31 -42.69
CA ALA C 56 0.41 25.26 -41.38
C ALA C 56 -0.63 24.17 -41.38
N GLY C 57 -0.74 23.45 -40.26
CA GLY C 57 -1.50 22.22 -40.21
C GLY C 57 -2.58 22.47 -39.21
N THR C 58 -3.08 21.42 -38.60
CA THR C 58 -4.05 21.55 -37.55
C THR C 58 -3.31 21.43 -36.21
N PHE C 59 -3.65 20.43 -35.38
CA PHE C 59 -3.07 20.28 -34.03
C PHE C 59 -2.82 18.77 -33.77
N GLU C 60 -1.78 18.49 -33.00
CA GLU C 60 -1.51 17.13 -32.48
C GLU C 60 -2.82 16.57 -31.94
N ALA C 61 -3.11 15.33 -32.36
CA ALA C 61 -4.35 14.68 -32.02
C ALA C 61 -4.14 13.39 -31.25
N VAL C 62 -2.90 12.94 -31.08
CA VAL C 62 -2.63 11.75 -30.25
C VAL C 62 -1.50 12.11 -29.27
N GLY C 63 -1.36 11.33 -28.20
CA GLY C 63 -0.31 11.55 -27.23
C GLY C 63 -0.80 11.37 -25.78
N GLU C 64 -0.01 11.89 -24.83
CA GLU C 64 -0.25 11.74 -23.40
C GLU C 64 -1.43 12.60 -22.95
N ILE C 65 -2.09 12.15 -21.90
CA ILE C 65 -3.21 12.85 -21.34
C ILE C 65 -2.80 13.17 -19.94
N SER C 66 -3.10 14.41 -19.51
CA SER C 66 -2.97 14.84 -18.09
C SER C 66 -4.25 15.47 -17.63
N THR C 67 -4.42 15.63 -16.31
CA THR C 67 -5.61 16.30 -15.79
C THR C 67 -5.37 17.77 -15.51
N LEU C 68 -6.27 18.62 -15.98
CA LEU C 68 -6.16 20.04 -15.67
C LEU C 68 -6.37 20.26 -14.16
N ARG C 69 -5.41 20.90 -13.51
CA ARG C 69 -5.65 21.35 -12.14
C ARG C 69 -6.26 22.75 -12.16
N GLU C 70 -5.58 23.68 -12.81
CA GLU C 70 -6.07 25.06 -12.93
C GLU C 70 -5.41 25.81 -14.06
N ILE C 71 -6.13 26.75 -14.64
CA ILE C 71 -5.51 27.66 -15.58
C ILE C 71 -4.78 28.78 -14.75
N LEU C 72 -3.55 29.13 -15.12
CA LEU C 72 -2.77 30.07 -14.35
C LEU C 72 -3.36 31.48 -14.56
N ALA C 73 -2.95 32.43 -13.74
CA ALA C 73 -3.51 33.79 -13.79
C ALA C 73 -3.37 34.47 -15.16
N ASP C 74 -2.32 34.12 -15.91
CA ASP C 74 -2.13 34.73 -17.22
C ASP C 74 -3.20 34.32 -18.25
N GLY C 75 -3.94 33.25 -17.92
CA GLY C 75 -4.96 32.71 -18.82
C GLY C 75 -4.44 31.92 -20.03
N HIS C 76 -3.11 31.84 -20.19
CA HIS C 76 -2.58 31.11 -21.35
C HIS C 76 -1.85 29.82 -20.99
N ARG C 77 -1.62 29.64 -19.71
CA ARG C 77 -0.88 28.51 -19.20
C ARG C 77 -1.76 27.74 -18.23
N ALA C 78 -1.53 26.43 -18.14
CA ALA C 78 -2.32 25.50 -17.28
C ALA C 78 -1.38 24.67 -16.43
N LEU C 79 -1.78 24.43 -15.18
CA LEU C 79 -1.07 23.51 -14.32
C LEU C 79 -1.78 22.15 -14.50
N VAL C 80 -1.02 21.15 -14.93
CA VAL C 80 -1.63 19.86 -15.27
C VAL C 80 -0.93 18.76 -14.45
N VAL C 81 -1.67 17.71 -14.15
CA VAL C 81 -1.09 16.64 -13.39
C VAL C 81 -1.24 15.27 -14.03
N GLY C 82 -0.08 14.64 -14.14
CA GLY C 82 0.05 13.49 -15.01
C GLY C 82 -0.07 12.16 -14.31
N HIS C 83 0.38 11.10 -14.98
CA HIS C 83 0.06 9.73 -14.54
C HIS C 83 0.63 9.28 -13.17
N ALA C 84 1.76 9.83 -12.79
CA ALA C 84 2.30 9.54 -11.49
C ALA C 84 2.27 10.77 -10.60
N ASP C 85 1.20 11.55 -10.71
CA ASP C 85 1.07 12.84 -10.08
C ASP C 85 2.20 13.84 -10.29
N GLU C 86 2.94 13.68 -11.37
CA GLU C 86 3.87 14.65 -11.82
C GLU C 86 3.13 15.92 -12.22
N GLU C 87 3.53 17.06 -11.72
CA GLU C 87 2.85 18.28 -12.12
C GLU C 87 3.72 19.02 -13.14
N ARG C 88 3.04 19.70 -14.05
CA ARG C 88 3.75 20.51 -15.05
C ARG C 88 2.92 21.74 -15.38
N VAL C 89 3.61 22.76 -15.87
CA VAL C 89 2.99 23.86 -16.58
C VAL C 89 3.12 23.64 -18.12
N VAL C 90 2.01 23.83 -18.85
CA VAL C 90 1.94 23.81 -20.28
C VAL C 90 1.24 25.08 -20.80
N TRP C 91 1.48 25.42 -22.08
CA TRP C 91 0.73 26.50 -22.76
C TRP C 91 -0.53 25.84 -23.26
N LEU C 92 -1.61 26.60 -23.37
CA LEU C 92 -2.86 26.11 -23.94
C LEU C 92 -2.91 26.56 -25.41
N ALA C 93 -3.19 25.62 -26.30
CA ALA C 93 -3.31 25.93 -27.72
C ALA C 93 -4.52 26.91 -27.85
N ASP C 94 -4.46 27.84 -28.80
CA ASP C 94 -5.47 28.93 -28.88
C ASP C 94 -6.96 28.50 -28.85
N PRO C 95 -7.33 27.48 -29.61
CA PRO C 95 -8.74 27.02 -29.58
C PRO C 95 -9.22 26.62 -28.18
N LEU C 96 -8.32 26.10 -27.33
CA LEU C 96 -8.73 25.75 -25.97
C LEU C 96 -9.20 26.97 -25.17
N ILE C 97 -8.71 28.16 -25.51
CA ILE C 97 -9.08 29.38 -24.75
C ILE C 97 -9.85 30.40 -25.63
N ALA C 98 -10.41 29.95 -26.74
CA ALA C 98 -11.16 30.83 -27.65
C ALA C 98 -12.22 31.65 -26.87
N GLU C 99 -12.26 32.95 -27.13
CA GLU C 99 -13.18 33.82 -26.36
C GLU C 99 -14.66 33.47 -26.51
N ASP C 100 -15.05 32.89 -27.64
CA ASP C 100 -16.45 32.57 -27.87
C ASP C 100 -16.89 31.23 -27.25
N LEU C 101 -16.03 30.62 -26.44
CA LEU C 101 -16.38 29.30 -25.88
C LEU C 101 -17.43 29.44 -24.79
N PRO C 102 -18.45 28.61 -24.86
CA PRO C 102 -19.53 28.56 -23.85
C PRO C 102 -19.13 27.81 -22.58
N ASP C 103 -20.05 27.68 -21.62
CA ASP C 103 -19.91 26.75 -20.48
C ASP C 103 -20.69 25.43 -20.63
N THR C 113 -19.23 16.39 -24.82
CA THR C 113 -18.71 16.17 -26.18
C THR C 113 -18.38 17.43 -27.00
N ARG C 114 -19.14 18.50 -26.81
CA ARG C 114 -18.98 19.71 -27.62
C ARG C 114 -18.14 20.83 -26.95
N PRO C 115 -17.55 21.72 -27.77
CA PRO C 115 -16.59 22.66 -27.16
C PRO C 115 -17.13 23.58 -26.05
N ARG C 116 -16.33 23.76 -25.00
CA ARG C 116 -16.67 24.65 -23.89
C ARG C 116 -15.38 25.10 -23.22
N LYS C 117 -15.49 26.13 -22.39
CA LYS C 117 -14.41 26.54 -21.55
C LYS C 117 -13.96 25.33 -20.68
N LEU C 118 -12.65 25.28 -20.43
CA LEU C 118 -12.01 24.26 -19.58
C LEU C 118 -12.40 24.40 -18.11
N ARG C 119 -12.51 23.28 -17.40
CA ARG C 119 -12.74 23.30 -15.96
C ARG C 119 -11.73 22.35 -15.30
N PRO C 120 -11.39 22.60 -14.02
CA PRO C 120 -10.55 21.68 -13.28
C PRO C 120 -11.11 20.29 -13.36
N GLY C 121 -10.23 19.30 -13.49
CA GLY C 121 -10.66 17.94 -13.65
C GLY C 121 -10.73 17.48 -15.10
N ASP C 122 -10.70 18.41 -16.07
CA ASP C 122 -10.80 18.00 -17.48
C ASP C 122 -9.52 17.28 -17.87
N SER C 123 -9.66 16.29 -18.75
CA SER C 123 -8.48 15.56 -19.22
C SER C 123 -8.04 16.30 -20.52
N LEU C 124 -6.75 16.65 -20.59
CA LEU C 124 -6.16 17.41 -21.72
C LEU C 124 -5.14 16.53 -22.45
N LEU C 125 -5.21 16.52 -23.78
CA LEU C 125 -4.10 15.98 -24.61
C LEU C 125 -2.91 16.92 -24.57
N VAL C 126 -1.77 16.36 -24.18
CA VAL C 126 -0.56 17.17 -23.97
C VAL C 126 0.65 16.58 -24.72
N ASP C 127 1.61 17.45 -25.00
CA ASP C 127 2.94 17.09 -25.47
C ASP C 127 3.84 17.81 -24.46
N THR C 128 4.42 17.01 -23.54
CA THR C 128 5.18 17.57 -22.42
C THR C 128 6.58 18.07 -22.89
N LYS C 129 7.07 17.53 -24.02
CA LYS C 129 8.35 18.00 -24.59
C LYS C 129 8.11 19.39 -25.15
N ALA C 130 7.09 19.54 -25.98
CA ALA C 130 6.78 20.87 -26.56
C ALA C 130 6.15 21.80 -25.54
N GLY C 131 5.59 21.25 -24.46
CA GLY C 131 4.99 22.08 -23.36
C GLY C 131 3.67 22.72 -23.77
N TYR C 132 2.81 21.96 -24.44
CA TYR C 132 1.48 22.41 -24.94
C TYR C 132 0.40 21.41 -24.64
N ALA C 133 -0.79 21.93 -24.33
CA ALA C 133 -2.03 21.16 -24.37
C ALA C 133 -2.80 21.53 -25.62
N PHE C 134 -3.52 20.56 -26.19
CA PHE C 134 -4.13 20.79 -27.50
C PHE C 134 -5.63 20.62 -27.50
N GLU C 135 -6.16 19.72 -26.67
CA GLU C 135 -7.55 19.25 -26.88
C GLU C 135 -8.09 18.74 -25.54
N ARG C 136 -9.36 19.02 -25.27
CA ARG C 136 -10.08 18.39 -24.13
C ARG C 136 -10.61 17.02 -24.55
N ILE C 137 -10.33 16.01 -23.75
CA ILE C 137 -10.66 14.66 -24.19
C ILE C 137 -11.70 14.25 -23.20
N PRO C 138 -12.97 14.04 -23.65
CA PRO C 138 -14.01 13.65 -22.66
C PRO C 138 -13.76 12.23 -22.12
N LYS C 139 -14.20 11.96 -20.90
CA LYS C 139 -14.15 10.58 -20.41
C LYS C 139 -15.54 10.08 -20.03
N ALA C 140 -15.88 8.91 -20.52
CA ALA C 140 -17.13 8.29 -20.14
C ALA C 140 -17.08 7.83 -18.69
N GLU C 141 -18.26 7.72 -18.08
CA GLU C 141 -18.38 7.18 -16.75
C GLU C 141 -17.92 5.72 -16.72
N VAL C 142 -17.14 5.34 -15.72
CA VAL C 142 -16.64 3.97 -15.70
C VAL C 142 -17.78 2.94 -15.78
N GLU C 143 -18.93 3.25 -15.19
CA GLU C 143 -19.98 2.25 -15.13
C GLU C 143 -20.58 1.99 -16.51
N ASP C 144 -20.62 3.03 -17.35
CA ASP C 144 -21.05 2.86 -18.74
C ASP C 144 -20.03 2.01 -19.51
N LEU C 145 -18.75 2.22 -19.24
CA LEU C 145 -17.71 1.44 -19.92
C LEU C 145 -17.72 -0.04 -19.50
N VAL C 146 -17.92 -0.29 -18.21
CA VAL C 146 -17.96 -1.65 -17.72
C VAL C 146 -19.20 -2.32 -18.31
N LEU C 147 -20.33 -1.63 -18.37
CA LEU C 147 -21.51 -2.22 -19.00
C LEU C 147 -21.19 -2.62 -20.43
N GLU C 148 -20.55 -1.72 -21.17
CA GLU C 148 -20.25 -2.01 -22.55
C GLU C 148 -19.26 -3.21 -22.72
N GLU C 149 -18.34 -3.35 -21.79
CA GLU C 149 -17.42 -4.47 -21.76
C GLU C 149 -18.12 -5.81 -21.54
N LEU C 150 -19.15 -5.77 -20.70
CA LEU C 150 -19.87 -6.98 -20.30
C LEU C 150 -21.06 -7.31 -21.20
N VAL C 151 -21.75 -6.30 -21.71
CA VAL C 151 -22.96 -6.55 -22.48
C VAL C 151 -22.65 -7.40 -23.72
N PRO D 2 17.94 29.41 -39.23
CA PRO D 2 17.35 28.89 -37.97
C PRO D 2 18.20 29.26 -36.73
N SER D 3 17.53 29.59 -35.61
CA SER D 3 18.24 29.84 -34.38
C SER D 3 17.77 28.78 -33.41
N GLY D 4 18.62 28.46 -32.44
CA GLY D 4 18.18 27.65 -31.27
C GLY D 4 18.30 28.51 -30.02
N TYR D 5 18.26 27.85 -28.86
CA TYR D 5 18.11 28.53 -27.60
C TYR D 5 18.86 27.77 -26.53
N GLY D 6 19.09 28.47 -25.43
CA GLY D 6 19.82 27.93 -24.29
C GLY D 6 19.44 28.71 -23.05
N VAL D 7 19.95 28.26 -21.91
CA VAL D 7 19.64 28.90 -20.67
C VAL D 7 20.96 29.53 -20.22
N LEU D 8 20.93 30.80 -19.83
CA LEU D 8 22.17 31.46 -19.42
C LEU D 8 22.60 31.02 -17.99
N LEU D 9 23.84 30.60 -17.83
CA LEU D 9 24.35 30.03 -16.60
C LEU D 9 25.30 30.99 -15.90
N ALA D 10 26.18 31.66 -16.66
CA ALA D 10 27.14 32.57 -16.05
C ALA D 10 27.60 33.56 -17.10
N THR D 11 28.11 34.70 -16.67
CA THR D 11 28.77 35.63 -17.59
C THR D 11 30.27 35.77 -17.28
N HIS D 12 31.06 36.11 -18.30
CA HIS D 12 32.48 36.35 -18.07
C HIS D 12 32.79 37.72 -18.63
N ASP D 13 33.94 38.28 -18.30
CA ASP D 13 34.28 39.67 -18.69
C ASP D 13 34.91 39.80 -20.09
N ASP D 14 34.89 38.66 -20.80
CA ASP D 14 35.51 38.50 -22.10
C ASP D 14 34.50 38.33 -23.24
N ASP D 15 33.30 38.85 -23.06
CA ASP D 15 32.21 38.70 -24.04
C ASP D 15 31.80 37.22 -24.28
N THR D 16 32.13 36.31 -23.37
CA THR D 16 31.57 34.96 -23.47
C THR D 16 30.64 34.73 -22.30
N VAL D 17 29.81 33.71 -22.41
CA VAL D 17 28.85 33.36 -21.36
C VAL D 17 28.77 31.80 -21.31
N ASP D 18 28.46 31.24 -20.14
CA ASP D 18 28.17 29.80 -20.03
C ASP D 18 26.68 29.63 -20.29
N VAL D 19 26.32 28.64 -21.09
CA VAL D 19 24.93 28.46 -21.56
C VAL D 19 24.66 26.95 -21.58
N PHE D 20 23.46 26.57 -21.18
CA PHE D 20 23.04 25.18 -21.30
C PHE D 20 22.18 25.04 -22.52
N THR D 21 22.72 24.36 -23.53
CA THR D 21 21.99 24.20 -24.77
C THR D 21 22.31 22.81 -25.35
N SER D 22 21.38 22.25 -26.13
CA SER D 22 21.55 20.92 -26.75
C SER D 22 21.90 19.89 -25.72
N GLY D 23 21.32 20.00 -24.53
CA GLY D 23 21.66 19.09 -23.44
C GLY D 23 23.07 19.18 -22.89
N ARG D 24 23.76 20.29 -23.10
CA ARG D 24 25.04 20.42 -22.45
C ARG D 24 25.54 21.82 -22.16
N LYS D 25 26.50 21.92 -21.27
CA LYS D 25 27.04 23.17 -20.83
C LYS D 25 28.15 23.59 -21.81
N MET D 26 28.10 24.84 -22.27
CA MET D 26 29.06 25.34 -23.26
C MET D 26 29.46 26.78 -22.90
N ARG D 27 30.66 27.17 -23.28
CA ARG D 27 31.07 28.58 -23.21
C ARG D 27 30.99 29.21 -24.60
N LEU D 28 30.14 30.22 -24.75
CA LEU D 28 29.80 30.71 -26.09
C LEU D 28 30.10 32.18 -26.17
N THR D 29 30.54 32.66 -27.34
CA THR D 29 30.73 34.12 -27.48
C THR D 29 29.43 34.86 -27.76
N CYS D 30 29.38 36.12 -27.34
CA CYS D 30 28.20 36.95 -27.53
C CYS D 30 28.43 37.90 -28.69
N SER D 31 27.40 38.08 -29.50
CA SER D 31 27.42 39.16 -30.47
C SER D 31 27.35 40.50 -29.67
N PRO D 32 27.88 41.59 -30.25
CA PRO D 32 27.83 42.87 -29.54
C PRO D 32 26.45 43.36 -29.18
N ASN D 33 25.42 42.77 -29.79
CA ASN D 33 24.04 43.08 -29.39
C ASN D 33 23.74 42.78 -27.91
N ILE D 34 24.50 41.85 -27.32
CA ILE D 34 24.26 41.43 -25.95
C ILE D 34 24.79 42.40 -24.90
N ASP D 35 23.88 42.89 -24.06
CA ASP D 35 24.26 43.72 -22.94
C ASP D 35 24.44 42.76 -21.77
N ALA D 36 25.70 42.33 -21.59
CA ALA D 36 26.05 41.28 -20.63
C ALA D 36 25.92 41.81 -19.22
N ALA D 37 26.02 43.12 -19.10
CA ALA D 37 25.80 43.75 -17.82
C ALA D 37 24.40 43.43 -17.33
N SER D 38 23.43 43.39 -18.26
CA SER D 38 22.02 43.25 -17.86
C SER D 38 21.43 41.83 -17.98
N LEU D 39 22.28 40.84 -18.20
CA LEU D 39 21.84 39.45 -18.30
C LEU D 39 21.52 38.96 -16.88
N LYS D 40 20.57 38.03 -16.79
CA LYS D 40 20.20 37.46 -15.49
C LYS D 40 20.44 35.96 -15.57
N LYS D 41 21.08 35.38 -14.56
CA LYS D 41 21.16 33.93 -14.45
C LYS D 41 19.79 33.25 -14.61
N GLY D 42 19.76 32.27 -15.51
CA GLY D 42 18.57 31.50 -15.74
C GLY D 42 17.85 32.01 -16.97
N GLN D 43 18.29 33.16 -17.49
CA GLN D 43 17.66 33.78 -18.67
C GLN D 43 17.78 32.93 -19.94
N THR D 44 16.72 32.93 -20.74
CA THR D 44 16.81 32.33 -22.04
C THR D 44 17.66 33.23 -22.98
N VAL D 45 18.53 32.60 -23.75
CA VAL D 45 19.25 33.28 -24.82
C VAL D 45 19.02 32.57 -26.14
N ARG D 46 19.07 33.31 -27.23
CA ARG D 46 18.94 32.78 -28.61
C ARG D 46 20.33 32.63 -29.28
N LEU D 47 20.60 31.47 -29.89
CA LEU D 47 21.90 31.16 -30.52
C LEU D 47 21.78 31.07 -32.04
N ASN D 48 22.81 31.49 -32.77
CA ASN D 48 22.78 31.26 -34.23
C ASN D 48 23.40 29.90 -34.53
N GLU D 49 23.53 29.56 -35.82
CA GLU D 49 23.92 28.21 -36.24
C GLU D 49 25.39 27.94 -35.86
N ALA D 50 26.17 29.01 -35.70
CA ALA D 50 27.58 28.97 -35.16
C ALA D 50 27.66 28.99 -33.63
N LEU D 51 26.49 28.96 -32.98
CA LEU D 51 26.39 28.96 -31.51
C LEU D 51 26.89 30.24 -30.89
N THR D 52 26.90 31.33 -31.65
CA THR D 52 27.02 32.65 -31.08
C THR D 52 25.71 33.11 -30.39
N VAL D 53 25.83 33.68 -29.20
CA VAL D 53 24.65 34.25 -28.51
C VAL D 53 24.24 35.55 -29.19
N VAL D 54 23.07 35.54 -29.83
CA VAL D 54 22.62 36.75 -30.58
C VAL D 54 21.53 37.58 -29.96
N GLU D 55 20.76 37.01 -29.04
CA GLU D 55 19.74 37.80 -28.39
C GLU D 55 19.44 37.21 -26.98
N ALA D 56 19.07 38.05 -26.01
CA ALA D 56 18.72 37.57 -24.67
C ALA D 56 17.20 37.76 -24.47
N GLY D 57 16.55 36.85 -23.72
CA GLY D 57 15.08 36.70 -23.75
C GLY D 57 14.50 36.86 -22.35
N THR D 58 13.40 36.19 -22.08
CA THR D 58 12.88 36.18 -20.70
C THR D 58 13.39 34.87 -20.05
N PHE D 59 12.46 34.06 -19.51
CA PHE D 59 12.78 32.81 -18.75
C PHE D 59 11.84 31.69 -19.24
N GLU D 60 12.26 30.44 -19.17
CA GLU D 60 11.36 29.34 -19.45
C GLU D 60 10.05 29.52 -18.68
N ALA D 61 8.93 29.24 -19.33
CA ALA D 61 7.63 29.56 -18.74
C ALA D 61 6.71 28.33 -18.66
N VAL D 62 7.18 27.20 -19.18
CA VAL D 62 6.49 25.92 -19.09
C VAL D 62 7.49 24.82 -18.78
N GLY D 63 6.97 23.74 -18.19
CA GLY D 63 7.85 22.65 -17.82
C GLY D 63 7.42 21.95 -16.54
N GLU D 64 8.36 21.18 -16.01
CA GLU D 64 8.13 20.44 -14.77
C GLU D 64 7.96 21.32 -13.55
N ILE D 65 7.10 20.93 -12.62
CA ILE D 65 7.00 21.68 -11.35
C ILE D 65 7.58 20.83 -10.23
N SER D 66 8.37 21.43 -9.32
CA SER D 66 8.84 20.71 -8.12
C SER D 66 8.59 21.52 -6.88
N THR D 67 8.64 20.89 -5.72
CA THR D 67 8.33 21.62 -4.49
C THR D 67 9.62 22.09 -3.82
N LEU D 68 9.71 23.35 -3.40
CA LEU D 68 10.86 23.83 -2.64
C LEU D 68 10.92 23.21 -1.22
N ARG D 69 12.02 22.55 -0.90
CA ARG D 69 12.27 22.07 0.44
C ARG D 69 12.98 23.22 1.18
N GLU D 70 14.11 23.68 0.66
CA GLU D 70 14.87 24.78 1.33
C GLU D 70 15.85 25.45 0.38
N ILE D 71 16.11 26.76 0.56
CA ILE D 71 17.25 27.43 -0.08
C ILE D 71 18.49 27.07 0.65
N LEU D 72 19.55 26.72 -0.07
CA LEU D 72 20.78 26.30 0.57
C LEU D 72 21.50 27.53 1.21
N ALA D 73 22.55 27.27 1.97
CA ALA D 73 23.31 28.35 2.69
C ALA D 73 23.74 29.50 1.79
N ASP D 74 24.16 29.21 0.55
CA ASP D 74 24.68 30.25 -0.35
C ASP D 74 23.61 31.24 -0.84
N GLY D 75 22.35 30.85 -0.63
CA GLY D 75 21.22 31.69 -1.03
C GLY D 75 20.94 31.70 -2.53
N HIS D 76 21.71 30.95 -3.31
CA HIS D 76 21.46 30.90 -4.76
C HIS D 76 20.99 29.55 -5.33
N ARG D 77 21.00 28.52 -4.49
CA ARG D 77 20.58 27.18 -4.88
C ARG D 77 19.50 26.75 -3.90
N ALA D 78 18.68 25.80 -4.33
CA ALA D 78 17.56 25.28 -3.59
C ALA D 78 17.53 23.73 -3.77
N LEU D 79 17.20 23.05 -2.69
CA LEU D 79 16.83 21.63 -2.71
C LEU D 79 15.32 21.58 -3.00
N VAL D 80 14.94 20.90 -4.10
CA VAL D 80 13.57 20.74 -4.56
C VAL D 80 13.22 19.27 -4.60
N VAL D 81 11.94 18.96 -4.44
CA VAL D 81 11.51 17.58 -4.40
C VAL D 81 10.47 17.37 -5.49
N GLY D 82 10.75 16.41 -6.35
CA GLY D 82 9.94 16.17 -7.54
C GLY D 82 8.81 15.21 -7.25
N HIS D 83 8.13 14.80 -8.29
CA HIS D 83 6.88 14.09 -8.16
C HIS D 83 6.96 12.77 -7.45
N ALA D 84 7.99 12.00 -7.74
CA ALA D 84 8.17 10.73 -7.09
C ALA D 84 9.17 10.83 -5.93
N ASP D 85 9.17 11.97 -5.26
CA ASP D 85 10.09 12.24 -4.16
C ASP D 85 11.55 12.27 -4.59
N GLU D 86 11.81 12.55 -5.85
CA GLU D 86 13.18 12.72 -6.24
C GLU D 86 13.67 14.10 -5.82
N GLU D 87 14.79 14.11 -5.11
CA GLU D 87 15.42 15.32 -4.69
C GLU D 87 16.54 15.78 -5.64
N ARG D 88 16.61 17.09 -5.83
CA ARG D 88 17.63 17.71 -6.67
C ARG D 88 17.98 19.05 -6.05
N VAL D 89 19.18 19.51 -6.35
CA VAL D 89 19.58 20.89 -6.12
C VAL D 89 19.52 21.60 -7.50
N VAL D 90 18.93 22.76 -7.51
CA VAL D 90 18.88 23.61 -8.69
C VAL D 90 19.40 25.01 -8.36
N TRP D 91 19.82 25.75 -9.38
CA TRP D 91 20.12 27.20 -9.23
C TRP D 91 18.80 27.95 -9.16
N LEU D 92 18.78 29.07 -8.46
CA LEU D 92 17.56 29.92 -8.52
C LEU D 92 17.72 31.06 -9.52
N ALA D 93 16.79 31.23 -10.47
CA ALA D 93 16.93 32.32 -11.45
C ALA D 93 16.94 33.63 -10.68
N ASP D 94 17.70 34.61 -11.16
CA ASP D 94 17.93 35.86 -10.44
C ASP D 94 16.67 36.49 -9.83
N PRO D 95 15.61 36.66 -10.62
CA PRO D 95 14.37 37.27 -10.15
C PRO D 95 13.75 36.61 -8.92
N LEU D 96 14.03 35.31 -8.70
CA LEU D 96 13.39 34.58 -7.58
C LEU D 96 14.02 34.96 -6.22
N ILE D 97 15.25 35.46 -6.26
CA ILE D 97 15.94 35.86 -5.04
C ILE D 97 16.23 37.37 -4.91
N ALA D 98 15.78 38.20 -5.86
CA ALA D 98 16.01 39.67 -5.82
C ALA D 98 15.78 40.26 -4.43
N GLU D 99 16.69 41.13 -3.98
CA GLU D 99 16.59 41.69 -2.62
C GLU D 99 15.30 42.49 -2.32
N ASP D 100 14.69 43.07 -3.34
CA ASP D 100 13.47 43.87 -3.13
C ASP D 100 12.14 43.08 -3.17
N LEU D 101 12.21 41.77 -2.97
CA LEU D 101 11.01 40.95 -2.78
C LEU D 101 10.43 41.16 -1.39
N PRO D 102 9.11 41.44 -1.30
CA PRO D 102 8.41 41.45 -0.04
C PRO D 102 8.23 40.04 0.54
N ASP D 103 7.82 39.97 1.80
CA ASP D 103 7.48 38.69 2.41
C ASP D 103 5.98 38.44 2.24
N ASP D 112 0.39 33.22 -2.49
CA ASP D 112 -0.46 34.24 -3.14
C ASP D 112 -0.13 34.30 -4.62
N THR D 113 -0.81 35.17 -5.38
CA THR D 113 -0.45 35.45 -6.78
C THR D 113 0.64 36.55 -6.91
N ARG D 114 0.83 37.32 -5.85
CA ARG D 114 1.84 38.39 -5.82
C ARG D 114 3.26 37.83 -5.73
N PRO D 115 4.26 38.60 -6.22
CA PRO D 115 5.67 38.21 -6.11
C PRO D 115 6.24 38.42 -4.69
N ARG D 116 6.87 37.39 -4.13
CA ARG D 116 7.40 37.46 -2.75
C ARG D 116 8.61 36.55 -2.56
N LYS D 117 9.26 36.68 -1.41
CA LYS D 117 10.34 35.77 -1.04
C LYS D 117 9.80 34.35 -1.00
N LEU D 118 10.63 33.41 -1.48
CA LEU D 118 10.31 31.98 -1.48
C LEU D 118 10.23 31.39 -0.05
N ARG D 119 9.35 30.40 0.13
CA ARG D 119 9.19 29.68 1.39
C ARG D 119 9.16 28.19 1.11
N PRO D 120 9.60 27.39 2.09
CA PRO D 120 9.48 25.96 1.91
C PRO D 120 8.01 25.63 1.60
N GLY D 121 7.77 24.66 0.70
CA GLY D 121 6.41 24.33 0.27
C GLY D 121 5.97 24.98 -1.06
N ASP D 122 6.69 26.02 -1.51
CA ASP D 122 6.34 26.67 -2.78
C ASP D 122 6.57 25.74 -3.95
N SER D 123 5.73 25.86 -4.98
CA SER D 123 5.89 25.08 -6.21
C SER D 123 6.76 25.94 -7.14
N LEU D 124 7.84 25.35 -7.67
CA LEU D 124 8.74 26.04 -8.62
C LEU D 124 8.73 25.36 -9.97
N LEU D 125 8.64 26.16 -11.02
CA LEU D 125 8.90 25.69 -12.37
C LEU D 125 10.38 25.41 -12.50
N VAL D 126 10.73 24.19 -12.87
CA VAL D 126 12.14 23.84 -12.94
C VAL D 126 12.44 23.25 -14.33
N ASP D 127 13.70 23.34 -14.72
CA ASP D 127 14.31 22.57 -15.84
C ASP D 127 15.45 21.79 -15.19
N THR D 128 15.24 20.48 -14.97
CA THR D 128 16.21 19.68 -14.26
C THR D 128 17.41 19.34 -15.12
N LYS D 129 17.34 19.46 -16.46
CA LYS D 129 18.54 19.29 -17.30
C LYS D 129 19.49 20.46 -17.11
N ALA D 130 18.98 21.67 -17.39
CA ALA D 130 19.69 22.93 -17.15
C ALA D 130 20.00 23.14 -15.66
N GLY D 131 19.17 22.57 -14.78
CA GLY D 131 19.39 22.68 -13.32
C GLY D 131 19.02 24.04 -12.76
N TYR D 132 17.88 24.60 -13.19
CA TYR D 132 17.44 25.93 -12.78
C TYR D 132 16.00 25.84 -12.34
N ALA D 133 15.65 26.71 -11.40
CA ALA D 133 14.25 27.04 -11.09
C ALA D 133 13.98 28.46 -11.65
N PHE D 134 12.80 28.69 -12.21
CA PHE D 134 12.50 29.98 -12.94
C PHE D 134 11.41 30.85 -12.31
N GLU D 135 10.44 30.20 -11.69
CA GLU D 135 9.19 30.89 -11.40
C GLU D 135 8.48 30.16 -10.27
N ARG D 136 7.86 30.92 -9.38
CA ARG D 136 7.01 30.35 -8.37
C ARG D 136 5.59 30.25 -8.91
N ILE D 137 5.02 29.05 -8.88
CA ILE D 137 3.68 28.85 -9.40
C ILE D 137 2.67 28.75 -8.25
N PRO D 138 1.76 29.75 -8.11
CA PRO D 138 0.70 29.72 -7.11
C PRO D 138 -0.28 28.57 -7.36
N LYS D 139 -0.76 27.97 -6.27
CA LYS D 139 -1.76 26.91 -6.39
C LYS D 139 -3.07 27.34 -5.72
N ALA D 140 -4.19 27.24 -6.43
CA ALA D 140 -5.52 27.45 -5.84
C ALA D 140 -5.81 26.35 -4.81
N GLU D 141 -6.75 26.63 -3.92
CA GLU D 141 -7.17 25.63 -2.93
C GLU D 141 -7.97 24.57 -3.65
N VAL D 142 -7.77 23.30 -3.32
CA VAL D 142 -8.53 22.22 -3.98
C VAL D 142 -10.06 22.39 -3.84
N GLU D 143 -10.54 22.87 -2.69
CA GLU D 143 -11.98 23.07 -2.53
C GLU D 143 -12.55 24.02 -3.53
N ASP D 144 -11.83 25.11 -3.82
CA ASP D 144 -12.29 26.06 -4.82
C ASP D 144 -12.27 25.47 -6.20
N LEU D 145 -11.25 24.67 -6.52
CA LEU D 145 -11.17 24.03 -7.85
C LEU D 145 -12.32 23.00 -8.09
N VAL D 146 -12.59 22.18 -7.09
CA VAL D 146 -13.61 21.15 -7.18
C VAL D 146 -14.98 21.82 -7.31
N LEU D 147 -15.18 22.91 -6.60
CA LEU D 147 -16.42 23.65 -6.72
C LEU D 147 -16.58 24.09 -8.16
N GLU D 148 -15.51 24.64 -8.73
CA GLU D 148 -15.51 25.06 -10.10
C GLU D 148 -15.76 23.89 -11.07
N GLU D 149 -15.22 22.74 -10.72
CA GLU D 149 -15.47 21.53 -11.47
C GLU D 149 -16.96 21.15 -11.42
N LEU D 150 -17.55 21.17 -10.20
CA LEU D 150 -18.89 20.62 -10.02
C LEU D 150 -20.03 21.55 -10.38
N VAL D 151 -19.80 22.85 -10.31
CA VAL D 151 -20.83 23.80 -10.77
C VAL D 151 -20.42 24.56 -12.02
N PRO E 2 33.85 28.33 -29.63
CA PRO E 2 33.00 27.79 -28.53
C PRO E 2 33.72 26.70 -27.75
N SER E 3 33.46 26.61 -26.44
CA SER E 3 33.99 25.52 -25.63
C SER E 3 32.90 24.69 -24.98
N GLY E 4 33.28 23.45 -24.69
CA GLY E 4 32.48 22.50 -23.90
C GLY E 4 33.12 22.31 -22.53
N TYR E 5 32.55 21.40 -21.73
CA TYR E 5 33.02 21.14 -20.39
C TYR E 5 32.89 19.64 -20.17
N GLY E 6 33.61 19.18 -19.16
CA GLY E 6 33.59 17.78 -18.76
C GLY E 6 33.88 17.71 -17.27
N VAL E 7 33.82 16.49 -16.73
CA VAL E 7 34.17 16.19 -15.34
C VAL E 7 35.46 15.43 -15.41
N LEU E 8 36.48 15.89 -14.67
CA LEU E 8 37.75 15.23 -14.63
C LEU E 8 37.57 13.94 -13.84
N LEU E 9 37.94 12.83 -14.44
CA LEU E 9 37.64 11.53 -13.82
C LEU E 9 38.88 10.97 -13.16
N ALA E 10 40.01 11.09 -13.85
CA ALA E 10 41.30 10.57 -13.43
C ALA E 10 42.39 11.16 -14.33
N THR E 11 43.63 11.20 -13.84
CA THR E 11 44.77 11.69 -14.65
C THR E 11 45.68 10.51 -14.88
N HIS E 12 46.47 10.56 -15.95
CA HIS E 12 47.42 9.50 -16.34
C HIS E 12 48.82 10.03 -16.19
N ASP E 13 49.82 9.17 -16.14
CA ASP E 13 51.16 9.75 -15.94
C ASP E 13 51.84 10.27 -17.24
N ASP E 14 51.14 10.14 -18.36
CA ASP E 14 51.59 10.78 -19.61
C ASP E 14 51.02 12.18 -19.76
N ASP E 15 50.39 12.65 -18.68
CA ASP E 15 49.72 13.98 -18.65
C ASP E 15 48.39 14.10 -19.40
N THR E 16 47.83 12.97 -19.81
CA THR E 16 46.50 12.98 -20.40
C THR E 16 45.54 12.68 -19.29
N VAL E 17 44.25 12.91 -19.55
CA VAL E 17 43.22 12.77 -18.55
C VAL E 17 42.03 12.00 -19.13
N ASP E 18 41.27 11.33 -18.25
CA ASP E 18 39.94 10.82 -18.57
C ASP E 18 38.96 11.85 -18.12
N VAL E 19 38.03 12.21 -19.00
CA VAL E 19 37.07 13.24 -18.79
C VAL E 19 35.75 12.68 -19.27
N PHE E 20 34.68 12.98 -18.52
CA PHE E 20 33.31 12.62 -18.94
C PHE E 20 32.72 13.87 -19.52
N THR E 21 32.48 13.85 -20.84
CA THR E 21 32.00 15.03 -21.53
C THR E 21 31.09 14.51 -22.66
N SER E 22 30.07 15.27 -23.04
CA SER E 22 29.11 14.82 -24.06
C SER E 22 28.59 13.38 -23.84
N GLY E 23 28.32 13.03 -22.59
CA GLY E 23 27.69 11.74 -22.28
C GLY E 23 28.61 10.54 -22.34
N ARG E 24 29.93 10.76 -22.42
CA ARG E 24 30.82 9.60 -22.43
C ARG E 24 32.22 9.87 -21.90
N LYS E 25 32.94 8.79 -21.62
CA LYS E 25 34.28 8.81 -21.08
C LYS E 25 35.27 8.91 -22.24
N MET E 26 36.14 9.91 -22.15
CA MET E 26 37.11 10.17 -23.19
C MET E 26 38.48 10.36 -22.58
N ARG E 27 39.52 9.95 -23.30
CA ARG E 27 40.88 10.27 -22.88
C ARG E 27 41.32 11.48 -23.67
N LEU E 28 41.68 12.53 -22.95
CA LEU E 28 41.94 13.83 -23.56
C LEU E 28 43.33 14.35 -23.21
N THR E 29 43.82 15.28 -24.00
CA THR E 29 45.07 15.93 -23.70
C THR E 29 44.85 17.28 -23.04
N CYS E 30 45.85 17.76 -22.33
CA CYS E 30 45.83 19.10 -21.77
C CYS E 30 46.72 20.07 -22.54
N SER E 31 46.38 21.36 -22.44
CA SER E 31 47.17 22.41 -23.03
C SER E 31 48.40 22.68 -22.12
N PRO E 32 49.46 23.31 -22.68
CA PRO E 32 50.72 23.53 -21.94
C PRO E 32 50.50 24.29 -20.64
N ASN E 33 49.54 25.22 -20.67
CA ASN E 33 49.02 25.95 -19.47
C ASN E 33 48.55 25.07 -18.31
N ILE E 34 48.18 23.84 -18.59
CA ILE E 34 47.57 22.99 -17.59
C ILE E 34 48.55 22.03 -16.95
N ASP E 35 48.69 22.12 -15.64
CA ASP E 35 49.41 21.07 -14.94
C ASP E 35 48.46 19.91 -14.65
N ALA E 36 48.52 18.85 -15.45
CA ALA E 36 47.59 17.74 -15.28
C ALA E 36 47.69 17.08 -13.90
N ALA E 37 48.88 17.08 -13.31
CA ALA E 37 49.10 16.48 -12.01
C ALA E 37 48.39 17.26 -10.91
N SER E 38 48.08 18.53 -11.16
CA SER E 38 47.41 19.40 -10.18
C SER E 38 45.86 19.44 -10.30
N LEU E 39 45.33 18.67 -11.23
CA LEU E 39 43.88 18.64 -11.41
C LEU E 39 43.31 17.73 -10.31
N LYS E 40 42.06 17.99 -9.93
CA LYS E 40 41.44 17.28 -8.80
C LYS E 40 40.35 16.34 -9.31
N LYS E 41 40.21 15.15 -8.71
CA LYS E 41 39.15 14.19 -9.15
C LYS E 41 37.77 14.86 -9.05
N GLY E 42 36.96 14.80 -10.12
CA GLY E 42 35.62 15.31 -10.10
C GLY E 42 35.55 16.76 -10.51
N GLN E 43 36.71 17.39 -10.76
CA GLN E 43 36.77 18.81 -11.10
C GLN E 43 36.19 19.09 -12.49
N THR E 44 35.41 20.17 -12.63
CA THR E 44 35.00 20.59 -13.97
C THR E 44 36.21 21.13 -14.76
N VAL E 45 36.36 20.63 -16.00
CA VAL E 45 37.31 21.20 -16.95
C VAL E 45 36.59 21.78 -18.18
N ARG E 46 37.16 22.84 -18.74
CA ARG E 46 36.69 23.44 -19.95
C ARG E 46 37.52 22.85 -21.09
N LEU E 47 36.84 22.55 -22.20
CA LEU E 47 37.44 21.95 -23.35
C LEU E 47 37.34 22.91 -24.54
N ASN E 48 38.40 23.03 -25.34
CA ASN E 48 38.31 23.75 -26.61
C ASN E 48 37.70 22.90 -27.74
N GLU E 49 37.57 23.48 -28.94
CA GLU E 49 36.93 22.75 -30.06
C GLU E 49 37.64 21.41 -30.38
N ALA E 50 38.95 21.34 -30.14
CA ALA E 50 39.73 20.12 -30.43
C ALA E 50 39.63 19.12 -29.26
N LEU E 51 38.83 19.45 -28.25
CA LEU E 51 38.69 18.62 -27.04
C LEU E 51 39.93 18.53 -26.16
N THR E 52 40.81 19.53 -26.29
CA THR E 52 41.89 19.76 -25.35
C THR E 52 41.33 20.40 -24.10
N VAL E 53 41.86 19.98 -22.94
CA VAL E 53 41.53 20.57 -21.64
C VAL E 53 42.37 21.85 -21.52
N VAL E 54 41.67 22.96 -21.45
CA VAL E 54 42.33 24.27 -21.54
C VAL E 54 42.17 25.07 -20.25
N GLU E 55 41.23 24.63 -19.39
CA GLU E 55 41.02 25.37 -18.15
C GLU E 55 40.38 24.48 -17.07
N ALA E 56 40.78 24.68 -15.81
CA ALA E 56 40.20 23.94 -14.71
C ALA E 56 39.20 24.83 -13.95
N GLY E 57 38.24 24.23 -13.30
CA GLY E 57 37.24 24.97 -12.59
C GLY E 57 36.99 24.45 -11.21
N THR E 58 35.76 24.53 -10.80
CA THR E 58 35.37 24.00 -9.53
C THR E 58 34.74 22.61 -9.71
N PHE E 59 33.55 22.42 -9.17
CA PHE E 59 32.87 21.14 -9.17
C PHE E 59 31.41 21.33 -9.52
N GLU E 60 30.77 20.35 -10.13
CA GLU E 60 29.32 20.47 -10.41
C GLU E 60 28.59 20.91 -9.15
N ALA E 61 27.63 21.81 -9.25
CA ALA E 61 26.97 22.34 -8.06
C ALA E 61 25.45 22.13 -8.05
N VAL E 62 24.90 21.63 -9.17
CA VAL E 62 23.45 21.34 -9.24
C VAL E 62 23.30 19.92 -9.73
N GLY E 63 22.15 19.33 -9.41
CA GLY E 63 21.95 17.94 -9.79
C GLY E 63 21.12 17.11 -8.84
N GLU E 64 21.12 15.81 -9.15
CA GLU E 64 20.45 14.78 -8.36
C GLU E 64 21.09 14.64 -6.99
N ILE E 65 20.25 14.40 -5.99
CA ILE E 65 20.70 14.08 -4.59
C ILE E 65 20.44 12.58 -4.34
N SER E 66 21.41 11.88 -3.77
CA SER E 66 21.21 10.49 -3.36
C SER E 66 21.73 10.39 -1.95
N THR E 67 21.40 9.31 -1.27
CA THR E 67 21.76 9.15 0.14
C THR E 67 22.94 8.21 0.21
N LEU E 68 23.96 8.60 0.97
CA LEU E 68 25.10 7.73 1.23
C LEU E 68 24.70 6.52 2.04
N ARG E 69 24.97 5.32 1.52
CA ARG E 69 24.85 4.10 2.32
C ARG E 69 26.17 3.92 3.05
N GLU E 70 27.27 3.85 2.29
CA GLU E 70 28.60 3.69 2.88
C GLU E 70 29.68 3.99 1.85
N ILE E 71 30.84 4.39 2.35
CA ILE E 71 32.05 4.57 1.57
C ILE E 71 32.70 3.19 1.47
N LEU E 72 33.23 2.86 0.31
CA LEU E 72 33.86 1.59 0.08
C LEU E 72 35.23 1.58 0.75
N ALA E 73 35.75 0.39 0.96
CA ALA E 73 37.02 0.17 1.62
C ALA E 73 38.17 0.94 1.01
N ASP E 74 38.19 1.11 -0.29
CA ASP E 74 39.23 1.89 -0.92
C ASP E 74 39.22 3.35 -0.55
N GLY E 75 38.16 3.81 0.10
CA GLY E 75 38.04 5.21 0.47
C GLY E 75 37.83 6.20 -0.69
N HIS E 76 37.76 5.69 -1.91
CA HIS E 76 37.65 6.57 -3.05
C HIS E 76 36.27 6.46 -3.72
N ARG E 77 35.50 5.42 -3.40
CA ARG E 77 34.15 5.24 -3.97
C ARG E 77 33.06 5.22 -2.90
N ALA E 78 31.79 5.51 -3.24
CA ALA E 78 30.72 5.40 -2.23
C ALA E 78 29.56 4.64 -2.80
N LEU E 79 28.81 3.93 -1.96
CA LEU E 79 27.57 3.29 -2.36
C LEU E 79 26.45 4.21 -1.93
N VAL E 80 25.67 4.67 -2.90
CA VAL E 80 24.59 5.64 -2.69
C VAL E 80 23.24 5.04 -3.15
N VAL E 81 22.16 5.56 -2.58
CA VAL E 81 20.82 5.06 -2.84
C VAL E 81 19.98 6.24 -3.33
N GLY E 82 19.48 6.11 -4.54
CA GLY E 82 18.63 7.13 -5.18
C GLY E 82 17.20 7.13 -4.66
N HIS E 83 16.39 7.99 -5.22
CA HIS E 83 15.04 8.18 -4.73
C HIS E 83 14.09 6.96 -4.88
N ALA E 84 14.31 6.14 -5.87
CA ALA E 84 13.50 4.98 -6.05
C ALA E 84 14.27 3.75 -5.59
N ASP E 85 15.06 3.93 -4.55
CA ASP E 85 15.86 2.88 -4.01
C ASP E 85 16.87 2.23 -4.94
N GLU E 86 17.22 2.90 -6.02
CA GLU E 86 18.25 2.48 -6.92
C GLU E 86 19.64 2.73 -6.30
N GLU E 87 20.39 1.65 -6.19
CA GLU E 87 21.75 1.67 -5.69
C GLU E 87 22.82 1.73 -6.77
N ARG E 88 23.86 2.51 -6.46
CA ARG E 88 24.97 2.73 -7.38
C ARG E 88 26.23 2.93 -6.57
N VAL E 89 27.35 2.67 -7.21
CA VAL E 89 28.69 3.06 -6.75
C VAL E 89 29.12 4.29 -7.60
N VAL E 90 29.52 5.36 -6.91
CA VAL E 90 30.11 6.56 -7.53
C VAL E 90 31.54 6.81 -7.02
N TRP E 91 32.35 7.53 -7.80
CA TRP E 91 33.64 8.03 -7.31
C TRP E 91 33.38 9.21 -6.34
N LEU E 92 34.27 9.46 -5.41
CA LEU E 92 34.16 10.63 -4.59
C LEU E 92 35.03 11.76 -5.15
N ALA E 93 34.44 12.90 -5.41
CA ALA E 93 35.21 14.05 -5.76
C ALA E 93 36.20 14.38 -4.65
N ASP E 94 37.23 15.05 -5.08
CA ASP E 94 38.35 15.41 -4.26
C ASP E 94 38.00 15.97 -2.88
N PRO E 95 37.13 16.95 -2.74
CA PRO E 95 36.66 17.38 -1.43
C PRO E 95 36.01 16.35 -0.49
N LEU E 96 35.43 15.28 -1.01
CA LEU E 96 34.83 14.23 -0.16
C LEU E 96 35.77 13.05 0.28
N ILE E 97 36.98 12.97 -0.30
CA ILE E 97 37.90 11.83 -0.10
C ILE E 97 38.65 12.05 1.21
N LEU E 118 32.06 12.08 5.78
CA LEU E 118 30.73 11.68 5.35
C LEU E 118 30.27 10.56 6.24
N ARG E 119 29.00 10.59 6.60
CA ARG E 119 28.42 9.52 7.40
C ARG E 119 27.29 8.86 6.64
N PRO E 120 27.08 7.56 6.88
CA PRO E 120 25.87 6.97 6.35
C PRO E 120 24.62 7.86 6.60
N GLY E 121 23.77 7.98 5.59
CA GLY E 121 22.58 8.84 5.67
C GLY E 121 22.79 10.25 5.12
N ASP E 122 24.05 10.61 4.87
CA ASP E 122 24.35 11.96 4.34
C ASP E 122 23.71 12.08 2.94
N SER E 123 23.23 13.27 2.62
CA SER E 123 22.75 13.55 1.28
C SER E 123 23.88 14.08 0.41
N LEU E 124 24.05 13.49 -0.77
CA LEU E 124 25.18 13.87 -1.66
C LEU E 124 24.67 14.27 -3.04
N LEU E 125 25.23 15.36 -3.58
CA LEU E 125 24.99 15.80 -4.97
C LEU E 125 25.76 14.86 -5.85
N VAL E 126 25.07 14.17 -6.76
CA VAL E 126 25.72 13.14 -7.59
C VAL E 126 25.43 13.44 -9.06
N ASP E 127 26.29 12.91 -9.93
CA ASP E 127 26.03 12.89 -11.37
C ASP E 127 26.16 11.43 -11.73
N THR E 128 25.02 10.73 -11.86
CA THR E 128 25.11 9.29 -12.08
C THR E 128 25.65 8.93 -13.49
N LYS E 129 25.55 9.84 -14.44
CA LYS E 129 26.16 9.58 -15.78
C LYS E 129 27.68 9.62 -15.70
N ALA E 130 28.21 10.72 -15.17
CA ALA E 130 29.63 10.80 -14.84
C ALA E 130 30.10 9.82 -13.75
N GLY E 131 29.19 9.34 -12.88
CA GLY E 131 29.58 8.38 -11.82
C GLY E 131 30.36 9.05 -10.69
N TYR E 132 29.96 10.28 -10.31
CA TYR E 132 30.67 11.03 -9.25
C TYR E 132 29.68 11.63 -8.25
N ALA E 133 30.13 11.70 -6.99
CA ALA E 133 29.49 12.46 -5.95
C ALA E 133 30.42 13.65 -5.73
N PHE E 134 29.85 14.86 -5.52
CA PHE E 134 30.62 16.11 -5.48
C PHE E 134 30.60 16.86 -4.18
N GLU E 135 29.47 16.81 -3.46
CA GLU E 135 29.23 17.74 -2.36
C GLU E 135 28.21 17.10 -1.43
N ARG E 136 28.42 17.28 -0.11
CA ARG E 136 27.41 16.92 0.85
C ARG E 136 26.42 18.06 1.03
N ILE E 137 25.13 17.75 1.00
CA ILE E 137 24.13 18.79 1.02
C ILE E 137 23.39 18.74 2.37
N PRO E 138 23.54 19.79 3.20
CA PRO E 138 22.88 19.75 4.54
C PRO E 138 21.37 19.83 4.38
N LYS E 139 20.65 19.15 5.28
CA LYS E 139 19.22 19.34 5.34
C LYS E 139 18.74 19.88 6.68
N ALA E 140 17.99 20.99 6.62
CA ALA E 140 17.30 21.55 7.76
C ALA E 140 16.32 20.56 8.33
N GLU E 141 16.07 20.64 9.65
CA GLU E 141 14.95 19.91 10.28
C GLU E 141 13.64 20.35 9.64
N VAL E 142 12.82 19.37 9.31
CA VAL E 142 11.51 19.61 8.69
C VAL E 142 10.60 20.52 9.54
N GLU E 143 10.68 20.39 10.86
CA GLU E 143 9.88 21.26 11.72
C GLU E 143 10.34 22.71 11.64
N ASP E 144 11.63 22.94 11.39
CA ASP E 144 12.07 24.32 11.18
C ASP E 144 11.57 24.87 9.83
N LEU E 145 11.55 23.99 8.83
CA LEU E 145 11.04 24.39 7.48
C LEU E 145 9.53 24.67 7.48
N VAL E 146 8.77 23.79 8.13
CA VAL E 146 7.29 23.95 8.21
C VAL E 146 6.91 25.26 8.92
N LEU E 147 7.61 25.56 10.00
CA LEU E 147 7.44 26.82 10.68
C LEU E 147 7.62 28.00 9.74
N GLU E 148 8.72 27.96 9.00
CA GLU E 148 9.01 29.02 8.04
C GLU E 148 7.98 29.06 6.90
N GLU E 149 7.41 27.91 6.53
CA GLU E 149 6.29 27.91 5.56
C GLU E 149 5.06 28.66 6.17
N LEU E 150 4.86 28.49 7.47
CA LEU E 150 3.55 28.82 8.04
C LEU E 150 3.51 30.13 8.83
N VAL E 151 4.65 30.60 9.32
CA VAL E 151 4.65 31.81 10.16
C VAL E 151 4.57 33.08 9.29
N PRO F 2 41.80 12.79 -28.84
CA PRO F 2 40.75 12.20 -28.03
C PRO F 2 40.55 10.74 -28.40
N SER F 3 40.45 9.89 -27.38
CA SER F 3 40.10 8.48 -27.55
C SER F 3 38.81 8.25 -26.78
N GLY F 4 38.09 7.18 -27.11
CA GLY F 4 36.89 6.75 -26.34
C GLY F 4 37.19 5.39 -25.71
N TYR F 5 36.19 4.78 -25.07
CA TYR F 5 36.36 3.51 -24.43
C TYR F 5 35.21 2.58 -24.75
N GLY F 6 35.44 1.30 -24.50
CA GLY F 6 34.38 0.30 -24.62
C GLY F 6 34.68 -0.80 -23.66
N VAL F 7 33.79 -1.80 -23.64
CA VAL F 7 33.89 -3.03 -22.87
C VAL F 7 34.25 -4.16 -23.84
N LEU F 8 35.34 -4.86 -23.55
CA LEU F 8 35.73 -6.06 -24.29
C LEU F 8 34.75 -7.23 -24.10
N LEU F 9 34.19 -7.69 -25.22
CA LEU F 9 33.21 -8.75 -25.16
C LEU F 9 33.75 -10.12 -25.57
N ALA F 10 34.65 -10.18 -26.57
CA ALA F 10 35.13 -11.44 -27.10
C ALA F 10 36.30 -11.15 -28.00
N THR F 11 37.18 -12.13 -28.17
CA THR F 11 38.27 -12.03 -29.13
C THR F 11 38.11 -13.15 -30.17
N HIS F 12 38.38 -12.83 -31.42
CA HIS F 12 38.23 -13.80 -32.48
C HIS F 12 39.58 -14.33 -32.94
N ASP F 13 39.55 -15.37 -33.78
CA ASP F 13 40.75 -16.04 -34.29
C ASP F 13 41.63 -15.20 -35.21
N ASP F 14 41.10 -14.06 -35.62
CA ASP F 14 41.77 -13.23 -36.61
C ASP F 14 42.26 -11.98 -35.91
N ASP F 15 42.38 -12.10 -34.59
CA ASP F 15 42.73 -10.97 -33.71
C ASP F 15 41.84 -9.66 -33.79
N THR F 16 40.61 -9.77 -34.27
CA THR F 16 39.67 -8.67 -34.10
C THR F 16 38.99 -8.98 -32.81
N VAL F 17 38.26 -8.01 -32.25
CA VAL F 17 37.56 -8.19 -31.00
C VAL F 17 36.16 -7.61 -31.07
N ASP F 18 35.24 -8.24 -30.34
CA ASP F 18 33.90 -7.65 -30.13
C ASP F 18 33.91 -6.70 -28.94
N VAL F 19 33.39 -5.50 -29.14
CA VAL F 19 33.47 -4.49 -28.11
C VAL F 19 32.10 -3.82 -28.03
N PHE F 20 31.65 -3.55 -26.80
CA PHE F 20 30.49 -2.68 -26.57
C PHE F 20 30.92 -1.24 -26.40
N THR F 21 30.59 -0.38 -27.36
CA THR F 21 30.97 1.01 -27.24
C THR F 21 29.90 1.85 -27.93
N SER F 22 29.76 3.09 -27.47
CA SER F 22 28.73 4.02 -28.01
C SER F 22 27.37 3.38 -28.02
N GLY F 23 27.06 2.57 -27.01
CA GLY F 23 25.76 2.01 -26.86
C GLY F 23 25.48 0.84 -27.79
N ARG F 24 26.51 0.31 -28.44
CA ARG F 24 26.26 -0.82 -29.31
C ARG F 24 27.48 -1.77 -29.45
N LYS F 25 27.17 -2.94 -29.93
CA LYS F 25 28.14 -4.02 -30.07
C LYS F 25 28.83 -3.84 -31.46
N MET F 26 30.17 -3.94 -31.48
CA MET F 26 30.96 -3.74 -32.72
C MET F 26 32.11 -4.73 -32.76
N ARG F 27 32.55 -5.08 -33.97
CA ARG F 27 33.69 -5.95 -34.16
C ARG F 27 34.80 -5.07 -34.68
N LEU F 28 35.89 -5.00 -33.93
CA LEU F 28 36.88 -3.95 -34.17
C LEU F 28 38.26 -4.57 -34.34
N THR F 29 39.11 -3.89 -35.07
CA THR F 29 40.50 -4.32 -35.15
C THR F 29 41.34 -3.77 -33.98
N CYS F 30 42.35 -4.54 -33.57
CA CYS F 30 43.27 -4.16 -32.50
C CYS F 30 44.60 -3.68 -33.08
N SER F 31 45.22 -2.74 -32.41
CA SER F 31 46.53 -2.22 -32.72
C SER F 31 47.54 -3.32 -32.58
N PRO F 32 48.58 -3.25 -33.39
CA PRO F 32 49.79 -4.02 -33.18
C PRO F 32 50.25 -3.98 -31.76
N ASN F 33 49.91 -2.90 -31.07
CA ASN F 33 50.20 -2.64 -29.63
C ASN F 33 49.52 -3.57 -28.63
N ILE F 34 48.43 -4.14 -29.04
CA ILE F 34 47.68 -4.99 -28.17
C ILE F 34 48.13 -6.45 -28.23
N ASP F 35 48.14 -7.08 -27.08
CA ASP F 35 48.36 -8.50 -26.90
C ASP F 35 47.00 -9.15 -26.86
N ALA F 36 46.39 -9.39 -27.99
CA ALA F 36 45.01 -9.81 -27.97
C ALA F 36 44.78 -11.07 -27.14
N ALA F 37 45.82 -11.80 -26.83
CA ALA F 37 45.62 -13.03 -26.13
C ALA F 37 45.25 -12.73 -24.72
N SER F 38 46.00 -11.83 -24.11
CA SER F 38 45.84 -11.47 -22.72
C SER F 38 44.69 -10.54 -22.42
N LEU F 39 43.82 -10.25 -23.37
CA LEU F 39 42.70 -9.44 -22.99
C LEU F 39 41.73 -10.29 -22.24
N LYS F 40 41.03 -9.68 -21.32
CA LYS F 40 40.05 -10.36 -20.48
C LYS F 40 38.64 -9.87 -20.77
N LYS F 41 37.70 -10.80 -20.76
CA LYS F 41 36.31 -10.51 -20.96
C LYS F 41 35.79 -9.55 -19.87
N GLY F 42 35.18 -8.43 -20.32
CA GLY F 42 34.62 -7.40 -19.43
C GLY F 42 35.59 -6.25 -19.26
N GLN F 43 36.80 -6.45 -19.78
CA GLN F 43 37.84 -5.48 -19.62
C GLN F 43 37.54 -4.19 -20.42
N THR F 44 37.92 -3.07 -19.84
CA THR F 44 37.81 -1.80 -20.55
C THR F 44 38.89 -1.70 -21.63
N VAL F 45 38.54 -1.20 -22.82
CA VAL F 45 39.54 -0.96 -23.87
C VAL F 45 39.39 0.45 -24.33
N ARG F 46 40.50 1.03 -24.75
CA ARG F 46 40.52 2.36 -25.34
C ARG F 46 40.52 2.21 -26.87
N LEU F 47 39.77 3.11 -27.51
CA LEU F 47 39.51 3.11 -28.96
C LEU F 47 39.90 4.45 -29.52
N ASN F 48 40.55 4.47 -30.68
CA ASN F 48 40.93 5.74 -31.25
C ASN F 48 39.79 6.23 -32.14
N GLU F 49 39.96 7.37 -32.82
CA GLU F 49 38.85 7.96 -33.60
C GLU F 49 38.42 7.02 -34.74
N ALA F 50 39.34 6.20 -35.23
CA ALA F 50 39.06 5.21 -36.26
C ALA F 50 38.35 3.96 -35.72
N LEU F 51 38.15 3.91 -34.40
CA LEU F 51 37.60 2.73 -33.70
C LEU F 51 38.51 1.48 -33.73
N THR F 52 39.83 1.71 -33.81
CA THR F 52 40.77 0.65 -33.53
C THR F 52 40.97 0.61 -32.03
N VAL F 53 41.06 -0.59 -31.49
CA VAL F 53 41.41 -0.78 -30.09
C VAL F 53 42.94 -0.50 -29.90
N VAL F 54 43.28 0.48 -29.07
CA VAL F 54 44.71 0.90 -28.97
C VAL F 54 45.34 0.64 -27.60
N GLU F 55 44.55 0.21 -26.63
CA GLU F 55 45.04 -0.04 -25.29
C GLU F 55 43.95 -0.79 -24.52
N ALA F 56 44.39 -1.71 -23.65
CA ALA F 56 43.53 -2.45 -22.75
C ALA F 56 43.72 -1.88 -21.35
N GLY F 57 42.63 -1.79 -20.58
CA GLY F 57 42.65 -1.12 -19.29
C GLY F 57 42.26 -2.12 -18.23
N THR F 58 41.57 -1.64 -17.20
CA THR F 58 41.09 -2.53 -16.18
C THR F 58 39.61 -2.83 -16.39
N PHE F 59 38.79 -2.60 -15.38
CA PHE F 59 37.35 -2.92 -15.37
C PHE F 59 36.62 -1.68 -14.82
N GLU F 60 35.41 -1.42 -15.36
CA GLU F 60 34.50 -0.43 -14.82
C GLU F 60 34.47 -0.55 -13.31
N ALA F 61 34.52 0.60 -12.65
CA ALA F 61 34.63 0.66 -11.17
C ALA F 61 33.45 1.38 -10.56
N VAL F 62 32.61 1.99 -11.40
CA VAL F 62 31.44 2.72 -10.88
C VAL F 62 30.27 2.36 -11.74
N GLY F 63 29.06 2.61 -11.25
CA GLY F 63 27.88 2.22 -11.94
C GLY F 63 26.79 1.68 -11.04
N GLU F 64 25.76 1.10 -11.68
CA GLU F 64 24.62 0.50 -11.03
C GLU F 64 24.98 -0.82 -10.26
N ILE F 65 24.25 -1.06 -9.18
CA ILE F 65 24.49 -2.23 -8.34
C ILE F 65 23.23 -3.10 -8.26
N SER F 66 23.36 -4.36 -8.65
CA SER F 66 22.24 -5.28 -8.64
C SER F 66 22.55 -6.47 -7.72
N THR F 67 21.53 -7.22 -7.31
CA THR F 67 21.71 -8.39 -6.41
C THR F 67 21.81 -9.70 -7.18
N LEU F 68 22.87 -10.46 -6.93
CA LEU F 68 23.01 -11.80 -7.52
C LEU F 68 21.84 -12.71 -7.06
N ARG F 69 21.06 -13.24 -7.99
CA ARG F 69 20.10 -14.29 -7.64
C ARG F 69 20.85 -15.63 -7.69
N GLU F 70 21.45 -15.90 -8.85
CA GLU F 70 22.14 -17.17 -9.07
C GLU F 70 23.05 -17.14 -10.30
N ILE F 71 24.11 -17.94 -10.28
CA ILE F 71 24.93 -18.11 -11.44
C ILE F 71 24.22 -19.17 -12.32
N LEU F 72 24.09 -18.91 -13.62
CA LEU F 72 23.43 -19.86 -14.53
C LEU F 72 24.30 -21.13 -14.66
N ALA F 73 23.70 -22.15 -15.26
CA ALA F 73 24.34 -23.46 -15.54
C ALA F 73 25.70 -23.35 -16.18
N ASP F 74 25.84 -22.47 -17.18
CA ASP F 74 27.11 -22.36 -17.88
C ASP F 74 28.24 -21.82 -17.01
N GLY F 75 27.95 -21.30 -15.81
CA GLY F 75 29.00 -20.68 -14.97
C GLY F 75 29.58 -19.34 -15.43
N HIS F 76 29.14 -18.78 -16.58
CA HIS F 76 29.71 -17.52 -17.01
C HIS F 76 28.71 -16.35 -17.04
N ARG F 77 27.46 -16.62 -16.71
CA ARG F 77 26.43 -15.59 -16.73
C ARG F 77 25.78 -15.63 -15.38
N ALA F 78 25.18 -14.53 -14.95
CA ALA F 78 24.43 -14.49 -13.71
C ALA F 78 23.08 -13.89 -13.91
N LEU F 79 22.09 -14.38 -13.16
CA LEU F 79 20.78 -13.75 -13.07
C LEU F 79 20.80 -12.79 -11.88
N VAL F 80 20.60 -11.48 -12.15
CA VAL F 80 20.71 -10.45 -11.16
C VAL F 80 19.40 -9.71 -11.07
N VAL F 81 19.13 -9.15 -9.90
CA VAL F 81 17.84 -8.53 -9.61
C VAL F 81 18.13 -7.10 -9.17
N GLY F 82 17.55 -6.15 -9.89
CA GLY F 82 17.81 -4.72 -9.69
C GLY F 82 16.80 -4.03 -8.78
N HIS F 83 16.86 -2.71 -8.77
CA HIS F 83 16.26 -1.89 -7.70
C HIS F 83 14.74 -1.93 -7.54
N ALA F 84 14.02 -2.14 -8.66
CA ALA F 84 12.56 -2.30 -8.66
C ALA F 84 12.22 -3.71 -9.15
N ASP F 85 13.00 -4.67 -8.65
CA ASP F 85 12.93 -6.08 -9.05
C ASP F 85 13.05 -6.33 -10.57
N GLU F 86 13.75 -5.48 -11.30
CA GLU F 86 14.06 -5.80 -12.67
C GLU F 86 15.09 -6.93 -12.65
N GLU F 87 14.80 -8.01 -13.36
CA GLU F 87 15.71 -9.15 -13.48
C GLU F 87 16.42 -9.11 -14.82
N ARG F 88 17.71 -9.35 -14.78
CA ARG F 88 18.56 -9.41 -15.97
C ARG F 88 19.53 -10.58 -15.87
N VAL F 89 19.97 -11.00 -17.03
CA VAL F 89 21.16 -11.83 -17.17
C VAL F 89 22.34 -10.97 -17.61
N VAL F 90 23.47 -11.16 -16.93
CA VAL F 90 24.72 -10.48 -17.35
C VAL F 90 25.84 -11.54 -17.44
N TRP F 91 26.88 -11.24 -18.22
CA TRP F 91 28.10 -12.00 -18.24
C TRP F 91 28.93 -11.65 -16.99
N LEU F 92 29.68 -12.59 -16.44
CA LEU F 92 30.61 -12.32 -15.33
C LEU F 92 32.00 -11.91 -15.87
N ALA F 93 32.50 -10.75 -15.47
CA ALA F 93 33.84 -10.40 -15.92
C ALA F 93 34.81 -11.45 -15.36
N ASP F 94 35.88 -11.69 -16.12
CA ASP F 94 36.91 -12.69 -15.77
C ASP F 94 37.30 -12.75 -14.26
N PRO F 95 37.60 -11.61 -13.61
CA PRO F 95 37.93 -11.67 -12.18
C PRO F 95 36.86 -12.21 -11.22
N LEU F 96 35.59 -12.17 -11.61
CA LEU F 96 34.52 -12.66 -10.74
C LEU F 96 34.46 -14.18 -10.59
N ILE F 97 34.93 -14.87 -11.63
CA ILE F 97 34.90 -16.33 -11.64
C ILE F 97 36.27 -16.98 -11.81
N ALA F 98 37.32 -16.26 -11.43
CA ALA F 98 38.70 -16.77 -11.46
C ALA F 98 38.79 -18.07 -10.64
N GLU F 99 39.33 -19.13 -11.25
CA GLU F 99 39.25 -20.46 -10.64
C GLU F 99 40.03 -20.62 -9.31
N ASP F 100 41.03 -19.76 -9.09
CA ASP F 100 41.77 -19.69 -7.82
C ASP F 100 41.04 -18.97 -6.66
N LEU F 101 39.79 -18.57 -6.85
CA LEU F 101 39.09 -17.80 -5.80
C LEU F 101 38.75 -18.66 -4.58
N PRO F 102 38.93 -18.09 -3.35
CA PRO F 102 38.53 -18.77 -2.10
C PRO F 102 37.03 -19.06 -2.04
N THR F 113 34.82 -8.81 2.99
CA THR F 113 35.43 -7.62 2.40
C THR F 113 36.77 -7.87 1.66
N ARG F 114 37.03 -9.13 1.32
CA ARG F 114 38.18 -9.54 0.49
C ARG F 114 37.74 -10.60 -0.53
N PRO F 115 38.49 -10.77 -1.64
CA PRO F 115 38.02 -11.65 -2.72
C PRO F 115 37.44 -12.98 -2.22
N ARG F 116 36.43 -13.47 -2.94
CA ARG F 116 35.85 -14.81 -2.70
C ARG F 116 34.86 -15.14 -3.82
N LYS F 117 34.42 -16.40 -3.84
CA LYS F 117 33.42 -16.84 -4.80
C LYS F 117 32.07 -16.26 -4.41
N LEU F 118 31.26 -16.02 -5.42
CA LEU F 118 29.96 -15.40 -5.32
C LEU F 118 28.91 -16.31 -4.67
N ARG F 119 27.99 -15.70 -3.93
CA ARG F 119 26.85 -16.37 -3.34
C ARG F 119 25.60 -15.55 -3.67
N PRO F 120 24.44 -16.20 -3.70
CA PRO F 120 23.20 -15.49 -3.85
C PRO F 120 23.08 -14.47 -2.73
N GLY F 121 22.56 -13.31 -3.08
CA GLY F 121 22.47 -12.20 -2.16
C GLY F 121 23.65 -11.24 -2.29
N ASP F 122 24.72 -11.59 -2.98
CA ASP F 122 25.84 -10.65 -3.09
C ASP F 122 25.44 -9.47 -3.98
N SER F 123 25.96 -8.29 -3.71
CA SER F 123 25.73 -7.11 -4.58
C SER F 123 26.82 -7.05 -5.62
N LEU F 124 26.45 -6.94 -6.91
CA LEU F 124 27.37 -6.85 -8.04
C LEU F 124 27.24 -5.50 -8.76
N LEU F 125 28.39 -4.88 -9.06
CA LEU F 125 28.51 -3.73 -9.93
C LEU F 125 28.29 -4.20 -11.34
N VAL F 126 27.27 -3.65 -12.00
CA VAL F 126 26.87 -4.10 -13.35
C VAL F 126 26.81 -2.95 -14.36
N ASP F 127 26.93 -3.28 -15.64
CA ASP F 127 26.67 -2.34 -16.71
C ASP F 127 25.61 -3.05 -17.53
N THR F 128 24.37 -2.59 -17.43
CA THR F 128 23.24 -3.31 -18.01
C THR F 128 23.16 -3.09 -19.53
N LYS F 129 23.76 -2.02 -20.03
CA LYS F 129 23.87 -1.83 -21.48
C LYS F 129 24.84 -2.86 -22.09
N ALA F 130 26.06 -2.92 -21.57
CA ALA F 130 27.07 -3.87 -22.05
C ALA F 130 26.69 -5.30 -21.63
N GLY F 131 25.87 -5.41 -20.59
CA GLY F 131 25.47 -6.74 -20.09
C GLY F 131 26.55 -7.47 -19.31
N TYR F 132 27.26 -6.77 -18.41
CA TYR F 132 28.36 -7.39 -17.65
C TYR F 132 28.26 -7.04 -16.19
N ALA F 133 28.69 -7.97 -15.33
CA ALA F 133 29.00 -7.69 -13.91
C ALA F 133 30.52 -7.66 -13.78
N PHE F 134 31.04 -6.80 -12.90
CA PHE F 134 32.47 -6.57 -12.80
C PHE F 134 33.06 -6.81 -11.42
N GLU F 135 32.28 -6.54 -10.38
CA GLU F 135 32.89 -6.46 -9.04
C GLU F 135 31.87 -6.77 -7.97
N ARG F 136 32.25 -7.56 -6.98
CA ARG F 136 31.37 -7.74 -5.83
C ARG F 136 31.55 -6.57 -4.86
N ILE F 137 30.45 -5.97 -4.45
CA ILE F 137 30.48 -4.82 -3.55
C ILE F 137 29.96 -5.28 -2.20
N PRO F 138 30.83 -5.32 -1.17
CA PRO F 138 30.37 -5.66 0.18
C PRO F 138 29.39 -4.61 0.73
N LYS F 139 28.38 -5.08 1.46
CA LYS F 139 27.45 -4.25 2.18
C LYS F 139 27.56 -4.45 3.71
N ALA F 140 27.74 -3.34 4.43
CA ALA F 140 27.64 -3.38 5.88
C ALA F 140 26.19 -3.61 6.32
N GLU F 141 26.07 -4.26 7.49
CA GLU F 141 24.79 -4.42 8.17
C GLU F 141 24.20 -3.04 8.51
N VAL F 142 22.88 -2.90 8.38
CA VAL F 142 22.23 -1.63 8.63
C VAL F 142 22.48 -1.09 10.07
N GLU F 143 22.44 -1.98 11.08
CA GLU F 143 22.72 -1.48 12.46
C GLU F 143 24.11 -0.95 12.62
N ASP F 144 25.09 -1.54 11.93
CA ASP F 144 26.40 -0.94 11.95
C ASP F 144 26.34 0.47 11.33
N LEU F 145 25.62 0.61 10.22
CA LEU F 145 25.61 1.92 9.53
C LEU F 145 24.77 2.93 10.33
N VAL F 146 23.66 2.48 10.90
CA VAL F 146 22.78 3.40 11.65
C VAL F 146 23.58 3.91 12.88
N LEU F 147 24.37 3.02 13.46
CA LEU F 147 25.19 3.39 14.58
C LEU F 147 26.14 4.49 14.18
N GLU F 148 26.84 4.29 13.05
CA GLU F 148 27.74 5.30 12.52
C GLU F 148 27.01 6.60 12.14
N GLU F 149 25.77 6.50 11.64
CA GLU F 149 24.97 7.70 11.37
C GLU F 149 24.65 8.48 12.66
N LEU F 150 24.21 7.72 13.65
CA LEU F 150 23.67 8.26 14.90
C LEU F 150 24.76 8.93 15.69
N VAL F 151 25.87 8.23 15.93
CA VAL F 151 26.95 8.85 16.66
C VAL F 151 27.65 9.89 15.73
N PRO G 2 -13.31 -23.24 45.59
CA PRO G 2 -12.51 -22.72 44.45
C PRO G 2 -11.84 -21.38 44.77
N SER G 3 -10.73 -21.03 44.13
CA SER G 3 -10.13 -19.70 44.32
C SER G 3 -9.85 -19.02 42.98
N GLY G 4 -9.85 -17.69 43.01
CA GLY G 4 -9.49 -16.90 41.83
C GLY G 4 -8.09 -16.32 41.94
N TYR G 5 -7.68 -15.55 40.94
CA TYR G 5 -6.36 -14.98 40.95
C TYR G 5 -6.46 -13.54 40.56
N GLY G 6 -5.42 -12.81 40.86
CA GLY G 6 -5.34 -11.41 40.46
C GLY G 6 -3.88 -11.01 40.30
N VAL G 7 -3.65 -9.80 39.80
CA VAL G 7 -2.32 -9.27 39.64
C VAL G 7 -2.17 -8.19 40.70
N LEU G 8 -1.09 -8.25 41.48
CA LEU G 8 -0.84 -7.22 42.51
C LEU G 8 -0.37 -5.87 41.90
N LEU G 9 -1.23 -4.88 41.96
CA LEU G 9 -0.98 -3.55 41.41
C LEU G 9 -0.18 -2.67 42.30
N ALA G 10 -0.50 -2.68 43.58
CA ALA G 10 0.18 -1.86 44.52
C ALA G 10 -0.17 -2.28 45.94
N THR G 11 0.71 -2.02 46.88
CA THR G 11 0.44 -2.30 48.28
C THR G 11 0.26 -0.97 49.02
N HIS G 12 -0.48 -0.96 50.10
CA HIS G 12 -0.79 0.28 50.79
C HIS G 12 -0.10 0.35 52.17
N ASP G 13 -0.34 1.46 52.88
CA ASP G 13 0.15 1.61 54.27
C ASP G 13 -0.46 0.58 55.24
N ASP G 14 -1.63 0.03 54.88
CA ASP G 14 -2.46 -0.71 55.83
C ASP G 14 -2.62 -2.19 55.57
N ASP G 15 -1.78 -2.79 54.76
CA ASP G 15 -1.94 -4.24 54.52
C ASP G 15 -3.27 -4.58 53.79
N THR G 16 -3.78 -3.62 53.04
CA THR G 16 -4.71 -3.89 51.97
C THR G 16 -3.87 -3.69 50.71
N VAL G 17 -4.32 -4.24 49.59
CA VAL G 17 -3.55 -4.13 48.37
C VAL G 17 -4.49 -3.80 47.23
N ASP G 18 -3.99 -3.12 46.21
CA ASP G 18 -4.75 -3.02 44.97
C ASP G 18 -4.50 -4.25 44.14
N VAL G 19 -5.57 -4.86 43.61
CA VAL G 19 -5.41 -6.06 42.84
C VAL G 19 -6.30 -5.97 41.62
N PHE G 20 -5.76 -6.44 40.49
CA PHE G 20 -6.55 -6.54 39.26
C PHE G 20 -7.03 -7.97 39.13
N THR G 21 -8.34 -8.14 39.20
CA THR G 21 -8.95 -9.46 39.23
C THR G 21 -10.34 -9.35 38.66
N SER G 22 -10.79 -10.41 38.03
CA SER G 22 -12.12 -10.38 37.40
C SER G 22 -12.32 -9.17 36.49
N GLY G 23 -11.26 -8.78 35.77
CA GLY G 23 -11.36 -7.67 34.82
C GLY G 23 -11.45 -6.28 35.41
N ARG G 24 -11.14 -6.17 36.71
CA ARG G 24 -11.16 -4.84 37.35
C ARG G 24 -10.28 -4.64 38.57
N LYS G 25 -10.11 -3.37 38.90
CA LYS G 25 -9.20 -2.94 39.94
C LYS G 25 -9.97 -3.01 41.26
N MET G 26 -9.39 -3.68 42.25
CA MET G 26 -10.04 -3.80 43.57
C MET G 26 -9.04 -3.54 44.68
N ARG G 27 -9.50 -2.91 45.75
CA ARG G 27 -8.69 -2.85 46.97
C ARG G 27 -9.11 -3.99 47.90
N LEU G 28 -8.19 -4.89 48.19
CA LEU G 28 -8.50 -6.12 48.89
C LEU G 28 -7.68 -6.25 50.17
N THR G 29 -8.15 -7.07 51.10
CA THR G 29 -7.37 -7.35 52.31
C THR G 29 -6.43 -8.56 52.16
N CYS G 30 -5.26 -8.49 52.77
CA CYS G 30 -4.41 -9.67 52.88
C CYS G 30 -4.83 -10.48 54.09
N SER G 31 -4.49 -11.75 54.11
CA SER G 31 -4.61 -12.53 55.33
C SER G 31 -3.32 -12.27 56.13
N PRO G 32 -3.42 -12.24 57.48
CA PRO G 32 -2.24 -12.15 58.35
C PRO G 32 -1.07 -13.09 57.98
N ASN G 33 -1.35 -14.21 57.30
CA ASN G 33 -0.28 -15.11 56.84
C ASN G 33 0.61 -14.55 55.73
N ILE G 34 0.33 -13.33 55.26
CA ILE G 34 1.09 -12.74 54.17
C ILE G 34 1.85 -11.50 54.63
N ASP G 35 3.19 -11.54 54.48
CA ASP G 35 4.03 -10.36 54.69
C ASP G 35 3.80 -9.39 53.52
N ALA G 36 2.76 -8.57 53.65
CA ALA G 36 2.36 -7.68 52.60
C ALA G 36 3.48 -6.73 52.24
N ALA G 37 4.45 -6.58 53.13
CA ALA G 37 5.56 -5.65 52.91
C ALA G 37 6.42 -6.12 51.74
N SER G 38 6.58 -7.44 51.64
CA SER G 38 7.51 -8.01 50.66
C SER G 38 6.85 -8.48 49.33
N LEU G 39 5.55 -8.28 49.19
CA LEU G 39 4.89 -8.54 47.91
C LEU G 39 5.49 -7.68 46.79
N LYS G 40 5.72 -8.29 45.63
CA LYS G 40 6.27 -7.57 44.46
C LYS G 40 5.19 -7.00 43.48
N LYS G 41 5.34 -5.75 43.04
CA LYS G 41 4.40 -5.20 42.06
C LYS G 41 4.45 -6.09 40.81
N GLY G 42 3.27 -6.44 40.34
CA GLY G 42 3.12 -7.32 39.18
C GLY G 42 2.83 -8.77 39.56
N GLN G 43 3.04 -9.10 40.83
CA GLN G 43 3.01 -10.50 41.28
C GLN G 43 1.60 -11.10 41.20
N THR G 44 1.51 -12.37 40.80
CA THR G 44 0.26 -13.09 40.92
C THR G 44 -0.06 -13.34 42.45
N VAL G 45 -1.29 -13.10 42.87
CA VAL G 45 -1.73 -13.41 44.22
C VAL G 45 -2.96 -14.30 44.07
N ARG G 46 -3.18 -15.17 45.05
CA ARG G 46 -4.41 -15.97 45.06
C ARG G 46 -5.40 -15.39 46.05
N LEU G 47 -6.67 -15.46 45.66
CA LEU G 47 -7.74 -14.84 46.37
C LEU G 47 -8.60 -15.98 46.83
N ASN G 48 -9.24 -15.88 48.01
CA ASN G 48 -10.28 -16.85 48.31
C ASN G 48 -11.60 -16.31 47.85
N GLU G 49 -12.65 -17.04 48.18
CA GLU G 49 -14.04 -16.72 47.80
C GLU G 49 -14.56 -15.36 48.34
N ALA G 50 -14.00 -14.89 49.45
CA ALA G 50 -14.34 -13.57 49.96
C ALA G 50 -13.45 -12.42 49.38
N LEU G 51 -12.50 -12.76 48.51
CA LEU G 51 -11.57 -11.79 47.89
C LEU G 51 -10.46 -11.34 48.83
N THR G 52 -10.14 -12.17 49.81
CA THR G 52 -9.04 -11.86 50.67
C THR G 52 -7.86 -12.45 49.94
N VAL G 53 -6.72 -11.77 49.97
CA VAL G 53 -5.52 -12.32 49.35
C VAL G 53 -4.89 -13.28 50.33
N VAL G 54 -4.73 -14.53 49.90
CA VAL G 54 -4.30 -15.59 50.80
C VAL G 54 -2.93 -16.18 50.47
N GLU G 55 -2.46 -16.00 49.22
CA GLU G 55 -1.14 -16.53 48.87
C GLU G 55 -0.50 -15.69 47.75
N ALA G 56 0.81 -15.54 47.81
CA ALA G 56 1.59 -14.80 46.82
C ALA G 56 2.30 -15.78 45.87
N GLY G 57 2.11 -15.59 44.56
CA GLY G 57 2.66 -16.51 43.57
C GLY G 57 3.85 -15.91 42.86
N THR G 58 4.01 -16.23 41.58
CA THR G 58 5.09 -15.63 40.80
C THR G 58 4.52 -14.56 39.87
N PHE G 59 4.77 -14.67 38.56
CA PHE G 59 4.37 -13.62 37.61
C PHE G 59 3.71 -14.26 36.38
N GLU G 60 2.75 -13.57 35.77
CA GLU G 60 2.18 -14.01 34.49
C GLU G 60 3.35 -14.34 33.57
N ALA G 61 3.27 -15.50 32.92
CA ALA G 61 4.35 -16.03 32.07
C ALA G 61 3.97 -16.25 30.61
N VAL G 62 2.70 -16.07 30.26
CA VAL G 62 2.27 -16.23 28.86
C VAL G 62 1.37 -15.02 28.59
N GLY G 63 1.25 -14.61 27.33
CA GLY G 63 0.43 -13.45 27.06
C GLY G 63 0.97 -12.71 25.86
N GLU G 64 0.44 -11.51 25.68
CA GLU G 64 0.77 -10.66 24.55
C GLU G 64 2.18 -10.12 24.73
N ILE G 65 2.90 -10.00 23.63
CA ILE G 65 4.23 -9.34 23.57
C ILE G 65 4.07 -7.94 22.97
N SER G 66 4.71 -6.93 23.59
CA SER G 66 4.85 -5.61 22.98
C SER G 66 6.27 -5.14 23.07
N THR G 67 6.62 -4.19 22.20
CA THR G 67 7.97 -3.65 22.13
C THR G 67 8.18 -2.46 23.03
N LEU G 68 9.26 -2.43 23.81
CA LEU G 68 9.53 -1.28 24.67
C LEU G 68 10.00 -0.11 23.81
N ARG G 69 9.29 1.00 23.87
CA ARG G 69 9.78 2.27 23.34
C ARG G 69 10.76 2.96 24.30
N GLU G 70 10.31 3.19 25.55
CA GLU G 70 11.12 3.86 26.56
C GLU G 70 10.51 3.68 27.96
N ILE G 71 11.38 3.67 28.95
CA ILE G 71 10.98 3.75 30.34
C ILE G 71 10.71 5.21 30.61
N LEU G 72 9.58 5.52 31.23
CA LEU G 72 9.22 6.90 31.56
C LEU G 72 10.10 7.47 32.68
N ALA G 73 10.00 8.79 32.88
CA ALA G 73 10.83 9.55 33.84
C ALA G 73 10.79 8.94 35.26
N ASP G 74 9.62 8.48 35.68
CA ASP G 74 9.46 7.94 37.03
C ASP G 74 10.18 6.60 37.24
N GLY G 75 10.70 6.01 36.17
CA GLY G 75 11.38 4.69 36.23
C GLY G 75 10.53 3.45 36.54
N HIS G 76 9.24 3.61 36.70
CA HIS G 76 8.36 2.46 37.03
C HIS G 76 7.31 2.17 35.95
N ARG G 77 7.25 3.05 34.95
CA ARG G 77 6.31 2.87 33.82
C ARG G 77 7.07 2.86 32.53
N ALA G 78 6.50 2.19 31.53
CA ALA G 78 7.10 2.10 30.21
C ALA G 78 6.06 2.39 29.16
N LEU G 79 6.51 3.05 28.10
CA LEU G 79 5.70 3.20 26.92
C LEU G 79 6.06 2.04 26.01
N VAL G 80 5.03 1.26 25.65
CA VAL G 80 5.21 0.06 24.84
C VAL G 80 4.34 0.16 23.55
N VAL G 81 4.80 -0.47 22.48
CA VAL G 81 4.18 -0.40 21.17
C VAL G 81 3.74 -1.78 20.75
N GLY G 82 2.44 -1.98 20.57
CA GLY G 82 1.89 -3.30 20.28
C GLY G 82 1.87 -3.62 18.78
N HIS G 83 1.22 -4.72 18.42
CA HIS G 83 1.33 -5.31 17.07
C HIS G 83 0.76 -4.51 15.88
N ALA G 84 -0.16 -3.57 16.16
CA ALA G 84 -0.69 -2.68 15.14
C ALA G 84 -0.32 -1.22 15.45
N ASP G 85 0.87 -1.05 16.02
CA ASP G 85 1.37 0.27 16.44
C ASP G 85 0.51 0.99 17.49
N GLU G 86 -0.29 0.23 18.22
CA GLU G 86 -1.02 0.79 19.32
C GLU G 86 -0.01 1.05 20.47
N GLU G 87 -0.03 2.24 21.04
CA GLU G 87 0.92 2.58 22.10
C GLU G 87 0.19 2.56 23.45
N ARG G 88 0.88 2.15 24.50
CA ARG G 88 0.25 2.06 25.83
C ARG G 88 1.34 2.36 26.84
N VAL G 89 0.93 2.89 27.99
CA VAL G 89 1.80 2.96 29.20
C VAL G 89 1.43 1.79 30.13
N VAL G 90 2.41 0.99 30.52
CA VAL G 90 2.18 -0.15 31.42
C VAL G 90 3.11 0.10 32.65
N TRP G 91 2.78 -0.48 33.82
CA TRP G 91 3.70 -0.51 34.95
C TRP G 91 4.68 -1.62 34.68
N LEU G 92 5.88 -1.49 35.24
CA LEU G 92 6.90 -2.55 35.11
C LEU G 92 6.95 -3.41 36.39
N ALA G 93 6.85 -4.73 36.25
CA ALA G 93 6.92 -5.62 37.39
C ALA G 93 8.30 -5.41 38.03
N ASP G 94 8.34 -5.47 39.36
CA ASP G 94 9.57 -5.25 40.15
C ASP G 94 10.86 -5.93 39.65
N PRO G 95 10.79 -7.20 39.26
CA PRO G 95 12.03 -7.79 38.76
C PRO G 95 12.62 -7.05 37.55
N LEU G 96 11.77 -6.37 36.76
CA LEU G 96 12.21 -5.74 35.51
C LEU G 96 13.09 -4.52 35.74
N ILE G 97 12.92 -3.90 36.91
CA ILE G 97 13.62 -2.67 37.26
C ILE G 97 14.50 -2.78 38.51
N ALA G 98 14.84 -4.03 38.89
CA ALA G 98 15.70 -4.29 40.06
C ALA G 98 17.08 -3.61 39.92
N GLU G 99 17.35 -2.63 40.80
CA GLU G 99 18.57 -1.79 40.76
C GLU G 99 19.87 -2.62 40.67
N ASP G 100 19.84 -3.88 41.10
CA ASP G 100 20.99 -4.77 40.97
C ASP G 100 21.14 -5.50 39.62
N LEU G 101 20.41 -5.07 38.59
CA LEU G 101 20.53 -5.68 37.26
C LEU G 101 21.73 -5.11 36.54
N PRO G 102 22.50 -5.98 35.85
CA PRO G 102 23.58 -5.51 34.99
C PRO G 102 22.98 -4.96 33.72
N ASP G 103 23.61 -3.97 33.10
CA ASP G 103 23.16 -3.59 31.75
C ASP G 103 24.10 -4.19 30.75
N GLY G 104 23.56 -4.80 29.70
CA GLY G 104 24.37 -5.45 28.68
C GLY G 104 25.05 -6.72 29.16
N THR G 113 19.53 -12.53 26.63
CA THR G 113 19.62 -13.94 26.95
C THR G 113 19.47 -14.24 28.47
N ARG G 114 20.26 -13.54 29.28
CA ARG G 114 20.24 -13.62 30.75
C ARG G 114 19.74 -12.26 31.27
N PRO G 115 19.24 -12.20 32.52
CA PRO G 115 18.64 -10.95 33.02
C PRO G 115 19.56 -9.73 32.98
N ARG G 116 19.04 -8.63 32.44
CA ARG G 116 19.79 -7.38 32.29
C ARG G 116 18.78 -6.26 32.31
N LYS G 117 19.26 -5.03 32.44
CA LYS G 117 18.45 -3.81 32.36
C LYS G 117 17.76 -3.69 30.99
N LEU G 118 16.62 -3.00 30.94
CA LEU G 118 15.81 -2.96 29.74
C LEU G 118 16.32 -1.86 28.80
N ARG G 119 16.19 -2.07 27.49
CA ARG G 119 16.55 -1.03 26.52
C ARG G 119 15.44 -0.90 25.48
N PRO G 120 15.36 0.24 24.79
CA PRO G 120 14.39 0.37 23.71
C PRO G 120 14.55 -0.74 22.70
N GLY G 121 13.43 -1.26 22.21
CA GLY G 121 13.47 -2.36 21.26
C GLY G 121 13.30 -3.71 21.90
N ASP G 122 13.38 -3.80 23.23
CA ASP G 122 13.19 -5.10 23.89
C ASP G 122 11.70 -5.56 23.74
N SER G 123 11.46 -6.87 23.61
CA SER G 123 10.08 -7.37 23.57
C SER G 123 9.68 -7.70 25.05
N LEU G 124 8.53 -7.21 25.47
CA LEU G 124 8.07 -7.47 26.85
C LEU G 124 6.76 -8.24 26.80
N LEU G 125 6.69 -9.30 27.60
CA LEU G 125 5.40 -9.91 27.92
C LEU G 125 4.57 -8.91 28.71
N VAL G 126 3.33 -8.69 28.30
CA VAL G 126 2.46 -7.66 28.91
C VAL G 126 1.04 -8.21 29.10
N ASP G 127 0.31 -7.55 29.99
CA ASP G 127 -1.11 -7.79 30.17
C ASP G 127 -1.70 -6.41 30.12
N THR G 128 -2.31 -6.05 29.00
CA THR G 128 -2.83 -4.70 28.82
C THR G 128 -4.11 -4.39 29.62
N LYS G 129 -4.85 -5.42 30.04
CA LYS G 129 -5.98 -5.23 31.02
C LYS G 129 -5.46 -4.81 32.38
N ALA G 130 -4.58 -5.65 32.96
CA ALA G 130 -3.98 -5.30 34.25
C ALA G 130 -3.00 -4.15 34.13
N GLY G 131 -2.50 -3.91 32.92
CA GLY G 131 -1.61 -2.77 32.69
C GLY G 131 -0.20 -2.95 33.21
N TYR G 132 0.35 -4.15 33.05
CA TYR G 132 1.72 -4.49 33.51
C TYR G 132 2.55 -5.18 32.44
N ALA G 133 3.86 -4.93 32.49
CA ALA G 133 4.86 -5.75 31.82
C ALA G 133 5.54 -6.68 32.85
N PHE G 134 5.85 -7.90 32.47
CA PHE G 134 6.34 -8.87 33.45
C PHE G 134 7.74 -9.38 33.15
N GLU G 135 8.09 -9.46 31.87
CA GLU G 135 9.24 -10.29 31.50
C GLU G 135 9.83 -9.81 30.18
N ARG G 136 11.15 -9.78 30.05
CA ARG G 136 11.76 -9.61 28.74
C ARG G 136 11.82 -10.94 27.99
N ILE G 137 11.31 -10.94 26.75
CA ILE G 137 11.32 -12.12 25.90
C ILE G 137 12.38 -11.90 24.82
N PRO G 138 13.52 -12.65 24.88
CA PRO G 138 14.55 -12.61 23.85
C PRO G 138 14.01 -13.05 22.49
N LYS G 139 14.55 -12.46 21.43
CA LYS G 139 14.21 -12.92 20.09
C LYS G 139 15.48 -13.38 19.36
N ALA G 140 15.47 -14.60 18.81
CA ALA G 140 16.54 -15.03 17.91
C ALA G 140 16.58 -14.20 16.62
N GLU G 141 17.75 -14.19 15.97
CA GLU G 141 17.94 -13.50 14.69
C GLU G 141 17.15 -14.27 13.67
N VAL G 142 16.43 -13.56 12.81
CA VAL G 142 15.61 -14.24 11.82
C VAL G 142 16.42 -15.22 10.95
N GLU G 143 17.67 -14.90 10.67
CA GLU G 143 18.51 -15.79 9.85
C GLU G 143 18.90 -17.10 10.54
N ASP G 144 19.09 -17.10 11.86
CA ASP G 144 19.29 -18.33 12.57
C ASP G 144 18.03 -19.18 12.60
N LEU G 145 16.87 -18.52 12.74
CA LEU G 145 15.57 -19.21 12.75
C LEU G 145 15.27 -19.76 11.36
N VAL G 146 15.55 -18.94 10.33
CA VAL G 146 15.29 -19.35 8.94
C VAL G 146 16.15 -20.56 8.61
N LEU G 147 17.41 -20.48 8.98
CA LEU G 147 18.32 -21.59 8.87
C LEU G 147 17.77 -22.85 9.53
N GLU G 148 17.23 -22.71 10.74
CA GLU G 148 16.68 -23.88 11.44
C GLU G 148 15.42 -24.45 10.80
N GLU G 149 14.62 -23.58 10.23
CA GLU G 149 13.50 -24.02 9.44
C GLU G 149 13.99 -24.80 8.21
N LEU G 150 15.08 -24.37 7.59
CA LEU G 150 15.56 -25.07 6.37
C LEU G 150 16.44 -26.32 6.62
N VAL G 151 17.24 -26.31 7.68
CA VAL G 151 18.08 -27.49 7.96
C VAL G 151 17.76 -28.07 9.33
N PRO H 2 -14.02 -5.92 50.48
CA PRO H 2 -13.34 -5.35 49.28
C PRO H 2 -13.93 -4.00 48.82
N SER H 3 -13.06 -3.17 48.22
CA SER H 3 -13.46 -1.91 47.62
C SER H 3 -13.35 -2.04 46.08
N GLY H 4 -14.25 -1.39 45.35
CA GLY H 4 -14.09 -1.17 43.91
C GLY H 4 -13.51 0.20 43.60
N TYR H 5 -13.36 0.50 42.31
CA TYR H 5 -12.87 1.82 41.90
C TYR H 5 -13.66 2.37 40.72
N GLY H 6 -13.48 3.66 40.47
CA GLY H 6 -14.16 4.34 39.41
C GLY H 6 -13.43 5.61 39.02
N VAL H 7 -13.88 6.23 37.93
CA VAL H 7 -13.36 7.53 37.53
C VAL H 7 -14.40 8.56 37.82
N LEU H 8 -14.01 9.64 38.47
CA LEU H 8 -14.96 10.70 38.74
C LEU H 8 -15.14 11.53 37.48
N LEU H 9 -16.36 11.56 36.95
CA LEU H 9 -16.71 12.26 35.74
C LEU H 9 -17.18 13.67 36.00
N ALA H 10 -18.00 13.82 37.05
CA ALA H 10 -18.61 15.12 37.35
C ALA H 10 -19.10 15.19 38.80
N THR H 11 -19.27 16.40 39.29
CA THR H 11 -19.75 16.61 40.62
C THR H 11 -21.03 17.37 40.50
N HIS H 12 -21.85 17.26 41.51
CA HIS H 12 -23.14 17.88 41.47
C HIS H 12 -23.25 18.72 42.72
N ASP H 13 -24.15 19.70 42.69
CA ASP H 13 -24.37 20.54 43.84
C ASP H 13 -25.14 19.83 44.96
N ASP H 14 -25.04 18.50 45.03
CA ASP H 14 -25.72 17.78 46.11
C ASP H 14 -24.95 16.67 46.77
N ASP H 15 -23.64 16.68 46.72
CA ASP H 15 -22.92 15.64 47.41
C ASP H 15 -23.13 14.28 46.71
N THR H 16 -23.66 14.26 45.49
CA THR H 16 -23.52 13.09 44.59
C THR H 16 -22.59 13.42 43.43
N VAL H 17 -22.10 12.37 42.81
CA VAL H 17 -21.12 12.50 41.74
C VAL H 17 -21.40 11.51 40.61
N ASP H 18 -21.07 11.92 39.38
CA ASP H 18 -21.05 10.96 38.29
C ASP H 18 -19.74 10.22 38.28
N VAL H 19 -19.83 8.89 38.29
CA VAL H 19 -18.68 8.02 38.31
C VAL H 19 -18.81 6.96 37.21
N PHE H 20 -17.70 6.66 36.53
CA PHE H 20 -17.68 5.55 35.62
C PHE H 20 -17.01 4.37 36.30
N THR H 21 -17.80 3.32 36.52
CA THR H 21 -17.30 2.16 37.24
C THR H 21 -18.03 0.92 36.73
N SER H 22 -17.42 -0.27 36.84
CA SER H 22 -18.02 -1.49 36.28
C SER H 22 -18.51 -1.30 34.84
N GLY H 23 -17.78 -0.51 34.07
CA GLY H 23 -18.14 -0.31 32.68
C GLY H 23 -19.39 0.50 32.42
N ARG H 24 -19.87 1.27 33.39
CA ARG H 24 -21.01 2.14 33.14
C ARG H 24 -20.96 3.41 33.98
N LYS H 25 -21.72 4.40 33.54
CA LYS H 25 -21.78 5.70 34.16
C LYS H 25 -22.87 5.60 35.23
N MET H 26 -22.57 6.08 36.43
CA MET H 26 -23.51 5.99 37.58
C MET H 26 -23.51 7.28 38.40
N ARG H 27 -24.65 7.60 39.01
CA ARG H 27 -24.72 8.73 39.92
C ARG H 27 -24.72 8.15 41.32
N LEU H 28 -23.67 8.48 42.07
CA LEU H 28 -23.35 7.83 43.33
C LEU H 28 -23.30 8.86 44.50
N THR H 29 -23.60 8.41 45.71
CA THR H 29 -23.51 9.30 46.86
C THR H 29 -22.09 9.31 47.43
N CYS H 30 -21.67 10.41 48.01
CA CYS H 30 -20.39 10.50 48.65
C CYS H 30 -20.48 10.36 50.13
N SER H 31 -19.49 9.70 50.72
CA SER H 31 -19.41 9.57 52.16
C SER H 31 -18.84 10.84 52.79
N PRO H 32 -18.99 10.94 54.12
CA PRO H 32 -18.51 12.10 54.91
C PRO H 32 -16.98 12.29 54.85
N ASN H 33 -16.26 11.19 54.62
CA ASN H 33 -14.84 11.22 54.24
C ASN H 33 -14.51 12.10 53.04
N ILE H 34 -15.47 12.28 52.16
CA ILE H 34 -15.24 13.03 50.95
C ILE H 34 -15.42 14.52 51.13
N ASP H 35 -14.40 15.26 50.80
CA ASP H 35 -14.46 16.68 50.84
C ASP H 35 -14.75 17.15 49.43
N ALA H 36 -16.01 17.17 49.05
CA ALA H 36 -16.39 17.45 47.69
C ALA H 36 -15.89 18.76 47.12
N ALA H 37 -15.25 19.55 47.96
CA ALA H 37 -14.54 20.74 47.50
C ALA H 37 -13.15 20.40 46.97
N SER H 38 -12.56 19.32 47.44
CA SER H 38 -11.25 18.93 46.96
C SER H 38 -11.30 18.04 45.70
N LEU H 39 -12.48 17.77 45.16
CA LEU H 39 -12.61 16.75 44.09
C LEU H 39 -12.25 17.23 42.69
N LYS H 40 -11.53 16.39 41.95
CA LYS H 40 -11.04 16.82 40.64
C LYS H 40 -11.61 15.94 39.56
N LYS H 41 -12.19 16.56 38.53
CA LYS H 41 -12.62 15.80 37.36
C LYS H 41 -11.49 14.88 36.84
N GLY H 42 -11.82 13.60 36.69
CA GLY H 42 -10.91 12.60 36.14
C GLY H 42 -10.29 11.77 37.23
N GLN H 43 -10.51 12.20 38.48
CA GLN H 43 -9.87 11.56 39.62
C GLN H 43 -10.34 10.13 39.86
N THR H 44 -9.46 9.23 40.27
CA THR H 44 -9.89 7.92 40.69
C THR H 44 -10.67 7.99 42.06
N VAL H 45 -11.77 7.27 42.17
CA VAL H 45 -12.47 7.19 43.47
C VAL H 45 -12.59 5.76 43.91
N ARG H 46 -12.74 5.55 45.21
CA ARG H 46 -12.88 4.22 45.77
C ARG H 46 -14.32 4.07 46.25
N LEU H 47 -14.90 2.89 46.00
CA LEU H 47 -16.31 2.68 46.23
C LEU H 47 -16.41 1.49 47.17
N ASN H 48 -17.30 1.57 48.16
CA ASN H 48 -17.51 0.41 48.98
C ASN H 48 -18.61 -0.42 48.31
N GLU H 49 -19.03 -1.48 48.99
CA GLU H 49 -19.91 -2.44 48.35
C GLU H 49 -21.29 -1.95 48.04
N ALA H 50 -21.74 -0.89 48.74
CA ALA H 50 -23.03 -0.24 48.44
C ALA H 50 -22.89 0.78 47.33
N LEU H 51 -21.67 0.93 46.81
CA LEU H 51 -21.36 1.89 45.72
C LEU H 51 -21.29 3.31 46.24
N THR H 52 -21.05 3.45 47.55
CA THR H 52 -20.76 4.78 48.09
C THR H 52 -19.30 5.11 47.80
N VAL H 53 -19.07 6.35 47.36
CA VAL H 53 -17.73 6.89 47.25
C VAL H 53 -17.11 7.22 48.60
N VAL H 54 -16.19 6.40 49.03
CA VAL H 54 -15.58 6.53 50.31
C VAL H 54 -14.20 7.17 50.36
N GLU H 55 -13.57 7.40 49.21
CA GLU H 55 -12.24 8.00 49.16
C GLU H 55 -11.89 8.50 47.74
N ALA H 56 -11.23 9.64 47.66
CA ALA H 56 -10.74 10.22 46.43
C ALA H 56 -9.29 9.88 46.31
N GLY H 57 -8.85 9.53 45.12
CA GLY H 57 -7.50 9.05 44.91
C GLY H 57 -6.70 9.90 44.00
N THR H 58 -5.79 9.30 43.25
CA THR H 58 -5.01 10.05 42.27
C THR H 58 -5.68 9.99 40.90
N PHE H 59 -4.91 9.63 39.88
CA PHE H 59 -5.41 9.51 38.52
C PHE H 59 -4.91 8.21 37.84
N GLU H 60 -5.66 7.62 36.90
CA GLU H 60 -5.17 6.45 36.17
C GLU H 60 -3.78 6.82 35.63
N ALA H 61 -2.85 5.87 35.70
CA ALA H 61 -1.47 6.10 35.33
C ALA H 61 -0.94 5.14 34.25
N VAL H 62 -1.78 4.17 33.86
CA VAL H 62 -1.45 3.20 32.85
C VAL H 62 -2.64 3.12 31.88
N GLY H 63 -2.39 2.61 30.67
CA GLY H 63 -3.45 2.53 29.67
C GLY H 63 -2.98 3.06 28.31
N GLU H 64 -3.94 3.23 27.43
CA GLU H 64 -3.81 3.63 26.03
C GLU H 64 -3.30 5.06 25.83
N ILE H 65 -2.44 5.26 24.85
CA ILE H 65 -2.00 6.61 24.45
C ILE H 65 -2.70 6.99 23.15
N SER H 66 -3.15 8.25 23.07
CA SER H 66 -3.65 8.86 21.87
C SER H 66 -3.03 10.21 21.66
N THR H 67 -3.13 10.72 20.43
CA THR H 67 -2.52 11.96 20.10
C THR H 67 -3.56 13.04 20.18
N LEU H 68 -3.22 14.12 20.85
CA LEU H 68 -4.11 15.25 20.88
C LEU H 68 -4.14 15.94 19.51
N ARG H 69 -5.33 16.11 18.92
CA ARG H 69 -5.49 16.97 17.74
C ARG H 69 -5.75 18.40 18.18
N GLU H 70 -6.77 18.60 19.02
CA GLU H 70 -7.16 19.91 19.50
C GLU H 70 -8.09 19.87 20.73
N ILE H 71 -7.97 20.90 21.54
CA ILE H 71 -8.88 21.16 22.64
C ILE H 71 -10.12 21.84 22.07
N LEU H 72 -11.29 21.31 22.42
CA LEU H 72 -12.56 21.84 21.91
C LEU H 72 -12.76 23.26 22.49
N ALA H 73 -13.64 24.02 21.84
CA ALA H 73 -13.92 25.42 22.23
C ALA H 73 -14.30 25.57 23.72
N ASP H 74 -14.88 24.54 24.32
CA ASP H 74 -15.33 24.59 25.73
C ASP H 74 -14.16 24.52 26.69
N GLY H 75 -13.00 24.14 26.17
CA GLY H 75 -11.80 24.09 26.98
C GLY H 75 -11.71 22.88 27.90
N HIS H 76 -12.75 22.05 27.97
CA HIS H 76 -12.69 20.86 28.88
C HIS H 76 -12.67 19.51 28.20
N ARG H 77 -12.77 19.53 26.88
CA ARG H 77 -12.75 18.32 26.08
C ARG H 77 -11.70 18.42 24.96
N ALA H 78 -11.20 17.26 24.50
CA ALA H 78 -10.14 17.17 23.48
C ALA H 78 -10.54 16.17 22.43
N LEU H 79 -10.18 16.48 21.17
CA LEU H 79 -10.25 15.52 20.07
C LEU H 79 -8.90 14.87 19.97
N VAL H 80 -8.86 13.56 20.20
CA VAL H 80 -7.65 12.78 20.15
C VAL H 80 -7.77 11.74 19.02
N VAL H 81 -6.62 11.27 18.53
CA VAL H 81 -6.57 10.36 17.42
C VAL H 81 -5.71 9.22 17.88
N GLY H 82 -6.25 8.03 17.81
CA GLY H 82 -5.57 6.86 18.33
C GLY H 82 -4.81 6.07 17.30
N HIS H 83 -4.55 4.81 17.64
CA HIS H 83 -3.53 4.01 16.95
C HIS H 83 -3.83 3.73 15.47
N ALA H 84 -5.09 3.48 15.19
CA ALA H 84 -5.56 3.21 13.85
C ALA H 84 -6.35 4.39 13.24
N ASP H 85 -5.92 5.61 13.53
CA ASP H 85 -6.57 6.84 13.11
C ASP H 85 -8.02 7.02 13.63
N GLU H 86 -8.40 6.26 14.62
CA GLU H 86 -9.68 6.38 15.25
C GLU H 86 -9.73 7.69 16.03
N GLU H 87 -10.68 8.53 15.74
CA GLU H 87 -10.85 9.77 16.45
C GLU H 87 -11.93 9.70 17.56
N ARG H 88 -11.65 10.38 18.65
CA ARG H 88 -12.57 10.38 19.78
C ARG H 88 -12.57 11.73 20.44
N VAL H 89 -13.67 12.09 21.08
CA VAL H 89 -13.69 13.19 22.02
C VAL H 89 -13.60 12.62 23.47
N VAL H 90 -12.70 13.21 24.25
CA VAL H 90 -12.58 12.86 25.67
C VAL H 90 -12.61 14.10 26.56
N TRP H 91 -12.92 13.89 27.84
CA TRP H 91 -12.85 14.96 28.83
C TRP H 91 -11.39 15.11 29.23
N LEU H 92 -11.00 16.34 29.61
CA LEU H 92 -9.64 16.55 30.06
C LEU H 92 -9.64 16.53 31.58
N ALA H 93 -8.87 15.63 32.20
CA ALA H 93 -8.76 15.66 33.71
C ALA H 93 -8.32 17.06 34.21
N ASP H 94 -8.79 17.50 35.38
CA ASP H 94 -8.56 18.89 35.86
C ASP H 94 -7.12 19.40 35.81
N PRO H 95 -6.15 18.60 36.26
CA PRO H 95 -4.81 19.15 36.19
C PRO H 95 -4.26 19.41 34.76
N LEU H 96 -4.88 18.82 33.73
CA LEU H 96 -4.38 19.02 32.38
C LEU H 96 -4.68 20.42 31.91
N ILE H 97 -5.66 21.04 32.54
CA ILE H 97 -6.15 22.33 32.12
C ILE H 97 -6.12 23.42 33.23
N ALA H 98 -5.43 23.19 34.33
CA ALA H 98 -5.37 24.18 35.43
C ALA H 98 -4.79 25.53 34.96
N GLU H 99 -5.47 26.63 35.29
CA GLU H 99 -5.07 27.96 34.82
C GLU H 99 -3.61 28.32 35.03
N ASP H 100 -2.98 27.78 36.07
CA ASP H 100 -1.60 28.16 36.42
C ASP H 100 -0.52 27.40 35.62
N LEU H 101 -0.95 26.60 34.66
CA LEU H 101 -0.01 25.90 33.78
C LEU H 101 0.66 26.91 32.83
N PRO H 102 2.00 26.86 32.71
CA PRO H 102 2.68 27.74 31.74
C PRO H 102 2.45 27.31 30.29
N ASP H 103 2.61 28.22 29.33
CA ASP H 103 2.50 27.85 27.91
C ASP H 103 3.84 27.87 27.18
N THR H 113 9.02 17.34 28.96
CA THR H 113 9.65 17.12 30.26
C THR H 113 8.67 17.31 31.43
N ARG H 114 8.46 18.57 31.83
CA ARG H 114 7.58 18.93 32.95
C ARG H 114 6.30 19.65 32.48
N PRO H 115 5.34 19.84 33.41
CA PRO H 115 3.99 20.37 33.18
C PRO H 115 3.85 21.69 32.42
N ARG H 116 2.96 21.68 31.43
CA ARG H 116 2.61 22.86 30.64
C ARG H 116 1.21 22.68 30.02
N LYS H 117 0.69 23.78 29.48
CA LYS H 117 -0.47 23.73 28.63
C LYS H 117 -0.23 22.82 27.42
N LEU H 118 -1.30 22.11 27.09
CA LEU H 118 -1.25 21.05 26.11
C LEU H 118 -1.22 21.73 24.76
N ARG H 119 -0.57 21.09 23.80
CA ARG H 119 -0.55 21.56 22.40
C ARG H 119 -0.90 20.43 21.45
N PRO H 120 -1.39 20.75 20.23
CA PRO H 120 -1.66 19.70 19.29
C PRO H 120 -0.40 18.86 19.12
N GLY H 121 -0.58 17.55 18.96
CA GLY H 121 0.54 16.64 18.82
C GLY H 121 1.00 15.97 20.09
N ASP H 122 0.54 16.44 21.26
CA ASP H 122 0.96 15.84 22.54
C ASP H 122 0.39 14.44 22.72
N SER H 123 1.14 13.51 23.31
CA SER H 123 0.57 12.21 23.56
C SER H 123 -0.14 12.29 24.91
N LEU H 124 -1.35 11.73 24.96
CA LEU H 124 -2.17 11.74 26.16
C LEU H 124 -2.53 10.30 26.55
N LEU H 125 -2.37 10.01 27.84
CA LEU H 125 -2.90 8.78 28.42
C LEU H 125 -4.41 8.89 28.50
N VAL H 126 -5.13 8.00 27.84
CA VAL H 126 -6.59 8.07 27.84
C VAL H 126 -7.23 6.76 28.32
N ASP H 127 -8.48 6.86 28.73
CA ASP H 127 -9.31 5.70 29.03
C ASP H 127 -10.51 5.93 28.14
N THR H 128 -10.63 5.20 27.04
CA THR H 128 -11.76 5.44 26.12
C THR H 128 -13.15 5.01 26.63
N LYS H 129 -13.22 4.11 27.62
CA LYS H 129 -14.56 3.70 28.14
C LYS H 129 -15.13 4.78 28.99
N ALA H 130 -14.26 5.35 29.83
CA ALA H 130 -14.66 6.39 30.73
C ALA H 130 -14.70 7.71 30.05
N GLY H 131 -13.99 7.87 28.91
CA GLY H 131 -14.04 9.13 28.16
C GLY H 131 -13.18 10.25 28.69
N TYR H 132 -12.02 9.91 29.26
CA TYR H 132 -11.09 10.86 29.88
C TYR H 132 -9.66 10.69 29.39
N ALA H 133 -8.96 11.83 29.29
CA ALA H 133 -7.50 11.88 29.24
C ALA H 133 -7.04 12.33 30.63
N PHE H 134 -5.90 11.81 31.07
CA PHE H 134 -5.38 12.00 32.43
C PHE H 134 -4.03 12.72 32.53
N GLU H 135 -3.16 12.55 31.53
CA GLU H 135 -1.73 12.83 31.68
C GLU H 135 -1.08 12.99 30.30
N ARG H 136 -0.21 13.99 30.15
CA ARG H 136 0.62 14.11 28.96
C ARG H 136 1.86 13.23 29.10
N ILE H 137 2.14 12.41 28.10
CA ILE H 137 3.27 11.48 28.14
C ILE H 137 4.32 11.98 27.15
N PRO H 138 5.46 12.53 27.66
CA PRO H 138 6.51 13.05 26.78
C PRO H 138 7.06 11.87 25.99
N LYS H 139 7.66 12.15 24.85
CA LYS H 139 8.26 11.06 24.08
C LYS H 139 9.67 11.48 23.71
N ALA H 140 10.64 10.61 24.02
CA ALA H 140 12.03 10.70 23.59
C ALA H 140 12.14 10.71 22.08
N GLU H 141 13.24 11.25 21.57
CA GLU H 141 13.45 11.32 20.13
C GLU H 141 13.81 9.92 19.70
N VAL H 142 13.30 9.47 18.56
CA VAL H 142 13.61 8.11 18.11
C VAL H 142 15.11 7.82 17.99
N GLU H 143 15.91 8.78 17.53
CA GLU H 143 17.35 8.50 17.36
C GLU H 143 18.08 8.31 18.65
N ASP H 144 17.71 9.08 19.69
CA ASP H 144 18.21 8.84 21.04
C ASP H 144 17.89 7.40 21.49
N LEU H 145 16.64 6.98 21.29
CA LEU H 145 16.20 5.62 21.70
C LEU H 145 16.91 4.55 20.90
N VAL H 146 16.96 4.72 19.58
CA VAL H 146 17.68 3.80 18.70
C VAL H 146 19.17 3.76 19.12
N LEU H 147 19.74 4.92 19.42
CA LEU H 147 21.13 4.90 19.88
C LEU H 147 21.26 4.06 21.16
N GLU H 148 20.29 4.21 22.05
CA GLU H 148 20.29 3.48 23.32
C GLU H 148 20.18 1.98 23.13
N GLU H 149 19.36 1.57 22.15
CA GLU H 149 19.25 0.18 21.71
C GLU H 149 20.54 -0.41 21.14
N LEU H 150 21.19 0.33 20.25
CA LEU H 150 22.27 -0.19 19.42
C LEU H 150 23.64 -0.24 20.08
N VAL H 151 23.89 0.65 21.05
CA VAL H 151 25.27 0.92 21.49
C VAL H 151 25.86 -0.27 22.28
N PRO I 2 -27.90 4.77 44.44
CA PRO I 2 -27.22 4.74 43.12
C PRO I 2 -28.20 4.85 41.97
N SER I 3 -27.89 5.71 40.98
CA SER I 3 -28.72 5.86 39.77
C SER I 3 -27.89 5.38 38.58
N GLY I 4 -28.56 4.97 37.51
CA GLY I 4 -27.87 4.54 36.29
C GLY I 4 -28.29 5.55 35.25
N TYR I 5 -27.81 5.40 34.00
CA TYR I 5 -28.16 6.36 32.96
C TYR I 5 -28.50 5.62 31.69
N GLY I 6 -29.22 6.28 30.79
CA GLY I 6 -29.46 5.71 29.48
C GLY I 6 -29.60 6.81 28.43
N VAL I 7 -29.74 6.40 27.17
CA VAL I 7 -30.04 7.34 26.11
C VAL I 7 -31.47 7.11 25.77
N LEU I 8 -32.26 8.19 25.74
CA LEU I 8 -33.61 8.16 25.24
C LEU I 8 -33.71 8.00 23.70
N LEU I 9 -34.36 6.93 23.26
CA LEU I 9 -34.35 6.54 21.87
C LEU I 9 -35.62 7.04 21.26
N ALA I 10 -36.71 6.91 22.02
CA ALA I 10 -38.04 7.24 21.54
C ALA I 10 -39.04 7.36 22.69
N THR I 11 -40.07 8.17 22.49
CA THR I 11 -41.19 8.23 23.42
C THR I 11 -42.40 7.69 22.69
N HIS I 12 -43.30 7.07 23.44
CA HIS I 12 -44.53 6.49 22.88
C HIS I 12 -45.75 7.25 23.34
N ASP I 13 -46.79 7.21 22.52
CA ASP I 13 -48.03 7.93 22.84
C ASP I 13 -48.75 7.33 24.06
N ASP I 14 -48.28 6.18 24.53
CA ASP I 14 -48.76 5.65 25.80
C ASP I 14 -47.88 6.15 26.95
N ASP I 15 -47.00 7.11 26.63
CA ASP I 15 -46.08 7.72 27.63
C ASP I 15 -44.98 6.82 28.24
N THR I 16 -44.75 5.66 27.66
CA THR I 16 -43.56 4.92 28.02
C THR I 16 -42.51 5.34 27.01
N VAL I 17 -41.26 5.00 27.32
CA VAL I 17 -40.16 5.36 26.49
C VAL I 17 -39.27 4.15 26.20
N ASP I 18 -38.58 4.22 25.06
CA ASP I 18 -37.54 3.28 24.74
C ASP I 18 -36.22 3.93 25.18
N VAL I 19 -35.41 3.21 25.96
CA VAL I 19 -34.15 3.79 26.51
C VAL I 19 -33.05 2.78 26.27
N PHE I 20 -31.86 3.26 25.87
CA PHE I 20 -30.70 2.41 25.79
C PHE I 20 -29.82 2.49 27.02
N THR I 21 -29.74 1.39 27.76
CA THR I 21 -29.13 1.41 29.08
C THR I 21 -28.60 0.00 29.35
N SER I 22 -27.47 -0.08 30.04
CA SER I 22 -26.90 -1.39 30.33
C SER I 22 -26.66 -2.20 29.08
N GLY I 23 -26.38 -1.56 27.96
CA GLY I 23 -26.07 -2.27 26.75
C GLY I 23 -27.27 -2.76 25.98
N ARG I 24 -28.48 -2.33 26.31
CA ARG I 24 -29.62 -2.81 25.55
C ARG I 24 -30.80 -1.89 25.62
N LYS I 25 -31.68 -2.07 24.67
CA LYS I 25 -32.85 -1.29 24.49
C LYS I 25 -33.97 -1.84 25.42
N MET I 26 -34.60 -0.94 26.16
CA MET I 26 -35.60 -1.34 27.16
C MET I 26 -36.80 -0.35 27.07
N ARG I 27 -38.00 -0.89 27.24
CA ARG I 27 -39.20 -0.09 27.35
C ARG I 27 -39.42 0.20 28.83
N LEU I 28 -39.43 1.48 29.18
CA LEU I 28 -39.41 1.89 30.59
C LEU I 28 -40.51 2.91 30.80
N THR I 29 -40.83 3.21 32.06
CA THR I 29 -41.80 4.26 32.35
C THR I 29 -41.04 5.44 32.93
N CYS I 30 -41.67 6.60 32.99
CA CYS I 30 -41.12 7.83 33.61
C CYS I 30 -41.84 8.19 34.92
N SER I 31 -41.11 8.65 35.93
CA SER I 31 -41.72 9.16 37.14
C SER I 31 -42.69 10.32 36.78
N PRO I 32 -43.72 10.56 37.65
CA PRO I 32 -44.58 11.77 37.47
C PRO I 32 -43.87 13.13 37.34
N ASN I 33 -42.65 13.28 37.86
CA ASN I 33 -41.86 14.50 37.67
C ASN I 33 -41.52 14.87 36.21
N ILE I 34 -41.77 13.95 35.28
CA ILE I 34 -41.27 14.06 33.91
C ILE I 34 -42.40 14.16 32.87
N ASP I 35 -42.32 15.13 31.99
CA ASP I 35 -43.21 15.17 30.84
C ASP I 35 -42.71 14.45 29.55
N ALA I 36 -42.87 13.13 29.51
CA ALA I 36 -42.40 12.29 28.43
C ALA I 36 -42.45 12.91 27.03
N ALA I 37 -43.42 13.77 26.79
CA ALA I 37 -43.64 14.44 25.51
C ALA I 37 -42.64 15.60 25.21
N SER I 38 -41.97 16.09 26.26
CA SER I 38 -40.95 17.14 26.12
C SER I 38 -39.51 16.58 26.16
N LEU I 39 -39.37 15.27 26.33
CA LEU I 39 -38.06 14.63 26.26
C LEU I 39 -37.55 14.75 24.83
N LYS I 40 -36.22 14.80 24.65
CA LYS I 40 -35.66 14.96 23.30
C LYS I 40 -35.02 13.65 22.85
N LYS I 41 -35.21 13.31 21.58
CA LYS I 41 -34.56 12.11 21.02
C LYS I 41 -33.06 12.22 21.19
N GLY I 42 -32.42 11.19 21.77
CA GLY I 42 -30.96 11.21 22.00
C GLY I 42 -30.57 11.66 23.39
N GLN I 43 -31.54 12.20 24.14
CA GLN I 43 -31.29 12.77 25.46
C GLN I 43 -30.82 11.77 26.48
N THR I 44 -29.87 12.16 27.31
CA THR I 44 -29.54 11.38 28.47
C THR I 44 -30.62 11.44 29.56
N VAL I 45 -31.00 10.28 30.09
CA VAL I 45 -32.00 10.16 31.17
C VAL I 45 -31.34 9.41 32.30
N ARG I 46 -31.62 9.83 33.55
CA ARG I 46 -31.19 9.12 34.76
C ARG I 46 -32.28 8.15 35.25
N LEU I 47 -31.87 7.00 35.77
CA LEU I 47 -32.81 5.90 35.98
C LEU I 47 -32.62 5.60 37.41
N ASN I 48 -33.67 5.32 38.18
CA ASN I 48 -33.46 4.83 39.56
C ASN I 48 -33.25 3.31 39.56
N GLU I 49 -33.15 2.71 40.77
CA GLU I 49 -32.82 1.30 40.87
C GLU I 49 -33.90 0.41 40.23
N ALA I 50 -35.14 0.89 40.20
CA ALA I 50 -36.24 0.15 39.54
C ALA I 50 -36.31 0.43 38.02
N LEU I 51 -35.33 1.18 37.50
CA LEU I 51 -35.25 1.55 36.05
C LEU I 51 -36.36 2.47 35.63
N THR I 52 -36.83 3.27 36.58
CA THR I 52 -37.76 4.33 36.22
C THR I 52 -36.94 5.53 35.77
N VAL I 53 -37.37 6.16 34.69
CA VAL I 53 -36.76 7.44 34.31
C VAL I 53 -37.21 8.57 35.27
N VAL I 54 -36.27 9.08 36.07
CA VAL I 54 -36.58 10.07 37.09
C VAL I 54 -35.95 11.41 36.82
N GLU I 55 -35.07 11.50 35.81
CA GLU I 55 -34.58 12.81 35.42
C GLU I 55 -34.03 12.80 33.98
N ALA I 56 -34.35 13.85 33.22
CA ALA I 56 -33.76 14.06 31.88
C ALA I 56 -32.67 15.14 31.89
N GLY I 57 -31.57 14.85 31.20
CA GLY I 57 -30.31 15.61 31.31
C GLY I 57 -29.99 16.22 29.97
N THR I 58 -28.70 16.26 29.64
CA THR I 58 -28.26 16.79 28.35
C THR I 58 -28.02 15.64 27.40
N PHE I 59 -26.84 15.64 26.74
CA PHE I 59 -26.54 14.64 25.72
C PHE I 59 -25.14 14.14 25.93
N GLU I 60 -24.89 12.89 25.53
CA GLU I 60 -23.51 12.36 25.56
C GLU I 60 -22.56 13.38 24.95
N ALA I 61 -21.45 13.63 25.59
CA ALA I 61 -20.56 14.71 25.14
C ALA I 61 -19.15 14.21 24.88
N VAL I 62 -18.91 12.94 25.15
CA VAL I 62 -17.64 12.29 24.83
C VAL I 62 -17.91 10.96 24.10
N GLY I 63 -16.90 10.46 23.37
CA GLY I 63 -17.08 9.24 22.62
C GLY I 63 -16.44 9.28 21.22
N GLU I 64 -16.75 8.26 20.44
CA GLU I 64 -16.33 8.06 19.07
C GLU I 64 -16.82 9.17 18.12
N ILE I 65 -15.95 9.62 17.22
CA ILE I 65 -16.31 10.52 16.12
C ILE I 65 -16.38 9.76 14.80
N SER I 66 -17.41 10.03 14.01
CA SER I 66 -17.51 9.48 12.67
C SER I 66 -17.85 10.62 11.73
N THR I 67 -17.65 10.40 10.43
CA THR I 67 -17.91 11.39 9.42
C THR I 67 -19.30 11.21 8.79
N LEU I 68 -20.11 12.27 8.77
CA LEU I 68 -21.39 12.22 8.04
C LEU I 68 -21.18 12.02 6.52
N ARG I 69 -21.83 11.02 5.93
CA ARG I 69 -21.90 10.86 4.50
C ARG I 69 -23.13 11.63 4.01
N GLU I 70 -24.32 11.20 4.50
CA GLU I 70 -25.54 11.83 4.14
C GLU I 70 -26.64 11.58 5.16
N ILE I 71 -27.56 12.53 5.24
CA ILE I 71 -28.77 12.33 5.99
C ILE I 71 -29.76 11.57 5.10
N LEU I 72 -30.34 10.51 5.63
CA LEU I 72 -31.35 9.71 4.89
C LEU I 72 -32.62 10.52 4.56
N ALA I 73 -33.40 9.97 3.65
CA ALA I 73 -34.58 10.67 3.13
C ALA I 73 -35.60 11.02 4.23
N ASP I 74 -35.65 10.24 5.34
CA ASP I 74 -36.59 10.53 6.44
C ASP I 74 -36.25 11.75 7.33
N GLY I 75 -35.10 12.36 7.07
CA GLY I 75 -34.56 13.45 7.86
C GLY I 75 -34.07 13.12 9.27
N HIS I 76 -34.29 11.90 9.75
CA HIS I 76 -34.00 11.61 11.17
C HIS I 76 -32.82 10.63 11.42
N ARG I 77 -32.36 9.99 10.34
CA ARG I 77 -31.23 9.07 10.40
C ARG I 77 -30.08 9.60 9.49
N ALA I 78 -28.83 9.23 9.79
CA ALA I 78 -27.68 9.62 8.97
C ALA I 78 -26.84 8.36 8.67
N LEU I 79 -26.25 8.32 7.48
CA LEU I 79 -25.26 7.31 7.15
C LEU I 79 -23.92 7.93 7.54
N VAL I 80 -23.19 7.29 8.44
CA VAL I 80 -21.91 7.83 8.96
C VAL I 80 -20.77 6.88 8.64
N VAL I 81 -19.56 7.43 8.56
CA VAL I 81 -18.40 6.62 8.16
C VAL I 81 -17.33 6.72 9.21
N GLY I 82 -17.02 5.58 9.82
CA GLY I 82 -16.15 5.57 10.95
C GLY I 82 -14.69 5.39 10.57
N HIS I 83 -13.85 5.24 11.59
CA HIS I 83 -12.38 5.30 11.39
C HIS I 83 -11.78 4.36 10.35
N ALA I 84 -12.24 3.11 10.30
CA ALA I 84 -11.72 2.15 9.31
C ALA I 84 -12.68 1.94 8.10
N ASP I 85 -13.37 3.02 7.69
CA ASP I 85 -14.36 2.97 6.58
C ASP I 85 -15.63 2.17 6.87
N GLU I 86 -15.85 1.82 8.13
CA GLU I 86 -17.05 1.12 8.49
C GLU I 86 -18.23 2.11 8.36
N GLU I 87 -19.27 1.74 7.64
CA GLU I 87 -20.44 2.57 7.54
C GLU I 87 -21.53 2.07 8.46
N ARG I 88 -22.31 3.00 8.99
CA ARG I 88 -23.37 2.68 9.92
C ARG I 88 -24.47 3.66 9.66
N VAL I 89 -25.70 3.26 9.99
CA VAL I 89 -26.82 4.21 10.11
C VAL I 89 -27.11 4.47 11.60
N VAL I 90 -27.34 5.74 11.95
CA VAL I 90 -27.58 6.18 13.33
C VAL I 90 -28.77 7.17 13.30
N TRP I 91 -29.47 7.31 14.45
CA TRP I 91 -30.49 8.36 14.62
C TRP I 91 -29.75 9.66 14.90
N LEU I 92 -30.33 10.77 14.48
CA LEU I 92 -29.83 12.09 14.81
C LEU I 92 -30.55 12.62 16.05
N ALA I 93 -29.80 12.94 17.08
CA ALA I 93 -30.37 13.55 18.29
C ALA I 93 -31.10 14.85 17.89
N ASP I 94 -32.21 15.16 18.57
CA ASP I 94 -33.02 16.33 18.17
C ASP I 94 -32.26 17.65 17.91
N PRO I 95 -31.30 18.03 18.75
CA PRO I 95 -30.57 19.27 18.46
C PRO I 95 -29.84 19.31 17.11
N LEU I 96 -29.52 18.16 16.53
CA LEU I 96 -28.78 18.15 15.25
C LEU I 96 -29.66 18.55 14.06
N ILE I 97 -30.96 18.26 14.19
CA ILE I 97 -31.92 18.48 13.13
C ILE I 97 -32.97 19.58 13.44
N ALA I 98 -32.73 20.42 14.44
CA ALA I 98 -33.64 21.55 14.74
C ALA I 98 -33.85 22.48 13.54
N GLU I 99 -35.12 22.72 13.22
CA GLU I 99 -35.53 23.57 12.09
C GLU I 99 -34.89 24.97 12.10
N ASP I 100 -34.54 25.49 13.28
CA ASP I 100 -34.01 26.86 13.36
C ASP I 100 -32.48 27.02 13.27
N LEU I 101 -31.78 25.95 12.90
CA LEU I 101 -30.35 26.03 12.58
C LEU I 101 -30.07 26.76 11.24
N PRO I 102 -29.11 27.69 11.24
CA PRO I 102 -28.59 28.40 10.06
C PRO I 102 -27.95 27.46 9.02
N ASP I 103 -28.26 27.62 7.74
CA ASP I 103 -27.53 26.87 6.72
C ASP I 103 -26.68 27.76 5.82
N THR I 113 -17.72 26.83 13.63
CA THR I 113 -17.78 26.52 15.07
C THR I 113 -19.16 26.80 15.74
N ARG I 114 -19.96 27.67 15.14
CA ARG I 114 -21.34 27.94 15.54
C ARG I 114 -22.21 26.79 15.07
N PRO I 115 -23.31 26.53 15.80
CA PRO I 115 -24.31 25.56 15.34
C PRO I 115 -24.88 25.87 13.95
N ARG I 116 -24.96 24.86 13.11
CA ARG I 116 -25.58 24.99 11.78
C ARG I 116 -26.14 23.67 11.31
N LYS I 117 -26.87 23.73 10.21
CA LYS I 117 -27.42 22.57 9.53
C LYS I 117 -26.25 21.68 9.10
N LEU I 118 -26.42 20.37 9.24
CA LEU I 118 -25.32 19.45 8.94
C LEU I 118 -25.04 19.31 7.45
N ARG I 119 -23.77 19.06 7.13
CA ARG I 119 -23.37 18.81 5.75
C ARG I 119 -22.55 17.56 5.65
N PRO I 120 -22.54 16.95 4.47
CA PRO I 120 -21.66 15.85 4.25
C PRO I 120 -20.24 16.33 4.60
N GLY I 121 -19.48 15.45 5.29
CA GLY I 121 -18.09 15.69 5.73
C GLY I 121 -17.99 16.23 7.14
N ASP I 122 -19.13 16.55 7.76
CA ASP I 122 -19.13 17.00 9.15
C ASP I 122 -18.73 15.82 10.07
N SER I 123 -18.05 16.11 11.17
CA SER I 123 -17.64 15.07 12.12
C SER I 123 -18.75 15.01 13.17
N LEU I 124 -19.24 13.82 13.47
CA LEU I 124 -20.36 13.68 14.45
C LEU I 124 -19.90 12.82 15.64
N LEU I 125 -20.21 13.27 16.84
CA LEU I 125 -20.00 12.39 18.01
C LEU I 125 -21.12 11.35 17.97
N VAL I 126 -20.74 10.07 17.96
CA VAL I 126 -21.69 8.96 17.85
C VAL I 126 -21.48 7.95 18.99
N ASP I 127 -22.54 7.22 19.33
CA ASP I 127 -22.53 6.10 20.24
C ASP I 127 -23.11 5.00 19.38
N THR I 128 -22.26 4.10 18.88
CA THR I 128 -22.73 3.13 17.92
C THR I 128 -23.58 2.02 18.57
N LYS I 129 -23.46 1.83 19.88
CA LYS I 129 -24.25 0.79 20.57
C LYS I 129 -25.66 1.34 20.77
N ALA I 130 -25.81 2.58 21.21
CA ALA I 130 -27.13 3.16 21.27
C ALA I 130 -27.67 3.52 19.89
N GLY I 131 -26.77 3.67 18.90
CA GLY I 131 -27.27 3.96 17.56
C GLY I 131 -27.60 5.44 17.35
N TYR I 132 -26.89 6.33 18.02
CA TYR I 132 -27.19 7.80 17.96
C TYR I 132 -25.96 8.67 17.65
N ALA I 133 -26.21 9.80 16.99
CA ALA I 133 -25.28 10.91 16.82
C ALA I 133 -25.81 12.06 17.71
N PHE I 134 -24.93 12.78 18.39
CA PHE I 134 -25.34 13.75 19.42
C PHE I 134 -24.88 15.18 19.12
N GLU I 135 -23.75 15.33 18.45
CA GLU I 135 -23.12 16.64 18.37
C GLU I 135 -22.20 16.74 17.14
N ARG I 136 -22.25 17.89 16.48
CA ARG I 136 -21.21 18.23 15.47
C ARG I 136 -19.95 18.78 16.13
N ILE I 137 -18.81 18.18 15.82
CA ILE I 137 -17.54 18.54 16.38
C ILE I 137 -16.78 19.28 15.28
N PRO I 138 -16.52 20.57 15.46
CA PRO I 138 -15.76 21.31 14.49
C PRO I 138 -14.32 20.83 14.49
N LYS I 139 -13.65 20.95 13.36
CA LYS I 139 -12.27 20.57 13.28
C LYS I 139 -11.48 21.78 12.81
N ALA I 140 -10.43 22.13 13.52
CA ALA I 140 -9.60 23.25 13.10
C ALA I 140 -8.77 22.80 11.90
N GLU I 141 -8.36 23.77 11.08
CA GLU I 141 -7.40 23.55 9.99
C GLU I 141 -6.10 23.00 10.55
N VAL I 142 -5.57 21.95 9.92
CA VAL I 142 -4.30 21.39 10.28
C VAL I 142 -3.11 22.39 10.32
N GLU I 143 -3.07 23.35 9.37
CA GLU I 143 -2.03 24.39 9.37
C GLU I 143 -2.01 25.15 10.66
N ASP I 144 -3.19 25.46 11.16
CA ASP I 144 -3.35 26.22 12.41
C ASP I 144 -2.92 25.46 13.67
N LEU I 145 -3.27 24.17 13.72
CA LEU I 145 -2.84 23.23 14.78
C LEU I 145 -1.30 23.06 14.79
N VAL I 146 -0.72 22.88 13.61
CA VAL I 146 0.71 22.61 13.51
C VAL I 146 1.50 23.85 13.95
N LEU I 147 1.04 25.01 13.54
CA LEU I 147 1.70 26.24 13.96
C LEU I 147 1.66 26.27 15.48
N GLU I 148 0.49 25.99 16.03
CA GLU I 148 0.32 25.97 17.49
C GLU I 148 1.17 24.93 18.23
N GLU I 149 1.33 23.77 17.62
CA GLU I 149 2.33 22.80 18.06
C GLU I 149 3.75 23.35 18.00
N LEU I 150 4.10 24.04 16.90
CA LEU I 150 5.52 24.41 16.63
C LEU I 150 6.00 25.70 17.24
N VAL I 151 5.11 26.69 17.40
CA VAL I 151 5.51 27.95 18.01
C VAL I 151 5.55 27.82 19.53
N PRO J 2 -39.78 -3.37 33.38
CA PRO J 2 -39.21 -3.03 32.05
C PRO J 2 -39.29 -4.22 31.06
N SER J 3 -39.50 -3.90 29.78
CA SER J 3 -39.48 -4.91 28.72
C SER J 3 -38.29 -4.74 27.78
N GLY J 4 -37.77 -5.86 27.29
CA GLY J 4 -36.62 -5.87 26.35
C GLY J 4 -37.09 -6.22 24.95
N TYR J 5 -36.15 -6.40 24.03
CA TYR J 5 -36.56 -6.51 22.62
C TYR J 5 -35.74 -7.58 21.96
N GLY J 6 -36.17 -8.00 20.80
CA GLY J 6 -35.45 -9.04 20.13
C GLY J 6 -35.84 -9.03 18.68
N VAL J 7 -35.16 -9.85 17.87
CA VAL J 7 -35.44 -9.95 16.45
C VAL J 7 -36.13 -11.27 16.19
N LEU J 8 -37.27 -11.23 15.51
CA LEU J 8 -38.00 -12.44 15.16
C LEU J 8 -37.33 -13.20 14.00
N LEU J 9 -36.91 -14.43 14.29
CA LEU J 9 -36.12 -15.23 13.32
C LEU J 9 -37.00 -16.16 12.54
N ALA J 10 -37.89 -16.87 13.23
CA ALA J 10 -38.87 -17.77 12.61
C ALA J 10 -40.10 -18.01 13.50
N THR J 11 -41.21 -18.40 12.88
CA THR J 11 -42.40 -18.85 13.64
C THR J 11 -42.50 -20.37 13.45
N HIS J 12 -43.11 -21.06 14.42
CA HIS J 12 -43.34 -22.51 14.33
C HIS J 12 -44.85 -22.75 14.29
N ASP J 13 -45.31 -23.96 13.99
CA ASP J 13 -46.77 -24.14 13.90
C ASP J 13 -47.46 -24.45 15.22
N ASP J 14 -46.68 -24.49 16.30
CA ASP J 14 -47.22 -24.55 17.66
C ASP J 14 -47.32 -23.16 18.29
N ASP J 15 -47.17 -22.13 17.46
CA ASP J 15 -47.21 -20.72 17.91
C ASP J 15 -46.15 -20.27 18.98
N THR J 16 -44.98 -20.89 18.94
CA THR J 16 -43.83 -20.34 19.64
C THR J 16 -43.01 -19.66 18.53
N VAL J 17 -42.06 -18.81 18.89
CA VAL J 17 -41.25 -18.15 17.88
C VAL J 17 -39.77 -18.29 18.23
N ASP J 18 -38.90 -18.35 17.22
CA ASP J 18 -37.48 -18.20 17.49
C ASP J 18 -37.17 -16.71 17.41
N VAL J 19 -36.43 -16.25 18.41
CA VAL J 19 -36.09 -14.86 18.61
C VAL J 19 -34.62 -14.73 19.03
N PHE J 20 -33.93 -13.75 18.46
CA PHE J 20 -32.62 -13.36 18.91
C PHE J 20 -32.72 -12.22 19.89
N THR J 21 -32.37 -12.51 21.13
CA THR J 21 -32.40 -11.51 22.18
C THR J 21 -31.29 -11.80 23.20
N SER J 22 -30.83 -10.79 23.94
CA SER J 22 -29.73 -10.93 24.92
C SER J 22 -28.55 -11.70 24.32
N GLY J 23 -28.20 -11.40 23.07
CA GLY J 23 -27.08 -12.09 22.40
C GLY J 23 -27.26 -13.55 22.02
N ARG J 24 -28.46 -14.12 22.14
CA ARG J 24 -28.62 -15.51 21.71
C ARG J 24 -30.01 -15.89 21.16
N LYS J 25 -30.02 -16.97 20.39
CA LYS J 25 -31.21 -17.50 19.81
C LYS J 25 -32.03 -18.27 20.90
N MET J 26 -33.32 -17.97 20.98
CA MET J 26 -34.22 -18.56 21.95
C MET J 26 -35.56 -18.94 21.31
N ARG J 27 -36.19 -20.02 21.80
CA ARG J 27 -37.55 -20.34 21.39
C ARG J 27 -38.49 -19.81 22.45
N LEU J 28 -39.37 -18.93 22.06
CA LEU J 28 -40.17 -18.21 23.04
C LEU J 28 -41.66 -18.39 22.78
N THR J 29 -42.46 -18.31 23.82
CA THR J 29 -43.92 -18.32 23.61
C THR J 29 -44.45 -16.88 23.37
N CYS J 30 -45.53 -16.75 22.60
CA CYS J 30 -46.20 -15.45 22.41
C CYS J 30 -47.41 -15.28 23.34
N SER J 31 -47.79 -14.06 23.68
CA SER J 31 -49.06 -13.90 24.38
C SER J 31 -50.15 -14.24 23.37
N PRO J 32 -51.31 -14.69 23.86
CA PRO J 32 -52.42 -15.09 23.00
C PRO J 32 -52.90 -13.90 22.17
N ASN J 33 -52.52 -12.71 22.62
CA ASN J 33 -52.89 -11.50 21.94
C ASN J 33 -52.05 -11.26 20.68
N ILE J 34 -51.06 -12.12 20.47
CA ILE J 34 -50.28 -12.03 19.24
C ILE J 34 -50.74 -13.01 18.17
N ASP J 35 -51.05 -12.45 17.01
CA ASP J 35 -51.37 -13.17 15.80
C ASP J 35 -50.06 -13.64 15.18
N ALA J 36 -49.59 -14.83 15.57
CA ALA J 36 -48.19 -15.25 15.38
C ALA J 36 -47.85 -15.66 13.94
N ALA J 37 -48.86 -16.05 13.19
CA ALA J 37 -48.66 -16.34 11.79
C ALA J 37 -48.70 -15.02 11.02
N SER J 38 -49.04 -13.94 11.73
CA SER J 38 -49.00 -12.60 11.14
C SER J 38 -47.62 -11.88 11.30
N LEU J 39 -46.71 -12.51 12.04
CA LEU J 39 -45.42 -11.95 12.25
C LEU J 39 -44.54 -12.09 10.98
N LYS J 40 -43.60 -11.16 10.78
CA LYS J 40 -42.72 -11.25 9.61
C LYS J 40 -41.28 -11.57 10.01
N LYS J 41 -40.60 -12.37 9.21
CA LYS J 41 -39.21 -12.67 9.52
C LYS J 41 -38.40 -11.38 9.60
N GLY J 42 -37.66 -11.24 10.70
CA GLY J 42 -36.79 -10.09 10.95
C GLY J 42 -37.42 -8.98 11.79
N GLN J 43 -38.73 -9.14 12.07
CA GLN J 43 -39.52 -8.16 12.83
C GLN J 43 -39.04 -7.95 14.25
N THR J 44 -39.02 -6.71 14.70
CA THR J 44 -38.73 -6.45 16.10
C THR J 44 -39.93 -6.91 16.99
N VAL J 45 -39.61 -7.57 18.10
CA VAL J 45 -40.63 -7.96 19.09
C VAL J 45 -40.21 -7.50 20.45
N ARG J 46 -41.20 -7.19 21.28
CA ARG J 46 -40.96 -6.79 22.66
C ARG J 46 -41.23 -7.99 23.60
N LEU J 47 -40.38 -8.15 24.61
CA LEU J 47 -40.37 -9.33 25.46
C LEU J 47 -40.50 -8.87 26.89
N ASN J 48 -41.30 -9.56 27.72
CA ASN J 48 -41.34 -9.17 29.13
C ASN J 48 -40.20 -9.87 29.87
N GLU J 49 -40.10 -9.71 31.18
CA GLU J 49 -39.01 -10.32 31.92
C GLU J 49 -39.05 -11.86 31.93
N ALA J 50 -40.25 -12.43 31.82
CA ALA J 50 -40.43 -13.87 31.69
C ALA J 50 -40.03 -14.38 30.29
N LEU J 51 -39.76 -13.44 29.37
CA LEU J 51 -39.36 -13.75 27.98
C LEU J 51 -40.52 -14.23 27.11
N THR J 52 -41.72 -13.83 27.48
CA THR J 52 -42.86 -14.02 26.61
C THR J 52 -42.81 -12.89 25.63
N VAL J 53 -43.13 -13.15 24.37
CA VAL J 53 -43.31 -12.11 23.37
C VAL J 53 -44.66 -11.35 23.57
N VAL J 54 -44.57 -10.06 23.91
CA VAL J 54 -45.78 -9.32 24.32
C VAL J 54 -46.23 -8.31 23.28
N GLU J 55 -45.40 -8.08 22.24
CA GLU J 55 -45.77 -7.14 21.21
C GLU J 55 -44.88 -7.29 19.98
N ALA J 56 -45.44 -7.04 18.80
CA ALA J 56 -44.70 -7.08 17.53
C ALA J 56 -44.55 -5.67 16.97
N GLY J 57 -43.40 -5.37 16.36
CA GLY J 57 -43.04 -4.03 16.00
C GLY J 57 -42.77 -3.80 14.56
N THR J 58 -41.86 -2.92 14.26
CA THR J 58 -41.38 -2.75 12.94
C THR J 58 -40.06 -3.55 12.75
N PHE J 59 -38.99 -2.90 12.34
CA PHE J 59 -37.73 -3.56 12.03
C PHE J 59 -36.57 -2.68 12.52
N GLU J 60 -35.43 -3.27 12.85
CA GLU J 60 -34.28 -2.45 13.25
C GLU J 60 -34.07 -1.38 12.20
N ALA J 61 -33.69 -0.19 12.63
CA ALA J 61 -33.52 0.91 11.67
C ALA J 61 -32.19 1.63 11.74
N VAL J 62 -31.42 1.33 12.79
CA VAL J 62 -30.07 1.83 12.91
C VAL J 62 -29.12 0.65 13.06
N GLY J 63 -27.84 0.87 12.72
CA GLY J 63 -26.85 -0.21 12.77
C GLY J 63 -25.84 -0.21 11.64
N GLU J 64 -25.13 -1.33 11.53
CA GLU J 64 -24.05 -1.54 10.59
C GLU J 64 -24.59 -1.65 9.18
N ILE J 65 -23.83 -1.15 8.22
CA ILE J 65 -24.13 -1.33 6.82
C ILE J 65 -23.13 -2.32 6.18
N SER J 66 -23.63 -3.23 5.35
CA SER J 66 -22.78 -4.06 4.47
C SER J 66 -23.28 -4.05 3.06
N THR J 67 -22.44 -4.51 2.13
CA THR J 67 -22.79 -4.47 0.74
C THR J 67 -23.28 -5.82 0.29
N LEU J 68 -24.42 -5.83 -0.38
CA LEU J 68 -24.93 -7.05 -1.00
C LEU J 68 -24.08 -7.58 -2.14
N ARG J 69 -23.60 -8.83 -1.99
CA ARG J 69 -22.92 -9.50 -3.11
C ARG J 69 -23.98 -10.26 -3.93
N GLU J 70 -24.73 -11.14 -3.29
CA GLU J 70 -25.65 -11.94 -4.06
C GLU J 70 -26.67 -12.60 -3.13
N ILE J 71 -27.89 -12.79 -3.62
CA ILE J 71 -28.93 -13.50 -2.86
C ILE J 71 -28.69 -14.99 -3.14
N LEU J 72 -28.72 -15.81 -2.11
CA LEU J 72 -28.45 -17.23 -2.26
C LEU J 72 -29.60 -17.92 -3.02
N ALA J 73 -29.35 -19.13 -3.51
CA ALA J 73 -30.32 -19.94 -4.27
C ALA J 73 -31.67 -20.06 -3.59
N ASP J 74 -31.70 -20.18 -2.27
CA ASP J 74 -32.99 -20.32 -1.60
C ASP J 74 -33.83 -19.05 -1.65
N GLY J 75 -33.26 -17.93 -2.11
CA GLY J 75 -34.02 -16.68 -2.16
C GLY J 75 -34.24 -16.00 -0.81
N HIS J 76 -33.84 -16.65 0.26
CA HIS J 76 -34.08 -16.10 1.60
C HIS J 76 -32.83 -15.64 2.39
N ARG J 77 -31.65 -16.03 1.92
CA ARG J 77 -30.42 -15.57 2.52
C ARG J 77 -29.58 -14.79 1.48
N ALA J 78 -28.64 -13.98 1.96
CA ALA J 78 -27.79 -13.16 1.09
C ALA J 78 -26.39 -13.18 1.64
N LEU J 79 -25.47 -13.13 0.69
CA LEU J 79 -24.05 -13.04 1.01
C LEU J 79 -23.76 -11.56 1.02
N VAL J 80 -23.30 -11.04 2.16
CA VAL J 80 -22.97 -9.63 2.26
C VAL J 80 -21.48 -9.44 2.61
N VAL J 81 -20.95 -8.28 2.28
CA VAL J 81 -19.55 -8.04 2.46
C VAL J 81 -19.37 -6.79 3.29
N GLY J 82 -18.72 -6.94 4.42
CA GLY J 82 -18.58 -5.85 5.38
C GLY J 82 -17.43 -4.90 5.09
N HIS J 83 -17.17 -3.98 6.01
CA HIS J 83 -16.25 -2.84 5.77
C HIS J 83 -14.78 -3.24 5.53
N ALA J 84 -14.38 -4.36 6.10
CA ALA J 84 -13.01 -4.83 5.99
C ALA J 84 -12.99 -6.15 5.22
N ASP J 85 -13.85 -6.21 4.19
CA ASP J 85 -14.09 -7.38 3.35
C ASP J 85 -14.44 -8.69 4.07
N GLU J 86 -14.91 -8.60 5.30
CA GLU J 86 -15.49 -9.77 5.90
C GLU J 86 -16.81 -10.15 5.17
N GLU J 87 -16.93 -11.42 4.85
CA GLU J 87 -18.11 -11.95 4.22
C GLU J 87 -18.96 -12.72 5.23
N ARG J 88 -20.28 -12.61 5.07
CA ARG J 88 -21.23 -13.25 5.98
C ARG J 88 -22.47 -13.65 5.17
N VAL J 89 -23.14 -14.68 5.64
CA VAL J 89 -24.51 -15.03 5.16
C VAL J 89 -25.50 -14.48 6.24
N VAL J 90 -26.52 -13.78 5.77
CA VAL J 90 -27.63 -13.30 6.61
C VAL J 90 -28.98 -13.70 6.01
N TRP J 91 -30.04 -13.67 6.84
CA TRP J 91 -31.40 -13.86 6.37
C TRP J 91 -31.87 -12.52 5.89
N LEU J 92 -32.81 -12.51 4.95
CA LEU J 92 -33.39 -11.25 4.52
C LEU J 92 -34.74 -11.03 5.21
N ALA J 93 -34.94 -9.88 5.82
CA ALA J 93 -36.19 -9.62 6.49
C ALA J 93 -37.27 -9.64 5.39
N ASP J 94 -38.46 -10.08 5.75
CA ASP J 94 -39.56 -10.21 4.76
C ASP J 94 -39.81 -8.99 3.84
N PRO J 95 -39.80 -7.77 4.35
CA PRO J 95 -39.92 -6.67 3.35
C PRO J 95 -38.89 -6.61 2.20
N LEU J 96 -37.67 -7.11 2.42
CA LEU J 96 -36.62 -7.01 1.39
C LEU J 96 -36.96 -7.87 0.20
N ILE J 97 -37.80 -8.88 0.44
CA ILE J 97 -38.09 -9.91 -0.54
C ILE J 97 -39.61 -10.10 -0.87
N ALA J 98 -40.44 -9.12 -0.47
CA ALA J 98 -41.86 -8.98 -0.90
C ALA J 98 -42.11 -9.27 -2.38
N GLU J 99 -42.98 -10.24 -2.67
CA GLU J 99 -43.25 -10.63 -4.08
C GLU J 99 -43.80 -9.49 -4.94
N ASP J 100 -44.37 -8.47 -4.30
CA ASP J 100 -44.90 -7.28 -5.01
C ASP J 100 -43.91 -6.13 -5.18
N LEU J 101 -42.63 -6.43 -5.04
CA LEU J 101 -41.59 -5.41 -5.12
C LEU J 101 -41.18 -5.37 -6.59
N PRO J 102 -41.14 -4.17 -7.16
CA PRO J 102 -40.71 -3.88 -8.53
C PRO J 102 -39.19 -3.96 -8.64
N ASP J 103 -38.63 -3.75 -9.83
CA ASP J 103 -37.18 -3.56 -9.95
C ASP J 103 -36.83 -2.25 -10.65
N ASP J 112 -34.08 2.98 -6.62
CA ASP J 112 -33.88 4.43 -6.59
C ASP J 112 -33.69 4.93 -5.15
N THR J 113 -34.69 5.66 -4.68
CA THR J 113 -34.87 6.00 -3.27
C THR J 113 -36.19 5.38 -2.78
N ARG J 114 -36.91 4.78 -3.72
CA ARG J 114 -38.13 4.05 -3.40
C ARG J 114 -37.93 2.53 -3.44
N PRO J 115 -38.78 1.78 -2.70
CA PRO J 115 -38.66 0.33 -2.58
C PRO J 115 -38.58 -0.42 -3.92
N ARG J 116 -37.64 -1.37 -4.01
CA ARG J 116 -37.49 -2.20 -5.21
C ARG J 116 -36.76 -3.47 -4.79
N LYS J 117 -36.72 -4.47 -5.65
CA LYS J 117 -35.99 -5.67 -5.26
C LYS J 117 -34.46 -5.41 -5.26
N LEU J 118 -33.74 -6.18 -4.46
CA LEU J 118 -32.29 -5.96 -4.27
C LEU J 118 -31.47 -6.31 -5.50
N ARG J 119 -30.31 -5.68 -5.63
CA ARG J 119 -29.34 -5.94 -6.69
C ARG J 119 -27.93 -6.05 -6.07
N PRO J 120 -27.06 -6.88 -6.66
CA PRO J 120 -25.69 -6.86 -6.13
C PRO J 120 -25.20 -5.42 -6.03
N GLY J 121 -24.49 -5.12 -4.93
CA GLY J 121 -23.90 -3.80 -4.72
C GLY J 121 -24.81 -2.86 -3.93
N ASP J 122 -26.04 -3.27 -3.63
CA ASP J 122 -26.88 -2.50 -2.70
C ASP J 122 -26.33 -2.49 -1.27
N SER J 123 -26.50 -1.37 -0.56
CA SER J 123 -26.10 -1.25 0.85
C SER J 123 -27.25 -1.72 1.66
N LEU J 124 -26.99 -2.59 2.67
CA LEU J 124 -28.07 -3.14 3.51
C LEU J 124 -27.76 -2.88 4.95
N LEU J 125 -28.78 -2.46 5.68
CA LEU J 125 -28.71 -2.38 7.11
C LEU J 125 -28.75 -3.81 7.64
N VAL J 126 -27.73 -4.21 8.42
CA VAL J 126 -27.59 -5.60 8.90
C VAL J 126 -27.34 -5.62 10.40
N ASP J 127 -27.71 -6.73 11.02
CA ASP J 127 -27.40 -6.99 12.43
C ASP J 127 -26.69 -8.33 12.38
N THR J 128 -25.37 -8.30 12.58
CA THR J 128 -24.60 -9.48 12.24
C THR J 128 -24.69 -10.50 13.37
N LYS J 129 -25.09 -10.05 14.56
CA LYS J 129 -25.28 -10.97 15.67
C LYS J 129 -26.58 -11.74 15.43
N ALA J 130 -27.68 -11.02 15.17
CA ALA J 130 -28.95 -11.69 14.86
C ALA J 130 -28.90 -12.40 13.50
N GLY J 131 -27.94 -12.01 12.66
CA GLY J 131 -27.78 -12.63 11.33
C GLY J 131 -28.90 -12.26 10.36
N TYR J 132 -29.34 -11.00 10.35
CA TYR J 132 -30.40 -10.50 9.50
C TYR J 132 -30.03 -9.20 8.77
N ALA J 133 -30.60 -9.01 7.57
CA ALA J 133 -30.60 -7.73 6.89
C ALA J 133 -32.04 -7.16 6.92
N PHE J 134 -32.19 -5.87 7.07
CA PHE J 134 -33.52 -5.27 7.28
C PHE J 134 -33.97 -4.27 6.24
N GLU J 135 -33.05 -3.52 5.66
CA GLU J 135 -33.44 -2.35 4.89
C GLU J 135 -32.35 -2.03 3.86
N ARG J 136 -32.77 -1.68 2.63
CA ARG J 136 -31.84 -1.16 1.62
C ARG J 136 -31.64 0.32 1.87
N ILE J 137 -30.37 0.76 1.91
CA ILE J 137 -30.04 2.16 2.22
C ILE J 137 -29.49 2.77 0.91
N PRO J 138 -30.23 3.70 0.32
CA PRO J 138 -29.72 4.42 -0.88
C PRO J 138 -28.50 5.22 -0.53
N LYS J 139 -27.59 5.29 -1.48
CA LYS J 139 -26.45 6.17 -1.36
C LYS J 139 -26.52 7.23 -2.44
N ALA J 140 -26.35 8.49 -2.07
CA ALA J 140 -26.26 9.59 -3.04
C ALA J 140 -24.94 9.53 -3.79
N GLU J 141 -24.86 10.24 -4.91
CA GLU J 141 -23.64 10.30 -5.66
C GLU J 141 -22.68 11.20 -4.87
N VAL J 142 -21.42 10.80 -4.83
CA VAL J 142 -20.43 11.50 -4.04
C VAL J 142 -20.27 12.95 -4.56
N GLU J 143 -20.40 13.15 -5.88
CA GLU J 143 -20.25 14.52 -6.43
C GLU J 143 -21.35 15.44 -5.95
N ASP J 144 -22.57 14.90 -5.73
CA ASP J 144 -23.67 15.68 -5.13
C ASP J 144 -23.42 16.05 -3.67
N LEU J 145 -22.95 15.05 -2.94
CA LEU J 145 -22.59 15.26 -1.55
C LEU J 145 -21.49 16.32 -1.36
N VAL J 146 -20.46 16.24 -2.20
CA VAL J 146 -19.29 17.17 -2.13
C VAL J 146 -19.75 18.56 -2.44
N LEU J 147 -20.63 18.68 -3.44
CA LEU J 147 -21.20 19.99 -3.74
C LEU J 147 -21.99 20.55 -2.56
N GLU J 148 -22.79 19.71 -1.91
CA GLU J 148 -23.51 20.14 -0.74
C GLU J 148 -22.58 20.52 0.43
N GLU J 149 -21.48 19.81 0.57
CA GLU J 149 -20.42 20.13 1.53
C GLU J 149 -19.77 21.52 1.23
N LEU J 150 -19.55 21.80 -0.05
CA LEU J 150 -18.68 22.92 -0.48
C LEU J 150 -19.49 24.20 -0.77
N VAL J 151 -20.80 24.06 -0.91
CA VAL J 151 -21.65 25.14 -1.38
C VAL J 151 -21.94 26.16 -0.27
N PRO K 2 -39.51 -20.71 27.83
CA PRO K 2 -38.37 -20.30 26.97
C PRO K 2 -37.31 -21.42 26.82
N SER K 3 -36.81 -21.60 25.61
CA SER K 3 -35.78 -22.61 25.34
C SER K 3 -34.56 -21.92 24.73
N GLY K 4 -33.36 -22.48 24.93
CA GLY K 4 -32.17 -21.93 24.26
C GLY K 4 -31.69 -22.93 23.22
N TYR K 5 -30.52 -22.70 22.64
CA TYR K 5 -30.06 -23.57 21.58
C TYR K 5 -28.54 -23.76 21.67
N GLY K 6 -28.03 -24.77 20.98
CA GLY K 6 -26.61 -25.08 21.05
C GLY K 6 -26.17 -25.83 19.81
N VAL K 7 -24.87 -26.02 19.64
CA VAL K 7 -24.40 -26.80 18.53
C VAL K 7 -23.92 -28.11 19.11
N LEU K 8 -24.33 -29.22 18.51
CA LEU K 8 -23.89 -30.53 19.02
C LEU K 8 -22.46 -30.81 18.63
N LEU K 9 -21.60 -31.06 19.64
CA LEU K 9 -20.17 -31.30 19.43
C LEU K 9 -19.81 -32.77 19.38
N ALA K 10 -20.46 -33.59 20.23
CA ALA K 10 -20.01 -34.93 20.54
C ALA K 10 -21.05 -35.63 21.43
N THR K 11 -21.09 -36.94 21.33
CA THR K 11 -22.11 -37.73 22.06
C THR K 11 -21.42 -38.70 22.98
N HIS K 12 -22.09 -39.02 24.10
CA HIS K 12 -21.54 -39.98 25.06
C HIS K 12 -22.53 -41.13 25.23
N ASP K 13 -22.10 -42.18 25.90
CA ASP K 13 -22.96 -43.36 25.95
C ASP K 13 -23.88 -43.46 27.19
N ASP K 14 -23.96 -42.34 27.90
CA ASP K 14 -24.72 -42.21 29.12
C ASP K 14 -25.85 -41.18 29.00
N ASP K 15 -26.40 -41.05 27.80
CA ASP K 15 -27.44 -40.06 27.55
C ASP K 15 -26.98 -38.63 27.83
N THR K 16 -25.67 -38.37 27.70
CA THR K 16 -25.21 -36.97 27.67
C THR K 16 -24.50 -36.68 26.32
N VAL K 17 -24.43 -35.39 25.98
CA VAL K 17 -23.77 -34.90 24.74
C VAL K 17 -22.94 -33.66 25.06
N ASP K 18 -21.89 -33.38 24.28
CA ASP K 18 -21.20 -32.07 24.39
C ASP K 18 -21.86 -31.09 23.44
N VAL K 19 -22.16 -29.90 23.93
CA VAL K 19 -22.90 -28.91 23.18
C VAL K 19 -22.20 -27.55 23.40
N PHE K 20 -22.10 -26.76 22.33
CA PHE K 20 -21.56 -25.40 22.51
C PHE K 20 -22.75 -24.48 22.58
N THR K 21 -22.90 -23.81 23.70
CA THR K 21 -24.10 -22.99 23.94
C THR K 21 -23.72 -21.88 24.92
N SER K 22 -24.39 -20.73 24.81
CA SER K 22 -24.07 -19.57 25.63
C SER K 22 -22.59 -19.29 25.70
N GLY K 23 -21.85 -19.43 24.58
CA GLY K 23 -20.42 -19.10 24.52
C GLY K 23 -19.42 -20.12 25.05
N ARG K 24 -19.90 -21.33 25.38
CA ARG K 24 -19.00 -22.31 25.98
C ARG K 24 -19.48 -23.70 25.78
N LYS K 25 -18.51 -24.61 25.93
CA LYS K 25 -18.70 -26.02 25.75
C LYS K 25 -19.28 -26.59 27.05
N MET K 26 -20.40 -27.30 26.92
CA MET K 26 -21.04 -27.97 28.08
C MET K 26 -21.32 -29.45 27.82
N ARG K 27 -21.30 -30.27 28.88
CA ARG K 27 -21.79 -31.65 28.80
C ARG K 27 -23.21 -31.65 29.38
N LEU K 28 -24.19 -32.01 28.55
CA LEU K 28 -25.59 -31.88 28.92
C LEU K 28 -26.34 -33.19 28.72
N THR K 29 -27.35 -33.37 29.57
CA THR K 29 -28.23 -34.52 29.55
C THR K 29 -29.25 -34.42 28.41
N CYS K 30 -29.65 -35.54 27.85
CA CYS K 30 -30.71 -35.60 26.86
C CYS K 30 -31.99 -36.19 27.45
N SER K 31 -33.14 -35.68 27.04
CA SER K 31 -34.40 -36.23 27.45
C SER K 31 -34.65 -37.54 26.69
N PRO K 32 -35.63 -38.37 27.16
CA PRO K 32 -35.91 -39.70 26.55
C PRO K 32 -36.32 -39.63 25.09
N ASN K 33 -36.91 -38.49 24.75
CA ASN K 33 -37.29 -38.08 23.40
C ASN K 33 -36.13 -38.16 22.38
N ILE K 34 -34.94 -37.82 22.85
CA ILE K 34 -33.77 -37.65 22.01
C ILE K 34 -33.19 -39.02 21.69
N ASP K 35 -32.99 -39.31 20.40
CA ASP K 35 -32.20 -40.46 19.96
C ASP K 35 -30.78 -39.97 19.63
N ALA K 36 -29.96 -39.97 20.67
CA ALA K 36 -28.64 -39.34 20.69
C ALA K 36 -27.61 -39.91 19.71
N ALA K 37 -27.71 -41.20 19.44
CA ALA K 37 -26.77 -41.83 18.52
C ALA K 37 -27.26 -41.70 17.06
N SER K 38 -28.35 -40.98 16.86
CA SER K 38 -28.73 -40.56 15.51
C SER K 38 -28.50 -39.04 15.35
N LEU K 39 -27.89 -38.44 16.34
CA LEU K 39 -27.55 -37.05 16.21
C LEU K 39 -26.39 -36.90 15.19
N LYS K 40 -26.20 -35.68 14.69
CA LYS K 40 -25.11 -35.40 13.76
C LYS K 40 -24.16 -34.35 14.33
N LYS K 41 -22.87 -34.50 14.09
CA LYS K 41 -21.92 -33.52 14.58
C LYS K 41 -22.25 -32.20 13.88
N GLY K 42 -22.37 -31.13 14.67
CA GLY K 42 -22.65 -29.81 14.10
C GLY K 42 -24.11 -29.41 14.13
N GLN K 43 -24.98 -30.38 14.48
CA GLN K 43 -26.41 -30.20 14.45
C GLN K 43 -26.83 -29.22 15.55
N THR K 44 -27.84 -28.39 15.24
CA THR K 44 -28.42 -27.54 16.26
C THR K 44 -29.28 -28.35 17.25
N VAL K 45 -29.10 -28.13 18.54
CA VAL K 45 -30.00 -28.74 19.52
C VAL K 45 -30.77 -27.68 20.30
N ARG K 46 -31.99 -28.02 20.76
CA ARG K 46 -32.78 -27.14 21.63
C ARG K 46 -32.72 -27.59 23.09
N LEU K 47 -32.53 -26.61 23.97
CA LEU K 47 -32.29 -26.82 25.38
C LEU K 47 -33.42 -26.25 26.20
N ASN K 48 -33.90 -26.98 27.23
CA ASN K 48 -34.95 -26.38 28.10
C ASN K 48 -34.27 -25.55 29.17
N GLU K 49 -35.06 -25.05 30.12
CA GLU K 49 -34.52 -24.11 31.09
C GLU K 49 -33.46 -24.74 31.97
N ALA K 50 -33.51 -26.07 32.08
CA ALA K 50 -32.58 -26.80 32.93
C ALA K 50 -31.30 -27.22 32.15
N LEU K 51 -31.26 -26.93 30.84
CA LEU K 51 -30.10 -27.23 29.95
C LEU K 51 -30.07 -28.69 29.52
N THR K 52 -31.22 -29.31 29.62
CA THR K 52 -31.44 -30.59 29.03
C THR K 52 -31.67 -30.43 27.56
N VAL K 53 -31.03 -31.26 26.74
CA VAL K 53 -31.34 -31.32 25.33
C VAL K 53 -32.69 -32.02 25.02
N VAL K 54 -33.63 -31.30 24.39
CA VAL K 54 -35.03 -31.79 24.24
C VAL K 54 -35.48 -31.95 22.80
N GLU K 55 -34.72 -31.38 21.85
CA GLU K 55 -35.01 -31.55 20.44
C GLU K 55 -33.73 -31.33 19.59
N ALA K 56 -33.67 -32.03 18.46
CA ALA K 56 -32.66 -31.84 17.43
C ALA K 56 -33.25 -31.08 16.25
N GLY K 57 -32.43 -30.21 15.68
CA GLY K 57 -32.88 -29.33 14.60
C GLY K 57 -32.03 -29.62 13.39
N THR K 58 -31.83 -28.62 12.54
CA THR K 58 -30.98 -28.75 11.37
C THR K 58 -29.61 -28.17 11.74
N PHE K 59 -29.14 -27.16 10.99
CA PHE K 59 -27.77 -26.66 11.13
C PHE K 59 -27.78 -25.16 11.01
N GLU K 60 -26.82 -24.52 11.66
CA GLU K 60 -26.64 -23.08 11.51
C GLU K 60 -26.64 -22.80 10.02
N ALA K 61 -27.40 -21.77 9.65
CA ALA K 61 -27.59 -21.40 8.22
C ALA K 61 -27.18 -19.97 7.89
N VAL K 62 -26.78 -19.23 8.91
CA VAL K 62 -26.26 -17.87 8.67
C VAL K 62 -25.03 -17.66 9.52
N GLY K 63 -24.19 -16.71 9.09
CA GLY K 63 -22.98 -16.40 9.84
C GLY K 63 -21.80 -16.05 8.94
N GLU K 64 -20.61 -16.11 9.52
CA GLU K 64 -19.35 -15.82 8.85
C GLU K 64 -18.98 -16.87 7.79
N ILE K 65 -18.31 -16.40 6.76
CA ILE K 65 -17.81 -17.22 5.67
C ILE K 65 -16.31 -17.18 5.76
N SER K 66 -15.68 -18.34 5.53
CA SER K 66 -14.23 -18.48 5.47
C SER K 66 -13.90 -19.41 4.29
N THR K 67 -12.67 -19.31 3.79
CA THR K 67 -12.26 -20.10 2.62
C THR K 67 -11.59 -21.38 3.04
N LEU K 68 -12.00 -22.51 2.47
CA LEU K 68 -11.35 -23.74 2.78
C LEU K 68 -9.93 -23.76 2.22
N ARG K 69 -8.94 -23.99 3.08
CA ARG K 69 -7.57 -24.25 2.57
C ARG K 69 -7.39 -25.73 2.29
N GLU K 70 -7.66 -26.60 3.28
CA GLU K 70 -7.49 -28.04 3.08
C GLU K 70 -8.18 -28.78 4.20
N ILE K 71 -8.71 -29.97 3.91
CA ILE K 71 -9.20 -30.89 4.95
C ILE K 71 -8.03 -31.61 5.58
N LEU K 72 -8.01 -31.67 6.90
CA LEU K 72 -6.89 -32.29 7.64
C LEU K 72 -6.87 -33.80 7.40
N ALA K 73 -5.76 -34.42 7.76
CA ALA K 73 -5.52 -35.84 7.54
C ALA K 73 -6.62 -36.70 8.16
N ASP K 74 -7.13 -36.30 9.33
CA ASP K 74 -8.19 -37.08 9.97
C ASP K 74 -9.52 -37.03 9.22
N GLY K 75 -9.67 -36.10 8.26
CA GLY K 75 -10.85 -36.06 7.39
C GLY K 75 -12.11 -35.44 8.01
N HIS K 76 -12.00 -35.02 9.26
CA HIS K 76 -13.12 -34.40 9.96
C HIS K 76 -12.89 -32.94 10.35
N ARG K 77 -11.66 -32.46 10.25
CA ARG K 77 -11.36 -31.07 10.58
C ARG K 77 -10.86 -30.39 9.30
N ALA K 78 -11.06 -29.07 9.22
CA ALA K 78 -10.61 -28.30 8.08
C ALA K 78 -9.80 -27.11 8.55
N LEU K 79 -8.79 -26.78 7.75
CA LEU K 79 -8.07 -25.52 7.89
C LEU K 79 -8.72 -24.49 6.97
N VAL K 80 -9.24 -23.41 7.56
CA VAL K 80 -9.98 -22.40 6.84
C VAL K 80 -9.31 -21.06 7.06
N VAL K 81 -9.49 -20.17 6.09
CA VAL K 81 -8.86 -18.85 6.19
C VAL K 81 -9.95 -17.77 6.03
N GLY K 82 -10.00 -16.87 7.02
CA GLY K 82 -11.04 -15.85 7.14
C GLY K 82 -10.67 -14.55 6.45
N HIS K 83 -11.45 -13.50 6.69
CA HIS K 83 -11.35 -12.27 5.91
C HIS K 83 -10.00 -11.55 5.99
N ALA K 84 -9.39 -11.56 7.15
CA ALA K 84 -8.14 -10.83 7.35
C ALA K 84 -7.01 -11.82 7.49
N ASP K 85 -7.05 -12.83 6.64
CA ASP K 85 -6.11 -13.94 6.61
C ASP K 85 -5.86 -14.70 7.91
N GLU K 86 -6.74 -14.54 8.86
CA GLU K 86 -6.75 -15.33 10.09
C GLU K 86 -7.12 -16.81 9.77
N GLU K 87 -6.19 -17.72 10.11
CA GLU K 87 -6.36 -19.17 9.88
C GLU K 87 -6.89 -19.87 11.12
N ARG K 88 -7.70 -20.90 10.92
CA ARG K 88 -8.35 -21.64 12.05
C ARG K 88 -8.57 -23.07 11.62
N VAL K 89 -8.65 -23.97 12.60
CA VAL K 89 -9.09 -25.34 12.35
C VAL K 89 -10.53 -25.42 12.88
N VAL K 90 -11.41 -25.99 12.08
CA VAL K 90 -12.81 -26.19 12.45
C VAL K 90 -13.15 -27.65 12.22
N TRP K 91 -14.18 -28.15 12.92
CA TRP K 91 -14.76 -29.47 12.63
C TRP K 91 -15.70 -29.28 11.45
N LEU K 92 -15.83 -30.30 10.61
CA LEU K 92 -16.78 -30.28 9.48
C LEU K 92 -18.07 -30.91 9.97
N ALA K 93 -19.20 -30.24 9.78
CA ALA K 93 -20.48 -30.83 10.13
C ALA K 93 -20.63 -32.12 9.30
N ASP K 94 -21.34 -33.12 9.86
CA ASP K 94 -21.49 -34.45 9.20
C ASP K 94 -21.84 -34.47 7.68
N PRO K 95 -22.86 -33.71 7.25
CA PRO K 95 -23.22 -33.71 5.82
C PRO K 95 -22.18 -33.11 4.83
N LEU K 96 -21.14 -32.45 5.34
CA LEU K 96 -20.08 -31.91 4.47
C LEU K 96 -19.12 -33.03 4.10
N ILE K 97 -19.11 -34.09 4.90
CA ILE K 97 -18.21 -35.20 4.65
C ILE K 97 -18.94 -36.53 4.51
N ALA K 98 -20.20 -36.51 4.11
CA ALA K 98 -20.97 -37.73 3.89
C ALA K 98 -20.35 -38.56 2.74
N GLU K 99 -20.25 -39.89 2.93
CA GLU K 99 -19.64 -40.77 1.90
C GLU K 99 -20.47 -40.80 0.59
N ASP K 100 -21.73 -40.39 0.71
CA ASP K 100 -22.66 -40.15 -0.41
C ASP K 100 -22.16 -39.24 -1.52
N LEU K 101 -21.37 -38.21 -1.16
CA LEU K 101 -21.11 -37.06 -2.03
C LEU K 101 -20.31 -37.43 -3.30
N PRO K 102 -20.78 -36.95 -4.47
CA PRO K 102 -20.04 -37.23 -5.72
C PRO K 102 -18.65 -36.58 -5.78
N THR K 113 -22.67 -24.84 -7.41
CA THR K 113 -23.56 -25.77 -8.09
C THR K 113 -24.47 -26.42 -7.04
N ARG K 114 -24.41 -27.76 -6.97
CA ARG K 114 -25.05 -28.56 -5.92
C ARG K 114 -24.09 -29.60 -5.27
N PRO K 115 -24.58 -30.39 -4.29
CA PRO K 115 -23.77 -31.19 -3.35
C PRO K 115 -22.64 -32.04 -3.93
N ARG K 116 -21.43 -31.83 -3.40
CA ARG K 116 -20.22 -32.54 -3.79
C ARG K 116 -19.18 -32.52 -2.67
N LYS K 117 -18.16 -33.34 -2.80
CA LYS K 117 -17.01 -33.26 -1.92
C LYS K 117 -16.36 -31.87 -2.00
N LEU K 118 -15.80 -31.43 -0.88
CA LEU K 118 -15.22 -30.10 -0.71
C LEU K 118 -13.86 -30.06 -1.38
N ARG K 119 -13.48 -28.87 -1.86
CA ARG K 119 -12.21 -28.64 -2.52
C ARG K 119 -11.56 -27.36 -2.00
N PRO K 120 -10.23 -27.33 -1.98
CA PRO K 120 -9.58 -26.07 -1.61
C PRO K 120 -10.19 -24.87 -2.36
N GLY K 121 -10.38 -23.77 -1.66
CA GLY K 121 -10.95 -22.55 -2.24
C GLY K 121 -12.46 -22.44 -2.08
N ASP K 122 -13.11 -23.48 -1.59
CA ASP K 122 -14.57 -23.43 -1.37
C ASP K 122 -14.79 -22.46 -0.22
N SER K 123 -15.88 -21.72 -0.29
CA SER K 123 -16.29 -20.87 0.82
C SER K 123 -17.20 -21.66 1.74
N LEU K 124 -16.90 -21.61 3.03
CA LEU K 124 -17.70 -22.35 4.02
C LEU K 124 -18.36 -21.42 5.06
N LEU K 125 -19.63 -21.70 5.35
CA LEU K 125 -20.28 -21.07 6.48
C LEU K 125 -19.70 -21.60 7.77
N VAL K 126 -19.19 -20.74 8.61
CA VAL K 126 -18.52 -21.22 9.82
C VAL K 126 -19.08 -20.49 11.04
N ASP K 127 -18.98 -21.14 12.20
CA ASP K 127 -19.15 -20.54 13.53
C ASP K 127 -17.81 -20.74 14.27
N THR K 128 -17.04 -19.66 14.42
CA THR K 128 -15.67 -19.77 14.94
C THR K 128 -15.66 -19.91 16.45
N LYS K 129 -16.74 -19.50 17.08
CA LYS K 129 -16.80 -19.75 18.52
C LYS K 129 -17.10 -21.26 18.82
N ALA K 130 -18.06 -21.86 18.12
CA ALA K 130 -18.33 -23.29 18.23
C ALA K 130 -17.26 -24.17 17.60
N GLY K 131 -16.45 -23.59 16.70
CA GLY K 131 -15.40 -24.35 15.99
C GLY K 131 -15.94 -25.31 14.92
N TYR K 132 -16.99 -24.89 14.21
CA TYR K 132 -17.68 -25.68 13.19
C TYR K 132 -17.88 -24.99 11.83
N ALA K 133 -17.73 -25.78 10.78
CA ALA K 133 -18.20 -25.47 9.42
C ALA K 133 -19.49 -26.21 9.14
N PHE K 134 -20.46 -25.54 8.54
CA PHE K 134 -21.79 -26.20 8.32
C PHE K 134 -22.19 -26.42 6.86
N GLU K 135 -21.70 -25.58 5.94
CA GLU K 135 -22.31 -25.55 4.64
C GLU K 135 -21.33 -24.95 3.64
N ARG K 136 -21.33 -25.48 2.41
CA ARG K 136 -20.62 -24.82 1.28
C ARG K 136 -21.53 -23.79 0.60
N ILE K 137 -21.04 -22.55 0.44
CA ILE K 137 -21.84 -21.45 -0.08
C ILE K 137 -21.22 -21.16 -1.44
N PRO K 138 -21.96 -21.42 -2.53
CA PRO K 138 -21.44 -21.19 -3.88
C PRO K 138 -21.28 -19.69 -4.03
N LYS K 139 -20.42 -19.23 -4.92
CA LYS K 139 -20.30 -17.78 -5.15
C LYS K 139 -20.48 -17.55 -6.64
N ALA K 140 -21.29 -16.56 -7.02
CA ALA K 140 -21.42 -16.27 -8.44
C ALA K 140 -20.18 -15.55 -8.96
N GLU K 141 -20.01 -15.57 -10.27
CA GLU K 141 -18.94 -14.79 -10.87
C GLU K 141 -19.21 -13.28 -10.73
N VAL K 142 -18.18 -12.52 -10.38
CA VAL K 142 -18.29 -11.08 -10.16
C VAL K 142 -18.79 -10.38 -11.42
N GLU K 143 -18.38 -10.87 -12.60
CA GLU K 143 -18.86 -10.32 -13.85
C GLU K 143 -20.36 -10.46 -13.99
N ASP K 144 -20.92 -11.59 -13.60
CA ASP K 144 -22.39 -11.76 -13.67
C ASP K 144 -23.13 -10.85 -12.67
N LEU K 145 -22.55 -10.69 -11.48
CA LEU K 145 -23.16 -9.85 -10.47
C LEU K 145 -23.12 -8.38 -10.92
N VAL K 146 -22.02 -7.98 -11.53
CA VAL K 146 -21.86 -6.57 -11.90
C VAL K 146 -22.83 -6.23 -13.04
N LEU K 147 -22.96 -7.14 -13.99
CA LEU K 147 -23.98 -7.03 -15.02
C LEU K 147 -25.34 -6.85 -14.38
N GLU K 148 -25.65 -7.70 -13.41
CA GLU K 148 -26.95 -7.59 -12.78
C GLU K 148 -27.13 -6.28 -12.02
N GLU K 149 -26.05 -5.75 -11.43
CA GLU K 149 -26.03 -4.44 -10.81
C GLU K 149 -26.29 -3.28 -11.79
N LEU K 150 -25.64 -3.34 -12.96
CA LEU K 150 -25.65 -2.20 -13.90
C LEU K 150 -26.77 -2.21 -14.92
N VAL K 151 -27.36 -3.37 -15.24
CA VAL K 151 -28.43 -3.38 -16.27
C VAL K 151 -29.75 -3.00 -15.62
N PRO L 2 -25.68 -30.40 34.44
CA PRO L 2 -24.76 -29.91 33.38
C PRO L 2 -23.34 -29.72 33.87
N SER L 3 -22.36 -29.97 33.02
CA SER L 3 -21.02 -29.54 33.39
C SER L 3 -20.34 -28.65 32.34
N GLY L 4 -19.30 -27.97 32.79
CA GLY L 4 -18.52 -27.09 31.96
C GLY L 4 -17.18 -27.70 31.77
N TYR L 5 -16.28 -26.91 31.19
CA TYR L 5 -14.98 -27.43 30.82
C TYR L 5 -13.93 -26.36 31.05
N GLY L 6 -12.69 -26.78 31.13
CA GLY L 6 -11.61 -25.85 31.34
C GLY L 6 -10.34 -26.46 30.78
N VAL L 7 -9.28 -25.68 30.78
CA VAL L 7 -7.96 -26.17 30.38
C VAL L 7 -7.06 -26.28 31.59
N LEU L 8 -6.38 -27.40 31.74
CA LEU L 8 -5.49 -27.65 32.89
C LEU L 8 -4.17 -26.90 32.73
N LEU L 9 -3.86 -26.06 33.70
CA LEU L 9 -2.67 -25.23 33.65
C LEU L 9 -1.55 -25.85 34.51
N ALA L 10 -1.87 -26.17 35.76
CA ALA L 10 -0.85 -26.67 36.67
C ALA L 10 -1.45 -27.49 37.79
N THR L 11 -0.64 -28.38 38.39
CA THR L 11 -1.08 -29.18 39.54
C THR L 11 -0.35 -28.67 40.77
N HIS L 12 -0.91 -28.96 41.93
CA HIS L 12 -0.33 -28.64 43.24
C HIS L 12 -0.39 -29.81 44.20
N ASP L 13 0.64 -29.93 45.04
CA ASP L 13 0.72 -31.00 46.01
C ASP L 13 -0.22 -30.76 47.19
N ASP L 14 -1.49 -30.50 46.87
CA ASP L 14 -2.48 -30.25 47.90
C ASP L 14 -3.81 -30.77 47.41
N ASP L 15 -3.80 -31.45 46.30
CA ASP L 15 -5.02 -31.99 45.75
C ASP L 15 -5.85 -30.99 44.85
N THR L 16 -5.26 -29.85 44.54
CA THR L 16 -5.88 -28.80 43.70
C THR L 16 -5.10 -28.60 42.39
N VAL L 17 -5.77 -28.05 41.37
CA VAL L 17 -5.19 -27.84 40.03
C VAL L 17 -5.48 -26.39 39.59
N ASP L 18 -4.60 -25.78 38.81
CA ASP L 18 -4.99 -24.48 38.21
C ASP L 18 -5.66 -24.82 36.89
N VAL L 19 -6.77 -24.14 36.60
CA VAL L 19 -7.62 -24.44 35.45
C VAL L 19 -8.04 -23.09 34.84
N PHE L 20 -7.99 -23.01 33.51
CA PHE L 20 -8.51 -21.81 32.87
C PHE L 20 -9.92 -22.13 32.37
N THR L 21 -10.91 -21.45 32.96
CA THR L 21 -12.29 -21.71 32.68
C THR L 21 -13.11 -20.44 32.85
N SER L 22 -14.18 -20.32 32.07
CA SER L 22 -15.06 -19.16 32.16
C SER L 22 -14.24 -17.88 31.94
N GLY L 23 -13.22 -17.94 31.09
CA GLY L 23 -12.43 -16.72 30.80
C GLY L 23 -11.47 -16.32 31.90
N ARG L 24 -11.22 -17.21 32.88
CA ARG L 24 -10.29 -16.88 33.97
C ARG L 24 -9.53 -18.07 34.59
N LYS L 25 -8.38 -17.77 35.20
CA LYS L 25 -7.59 -18.74 35.91
C LYS L 25 -8.21 -18.94 37.30
N MET L 26 -8.34 -20.21 37.66
CA MET L 26 -8.98 -20.57 38.92
C MET L 26 -8.20 -21.71 39.54
N ARG L 27 -8.20 -21.77 40.89
CA ARG L 27 -7.58 -22.91 41.59
C ARG L 27 -8.70 -23.85 42.02
N LEU L 28 -8.70 -25.06 41.48
CA LEU L 28 -9.86 -25.91 41.67
C LEU L 28 -9.52 -27.19 42.43
N THR L 29 -10.48 -27.71 43.16
CA THR L 29 -10.32 -29.03 43.80
C THR L 29 -10.68 -30.13 42.78
N CYS L 30 -10.08 -31.32 42.93
CA CYS L 30 -10.48 -32.50 42.12
C CYS L 30 -11.38 -33.46 42.88
N SER L 31 -12.14 -34.29 42.16
CA SER L 31 -12.95 -35.31 42.83
C SER L 31 -12.09 -36.56 43.09
N PRO L 32 -12.57 -37.51 43.95
CA PRO L 32 -11.71 -38.65 44.35
C PRO L 32 -11.37 -39.55 43.16
N ASN L 33 -12.24 -39.50 42.16
CA ASN L 33 -12.08 -40.27 40.94
C ASN L 33 -10.91 -39.81 40.10
N ILE L 34 -10.47 -38.56 40.29
CA ILE L 34 -9.41 -37.97 39.49
C ILE L 34 -7.99 -38.35 39.90
N ASP L 35 -7.26 -38.90 38.94
CA ASP L 35 -5.87 -39.25 39.14
C ASP L 35 -4.93 -38.06 38.92
N ALA L 36 -4.82 -37.19 39.93
CA ALA L 36 -4.07 -35.94 39.82
C ALA L 36 -2.67 -36.16 39.24
N ALA L 37 -1.96 -37.15 39.77
CA ALA L 37 -0.67 -37.58 39.22
C ALA L 37 -0.64 -37.62 37.69
N SER L 38 -1.69 -38.19 37.10
CA SER L 38 -1.71 -38.44 35.66
C SER L 38 -2.21 -37.27 34.80
N LEU L 39 -2.40 -36.10 35.38
CA LEU L 39 -2.94 -34.98 34.61
C LEU L 39 -1.84 -34.37 33.70
N LYS L 40 -2.21 -33.95 32.48
CA LYS L 40 -1.25 -33.30 31.54
C LYS L 40 -1.46 -31.78 31.33
N LYS L 41 -0.35 -31.04 31.25
CA LYS L 41 -0.40 -29.61 31.03
C LYS L 41 -1.17 -29.37 29.73
N GLY L 42 -2.21 -28.53 29.83
CA GLY L 42 -2.99 -28.11 28.65
C GLY L 42 -4.19 -29.02 28.44
N GLN L 43 -4.28 -30.10 29.21
CA GLN L 43 -5.36 -31.08 29.03
C GLN L 43 -6.74 -30.46 29.25
N THR L 44 -7.75 -30.89 28.48
CA THR L 44 -9.10 -30.49 28.79
C THR L 44 -9.55 -31.23 30.07
N VAL L 45 -10.24 -30.53 30.99
CA VAL L 45 -10.87 -31.20 32.15
C VAL L 45 -12.32 -30.77 32.20
N ARG L 46 -13.16 -31.68 32.69
CA ARG L 46 -14.56 -31.37 32.91
C ARG L 46 -14.85 -30.97 34.35
N LEU L 47 -15.80 -30.08 34.55
CA LEU L 47 -15.98 -29.46 35.86
C LEU L 47 -17.46 -29.60 36.18
N ASN L 48 -17.79 -29.84 37.43
CA ASN L 48 -19.18 -29.86 37.81
C ASN L 48 -19.70 -28.49 38.15
N GLU L 49 -20.89 -28.44 38.71
CA GLU L 49 -21.52 -27.18 39.05
C GLU L 49 -20.81 -26.43 40.15
N ALA L 50 -20.24 -27.14 41.09
CA ALA L 50 -19.51 -26.51 42.14
C ALA L 50 -18.11 -26.16 41.72
N LEU L 51 -17.78 -26.44 40.45
CA LEU L 51 -16.43 -26.17 39.90
C LEU L 51 -15.34 -27.12 40.38
N THR L 52 -15.73 -28.35 40.72
CA THR L 52 -14.79 -29.44 40.98
C THR L 52 -14.41 -30.16 39.70
N VAL L 53 -13.13 -30.45 39.54
CA VAL L 53 -12.65 -31.18 38.39
C VAL L 53 -13.09 -32.64 38.56
N VAL L 54 -13.98 -33.11 37.70
CA VAL L 54 -14.54 -34.45 37.77
C VAL L 54 -14.15 -35.44 36.67
N GLU L 55 -13.35 -34.98 35.71
CA GLU L 55 -12.93 -35.84 34.61
C GLU L 55 -11.90 -35.15 33.71
N ALA L 56 -10.89 -35.90 33.32
CA ALA L 56 -9.86 -35.39 32.43
C ALA L 56 -10.05 -35.86 31.01
N GLY L 57 -9.85 -34.99 30.03
CA GLY L 57 -10.21 -35.30 28.63
C GLY L 57 -8.98 -35.39 27.75
N THR L 58 -9.07 -34.95 26.49
CA THR L 58 -7.87 -34.90 25.65
C THR L 58 -7.35 -33.45 25.58
N PHE L 59 -7.21 -32.89 24.37
CA PHE L 59 -6.74 -31.50 24.17
C PHE L 59 -7.63 -30.84 23.15
N GLU L 60 -7.77 -29.52 23.27
CA GLU L 60 -8.50 -28.73 22.28
C GLU L 60 -8.04 -29.21 20.87
N ALA L 61 -8.99 -29.34 19.95
CA ALA L 61 -8.73 -29.87 18.62
C ALA L 61 -9.08 -28.88 17.52
N VAL L 62 -9.78 -27.80 17.86
CA VAL L 62 -10.14 -26.79 16.89
C VAL L 62 -9.82 -25.41 17.47
N GLY L 63 -9.72 -24.38 16.63
CA GLY L 63 -9.36 -23.08 17.15
C GLY L 63 -8.40 -22.35 16.22
N GLU L 64 -7.92 -21.22 16.70
CA GLU L 64 -7.00 -20.38 15.98
C GLU L 64 -5.63 -21.03 15.71
N ILE L 65 -5.04 -20.64 14.58
CA ILE L 65 -3.75 -21.11 14.15
C ILE L 65 -2.78 -19.90 14.21
N SER L 66 -1.59 -20.12 14.79
CA SER L 66 -0.55 -19.13 14.80
C SER L 66 0.75 -19.75 14.35
N THR L 67 1.69 -18.91 13.94
CA THR L 67 2.99 -19.46 13.42
C THR L 67 4.08 -19.46 14.50
N LEU L 68 4.75 -20.59 14.73
CA LEU L 68 5.87 -20.67 15.68
C LEU L 68 7.06 -19.84 15.22
N ARG L 69 7.46 -18.88 16.02
CA ARG L 69 8.73 -18.21 15.77
C ARG L 69 9.89 -18.98 16.41
N GLU L 70 9.79 -19.19 17.73
CA GLU L 70 10.80 -19.95 18.46
C GLU L 70 10.28 -20.44 19.80
N ILE L 71 10.87 -21.54 20.25
CA ILE L 71 10.64 -22.07 21.57
C ILE L 71 11.58 -21.29 22.52
N LEU L 72 11.06 -20.82 23.64
CA LEU L 72 11.88 -20.12 24.61
C LEU L 72 12.89 -21.08 25.26
N ALA L 73 13.90 -20.49 25.90
CA ALA L 73 15.02 -21.19 26.55
C ALA L 73 14.54 -22.28 27.50
N ASP L 74 13.54 -21.98 28.33
CA ASP L 74 12.98 -22.96 29.29
C ASP L 74 12.41 -24.22 28.62
N GLY L 75 12.26 -24.19 27.29
CA GLY L 75 11.67 -25.34 26.54
C GLY L 75 10.20 -25.64 26.84
N HIS L 76 9.54 -24.80 27.63
CA HIS L 76 8.13 -25.06 27.91
C HIS L 76 7.19 -24.02 27.32
N ARG L 77 7.78 -22.95 26.77
CA ARG L 77 7.00 -21.91 26.11
C ARG L 77 7.44 -21.66 24.67
N ALA L 78 6.59 -20.97 23.93
CA ALA L 78 6.82 -20.73 22.51
C ALA L 78 6.38 -19.34 22.23
N LEU L 79 7.17 -18.64 21.40
CA LEU L 79 6.80 -17.32 20.90
C LEU L 79 6.13 -17.56 19.54
N VAL L 80 4.85 -17.17 19.43
CA VAL L 80 4.06 -17.42 18.21
C VAL L 80 3.59 -16.10 17.62
N VAL L 81 3.33 -16.13 16.31
CA VAL L 81 2.97 -14.93 15.57
C VAL L 81 1.66 -15.24 14.84
N GLY L 82 0.63 -14.49 15.17
CA GLY L 82 -0.71 -14.70 14.65
C GLY L 82 -0.89 -13.91 13.35
N HIS L 83 -2.15 -13.82 12.93
CA HIS L 83 -2.52 -13.35 11.60
C HIS L 83 -2.24 -11.85 11.35
N ALA L 84 -2.55 -10.99 12.31
CA ALA L 84 -2.27 -9.57 12.11
C ALA L 84 -0.86 -9.21 12.63
N ASP L 85 0.04 -10.19 12.57
CA ASP L 85 1.43 -10.05 13.08
C ASP L 85 1.53 -9.85 14.62
N GLU L 86 0.46 -10.23 15.31
CA GLU L 86 0.43 -10.14 16.75
C GLU L 86 1.32 -11.25 17.33
N GLU L 87 2.22 -10.87 18.20
CA GLU L 87 3.10 -11.82 18.88
C GLU L 87 2.60 -12.16 20.30
N ARG L 88 2.77 -13.42 20.67
CA ARG L 88 2.38 -13.89 21.98
C ARG L 88 3.29 -15.01 22.47
N VAL L 89 3.29 -15.21 23.77
CA VAL L 89 3.97 -16.36 24.37
C VAL L 89 2.85 -17.25 24.87
N VAL L 90 2.96 -18.55 24.56
CA VAL L 90 2.02 -19.55 25.04
C VAL L 90 2.82 -20.71 25.68
N TRP L 91 2.14 -21.48 26.53
CA TRP L 91 2.64 -22.75 27.03
C TRP L 91 2.48 -23.80 25.96
N LEU L 92 3.39 -24.75 25.96
CA LEU L 92 3.32 -25.87 25.08
C LEU L 92 2.60 -26.99 25.81
N ALA L 93 1.54 -27.53 25.23
CA ALA L 93 0.85 -28.62 25.88
C ALA L 93 1.71 -29.86 25.88
N ASP L 94 1.35 -30.80 26.76
CA ASP L 94 2.05 -32.06 26.89
C ASP L 94 2.51 -32.67 25.56
N PRO L 95 1.59 -32.92 24.61
CA PRO L 95 2.02 -33.53 23.33
C PRO L 95 3.03 -32.75 22.45
N LEU L 96 3.32 -31.49 22.78
CA LEU L 96 4.27 -30.66 22.02
C LEU L 96 5.66 -30.60 22.65
N ILE L 97 5.77 -31.05 23.90
CA ILE L 97 7.09 -31.12 24.49
C ILE L 97 7.43 -32.58 24.70
N ALA L 98 6.42 -33.42 24.92
CA ALA L 98 6.62 -34.83 25.27
C ALA L 98 6.02 -35.80 24.24
N PRO L 115 6.60 -38.25 16.66
CA PRO L 115 6.64 -36.96 17.33
C PRO L 115 7.91 -36.16 16.99
N ARG L 116 7.78 -35.17 16.09
CA ARG L 116 8.96 -34.41 15.66
C ARG L 116 9.13 -33.08 16.40
N LYS L 117 10.38 -32.72 16.72
CA LYS L 117 10.65 -31.45 17.40
C LYS L 117 9.96 -30.35 16.58
N LEU L 118 9.57 -29.28 17.24
CA LEU L 118 9.00 -28.17 16.55
C LEU L 118 10.12 -27.33 15.89
N ARG L 119 9.83 -26.80 14.70
CA ARG L 119 10.72 -25.88 14.00
C ARG L 119 10.06 -24.50 13.70
N PRO L 120 10.86 -23.41 13.71
CA PRO L 120 10.34 -22.14 13.27
C PRO L 120 9.57 -22.31 11.96
N GLY L 121 8.45 -21.62 11.85
CA GLY L 121 7.60 -21.73 10.69
C GLY L 121 6.46 -22.70 10.83
N ASP L 122 6.46 -23.50 11.91
CA ASP L 122 5.38 -24.48 12.08
C ASP L 122 4.08 -23.78 12.41
N SER L 123 2.99 -24.37 11.97
CA SER L 123 1.67 -23.83 12.32
C SER L 123 1.18 -24.58 13.57
N LEU L 124 0.72 -23.84 14.58
CA LEU L 124 0.31 -24.42 15.86
C LEU L 124 -1.12 -24.01 16.15
N LEU L 125 -1.89 -24.98 16.61
CA LEU L 125 -3.22 -24.72 17.10
C LEU L 125 -3.04 -24.11 18.49
N VAL L 126 -3.61 -22.91 18.66
CA VAL L 126 -3.47 -22.17 19.91
C VAL L 126 -4.82 -21.75 20.54
N ASP L 127 -4.81 -21.50 21.84
CA ASP L 127 -5.90 -20.88 22.55
C ASP L 127 -5.28 -19.74 23.28
N THR L 128 -5.49 -18.55 22.77
CA THR L 128 -4.81 -17.35 23.25
C THR L 128 -5.36 -16.85 24.57
N LYS L 129 -6.59 -17.15 24.88
CA LYS L 129 -7.14 -16.86 26.23
C LYS L 129 -6.47 -17.71 27.34
N ALA L 130 -6.49 -19.03 27.20
CA ALA L 130 -5.79 -19.91 28.15
C ALA L 130 -4.28 -19.86 28.04
N GLY L 131 -3.78 -19.39 26.89
CA GLY L 131 -2.35 -19.24 26.64
C GLY L 131 -1.61 -20.53 26.41
N TYR L 132 -2.17 -21.38 25.57
CA TYR L 132 -1.63 -22.71 25.33
C TYR L 132 -1.57 -23.05 23.82
N ALA L 133 -0.54 -23.76 23.38
CA ALA L 133 -0.50 -24.39 22.09
C ALA L 133 -0.66 -25.88 22.31
N PHE L 134 -1.35 -26.54 21.37
CA PHE L 134 -1.78 -27.94 21.54
C PHE L 134 -1.31 -28.91 20.50
N GLU L 135 -1.13 -28.47 19.24
CA GLU L 135 -0.96 -29.40 18.15
C GLU L 135 -0.30 -28.64 17.01
N ARG L 136 0.63 -29.30 16.33
CA ARG L 136 1.21 -28.87 15.06
C ARG L 136 0.31 -29.31 13.91
N ILE L 137 0.00 -28.34 13.03
CA ILE L 137 -0.96 -28.57 11.98
C ILE L 137 -0.16 -28.50 10.67
N PRO L 138 -0.08 -29.64 9.96
CA PRO L 138 0.63 -29.67 8.67
C PRO L 138 -0.07 -28.84 7.62
N LYS L 139 0.70 -28.22 6.74
CA LYS L 139 0.15 -27.43 5.67
C LYS L 139 0.57 -27.97 4.31
N ALA L 140 -0.39 -28.24 3.44
CA ALA L 140 -0.08 -28.65 2.07
C ALA L 140 0.57 -27.55 1.31
N GLU L 141 1.32 -27.94 0.29
CA GLU L 141 1.92 -26.98 -0.61
C GLU L 141 0.83 -26.31 -1.42
N VAL L 142 0.93 -24.99 -1.57
CA VAL L 142 -0.11 -24.19 -2.24
C VAL L 142 -0.40 -24.73 -3.65
N GLU L 143 0.67 -25.16 -4.34
CA GLU L 143 0.45 -25.62 -5.69
C GLU L 143 -0.31 -26.93 -5.81
N ASP L 144 -0.16 -27.84 -4.81
CA ASP L 144 -0.97 -29.04 -4.78
C ASP L 144 -2.43 -28.71 -4.52
N LEU L 145 -2.67 -27.78 -3.62
CA LEU L 145 -4.04 -27.33 -3.34
C LEU L 145 -4.66 -26.66 -4.56
N VAL L 146 -3.88 -25.80 -5.22
CA VAL L 146 -4.36 -25.18 -6.45
C VAL L 146 -4.76 -26.19 -7.54
N LEU L 147 -3.93 -27.20 -7.81
CA LEU L 147 -4.31 -28.30 -8.70
C LEU L 147 -5.61 -29.01 -8.26
N GLU L 148 -5.73 -29.31 -6.98
CA GLU L 148 -6.97 -29.93 -6.50
C GLU L 148 -8.23 -29.09 -6.71
N GLU L 149 -8.08 -27.77 -6.62
CA GLU L 149 -9.15 -26.81 -6.89
C GLU L 149 -9.46 -26.74 -8.39
N LEU L 150 -8.42 -26.71 -9.23
CA LEU L 150 -8.59 -26.45 -10.65
C LEU L 150 -8.81 -27.67 -11.56
N VAL L 151 -8.11 -28.78 -11.32
CA VAL L 151 -8.10 -29.88 -12.32
C VAL L 151 -9.46 -29.97 -13.03
#